data_5VWG
# 
_entry.id   5VWG 
# 
_audit_conform.dict_name       mmcif_pdbx.dic 
_audit_conform.dict_version    5.397 
_audit_conform.dict_location   http://mmcif.pdb.org/dictionaries/ascii/mmcif_pdbx.dic 
# 
loop_
_database_2.database_id 
_database_2.database_code 
_database_2.pdbx_database_accession 
_database_2.pdbx_DOI 
PDB   5VWG         pdb_00005vwg 10.2210/pdb5vwg/pdb 
WWPDB D_1000228074 ?            ?                   
# 
loop_
_pdbx_audit_revision_history.ordinal 
_pdbx_audit_revision_history.data_content_type 
_pdbx_audit_revision_history.major_revision 
_pdbx_audit_revision_history.minor_revision 
_pdbx_audit_revision_history.revision_date 
1 'Structure model' 1 0 2018-05-23 
2 'Structure model' 1 1 2020-07-29 
3 'Structure model' 1 2 2023-10-04 
4 'Structure model' 1 3 2023-11-15 
5 'Structure model' 1 4 2024-10-23 
# 
loop_
_pdbx_audit_revision_details.ordinal 
_pdbx_audit_revision_details.revision_ordinal 
_pdbx_audit_revision_details.data_content_type 
_pdbx_audit_revision_details.provider 
_pdbx_audit_revision_details.type 
_pdbx_audit_revision_details.description 
_pdbx_audit_revision_details.details 
1 1 'Structure model' repository 'Initial release' ?                          ? 
2 2 'Structure model' repository Remediation       'Carbohydrate remediation' ? 
# 
loop_
_pdbx_audit_revision_group.ordinal 
_pdbx_audit_revision_group.revision_ordinal 
_pdbx_audit_revision_group.data_content_type 
_pdbx_audit_revision_group.group 
1 2 'Structure model' 'Data collection'        
2 2 'Structure model' 'Derived calculations'   
3 3 'Structure model' 'Data collection'        
4 3 'Structure model' 'Database references'    
5 3 'Structure model' 'Refinement description' 
6 3 'Structure model' 'Structure summary'      
7 4 'Structure model' 'Data collection'        
8 5 'Structure model' 'Structure summary'      
# 
loop_
_pdbx_audit_revision_category.ordinal 
_pdbx_audit_revision_category.revision_ordinal 
_pdbx_audit_revision_category.data_content_type 
_pdbx_audit_revision_category.category 
1  2 'Structure model' chem_comp                     
2  2 'Structure model' struct_site                   
3  2 'Structure model' struct_site_gen               
4  3 'Structure model' chem_comp                     
5  3 'Structure model' chem_comp_atom                
6  3 'Structure model' chem_comp_bond                
7  3 'Structure model' database_2                    
8  3 'Structure model' pdbx_initial_refinement_model 
9  4 'Structure model' chem_comp_atom                
10 4 'Structure model' chem_comp_bond                
11 5 'Structure model' pdbx_entry_details            
12 5 'Structure model' pdbx_modification_feature     
# 
loop_
_pdbx_audit_revision_item.ordinal 
_pdbx_audit_revision_item.revision_ordinal 
_pdbx_audit_revision_item.data_content_type 
_pdbx_audit_revision_item.item 
1 2 'Structure model' '_chem_comp.mon_nstd_flag'            
2 2 'Structure model' '_chem_comp.type'                     
3 3 'Structure model' '_chem_comp.pdbx_synonyms'            
4 3 'Structure model' '_database_2.pdbx_DOI'                
5 3 'Structure model' '_database_2.pdbx_database_accession' 
6 4 'Structure model' '_chem_comp_atom.atom_id'             
7 4 'Structure model' '_chem_comp_bond.atom_id_2'           
# 
_pdbx_database_status.status_code                     REL 
_pdbx_database_status.status_code_sf                  REL 
_pdbx_database_status.status_code_mr                  ? 
_pdbx_database_status.entry_id                        5VWG 
_pdbx_database_status.recvd_initial_deposition_date   2017-05-21 
_pdbx_database_status.SG_entry                        N 
_pdbx_database_status.deposit_site                    RCSB 
_pdbx_database_status.process_site                    RCSB 
_pdbx_database_status.status_code_cs                  ? 
_pdbx_database_status.methods_development_category    ? 
_pdbx_database_status.pdb_format_compatible           Y 
_pdbx_database_status.status_code_nmr_data            ? 
# 
loop_
_audit_author.name 
_audit_author.pdbx_ordinal 
_audit_author.identifier_ORCID 
'Bohari, M.H.'  1 ? 
'Yu, X.'        2 ? 
'Blanchard, H.' 3 ? 
# 
_citation.abstract                  ? 
_citation.abstract_id_CAS           ? 
_citation.book_id_ISBN              ? 
_citation.book_publisher            ? 
_citation.book_publisher_city       ? 
_citation.book_title                ? 
_citation.coordinate_linkage        ? 
_citation.country                   ? 
_citation.database_id_Medline       ? 
_citation.details                   ? 
_citation.id                        primary 
_citation.journal_abbrev            'To Be Published' 
_citation.journal_id_ASTM           ? 
_citation.journal_id_CSD            0353 
_citation.journal_id_ISSN           ? 
_citation.journal_full              ? 
_citation.journal_issue             ? 
_citation.journal_volume            ? 
_citation.language                  ? 
_citation.page_first                ? 
_citation.page_last                 ? 
_citation.title                     
'Galectin-8 N terminal domain in complex with Methyl 3-O-[1-carboxyethyl]-beta-D-galactopyranoside' 
_citation.year                      ? 
_citation.database_id_CSD           ? 
_citation.pdbx_database_id_DOI      ? 
_citation.pdbx_database_id_PubMed   ? 
_citation.unpublished_flag          ? 
# 
loop_
_citation_author.citation_id 
_citation_author.name 
_citation_author.ordinal 
_citation_author.identifier_ORCID 
primary 'Blanchard, H.' 1 ? 
primary 'Yu, X.'        2 ? 
primary 'Bohari, M.H.'  3 ? 
# 
loop_
_entity.id 
_entity.type 
_entity.src_method 
_entity.pdbx_description 
_entity.formula_weight 
_entity.pdbx_number_of_molecules 
_entity.pdbx_ec 
_entity.pdbx_mutation 
_entity.pdbx_fragment 
_entity.details 
1 polymer     man Galectin-8                                                  17526.203 1   ? M56V 
'N-terminal domain (UNP residues 1-155)' ? 
2 non-polymer man 'methyl 3-O-[(1R)-1-carboxyethyl]-beta-D-galactopyranoside' 266.245   1   ? ?    ? ? 
3 water       nat water                                                       18.015    112 ? ?    ? ? 
# 
_entity_name_com.entity_id   1 
_entity_name_com.name        'Gal-8,Po66 carbohydrate-binding protein,Po66-CBP,Prostate carcinoma tumor antigen 1,PCTA-1' 
# 
_entity_poly.entity_id                      1 
_entity_poly.type                           'polypeptide(L)' 
_entity_poly.nstd_linkage                   no 
_entity_poly.nstd_monomer                   yes 
_entity_poly.pdbx_seq_one_letter_code       
;MMLSLNNLQNIIYNPVIPFVGTIPDQLDPGTLIVIRGHVPSDADRFQVDLQNGSSVKPRADVAFHFNPRFKRAG(CSO)I
VCNTLINEKWGREEITYDTPFKREKSFEIVIMVLKDKFQVAVNGKHTLLYGHRIGPEKIDTLGIYGKVNIHSIGFSFSS
;
_entity_poly.pdbx_seq_one_letter_code_can   
;MMLSLNNLQNIIYNPVIPFVGTIPDQLDPGTLIVIRGHVPSDADRFQVDLQNGSSVKPRADVAFHFNPRFKRAGCIVCNT
LINEKWGREEITYDTPFKREKSFEIVIMVLKDKFQVAVNGKHTLLYGHRIGPEKIDTLGIYGKVNIHSIGFSFSS
;
_entity_poly.pdbx_strand_id                 A 
_entity_poly.pdbx_target_identifier         ? 
# 
loop_
_pdbx_entity_nonpoly.entity_id 
_pdbx_entity_nonpoly.name 
_pdbx_entity_nonpoly.comp_id 
2 'methyl 3-O-[(1R)-1-carboxyethyl]-beta-D-galactopyranoside' 9QG 
3 water                                                       HOH 
# 
loop_
_entity_poly_seq.entity_id 
_entity_poly_seq.num 
_entity_poly_seq.mon_id 
_entity_poly_seq.hetero 
1 1   MET n 
1 2   MET n 
1 3   LEU n 
1 4   SER n 
1 5   LEU n 
1 6   ASN n 
1 7   ASN n 
1 8   LEU n 
1 9   GLN n 
1 10  ASN n 
1 11  ILE n 
1 12  ILE n 
1 13  TYR n 
1 14  ASN n 
1 15  PRO n 
1 16  VAL n 
1 17  ILE n 
1 18  PRO n 
1 19  PHE n 
1 20  VAL n 
1 21  GLY n 
1 22  THR n 
1 23  ILE n 
1 24  PRO n 
1 25  ASP n 
1 26  GLN n 
1 27  LEU n 
1 28  ASP n 
1 29  PRO n 
1 30  GLY n 
1 31  THR n 
1 32  LEU n 
1 33  ILE n 
1 34  VAL n 
1 35  ILE n 
1 36  ARG n 
1 37  GLY n 
1 38  HIS n 
1 39  VAL n 
1 40  PRO n 
1 41  SER n 
1 42  ASP n 
1 43  ALA n 
1 44  ASP n 
1 45  ARG n 
1 46  PHE n 
1 47  GLN n 
1 48  VAL n 
1 49  ASP n 
1 50  LEU n 
1 51  GLN n 
1 52  ASN n 
1 53  GLY n 
1 54  SER n 
1 55  SER n 
1 56  VAL n 
1 57  LYS n 
1 58  PRO n 
1 59  ARG n 
1 60  ALA n 
1 61  ASP n 
1 62  VAL n 
1 63  ALA n 
1 64  PHE n 
1 65  HIS n 
1 66  PHE n 
1 67  ASN n 
1 68  PRO n 
1 69  ARG n 
1 70  PHE n 
1 71  LYS n 
1 72  ARG n 
1 73  ALA n 
1 74  GLY n 
1 75  CSO n 
1 76  ILE n 
1 77  VAL n 
1 78  CYS n 
1 79  ASN n 
1 80  THR n 
1 81  LEU n 
1 82  ILE n 
1 83  ASN n 
1 84  GLU n 
1 85  LYS n 
1 86  TRP n 
1 87  GLY n 
1 88  ARG n 
1 89  GLU n 
1 90  GLU n 
1 91  ILE n 
1 92  THR n 
1 93  TYR n 
1 94  ASP n 
1 95  THR n 
1 96  PRO n 
1 97  PHE n 
1 98  LYS n 
1 99  ARG n 
1 100 GLU n 
1 101 LYS n 
1 102 SER n 
1 103 PHE n 
1 104 GLU n 
1 105 ILE n 
1 106 VAL n 
1 107 ILE n 
1 108 MET n 
1 109 VAL n 
1 110 LEU n 
1 111 LYS n 
1 112 ASP n 
1 113 LYS n 
1 114 PHE n 
1 115 GLN n 
1 116 VAL n 
1 117 ALA n 
1 118 VAL n 
1 119 ASN n 
1 120 GLY n 
1 121 LYS n 
1 122 HIS n 
1 123 THR n 
1 124 LEU n 
1 125 LEU n 
1 126 TYR n 
1 127 GLY n 
1 128 HIS n 
1 129 ARG n 
1 130 ILE n 
1 131 GLY n 
1 132 PRO n 
1 133 GLU n 
1 134 LYS n 
1 135 ILE n 
1 136 ASP n 
1 137 THR n 
1 138 LEU n 
1 139 GLY n 
1 140 ILE n 
1 141 TYR n 
1 142 GLY n 
1 143 LYS n 
1 144 VAL n 
1 145 ASN n 
1 146 ILE n 
1 147 HIS n 
1 148 SER n 
1 149 ILE n 
1 150 GLY n 
1 151 PHE n 
1 152 SER n 
1 153 PHE n 
1 154 SER n 
1 155 SER n 
# 
_entity_src_gen.entity_id                          1 
_entity_src_gen.pdbx_src_id                        1 
_entity_src_gen.pdbx_alt_source_flag               sample 
_entity_src_gen.pdbx_seq_type                      'Biological sequence' 
_entity_src_gen.pdbx_beg_seq_num                   1 
_entity_src_gen.pdbx_end_seq_num                   155 
_entity_src_gen.gene_src_common_name               Human 
_entity_src_gen.gene_src_genus                     ? 
_entity_src_gen.pdbx_gene_src_gene                 LGALS8 
_entity_src_gen.gene_src_species                   ? 
_entity_src_gen.gene_src_strain                    ? 
_entity_src_gen.gene_src_tissue                    ? 
_entity_src_gen.gene_src_tissue_fraction           ? 
_entity_src_gen.gene_src_details                   ? 
_entity_src_gen.pdbx_gene_src_fragment             ? 
_entity_src_gen.pdbx_gene_src_scientific_name      'Homo sapiens' 
_entity_src_gen.pdbx_gene_src_ncbi_taxonomy_id     9606 
_entity_src_gen.pdbx_gene_src_variant              ? 
_entity_src_gen.pdbx_gene_src_cell_line            ? 
_entity_src_gen.pdbx_gene_src_atcc                 ? 
_entity_src_gen.pdbx_gene_src_organ                ? 
_entity_src_gen.pdbx_gene_src_organelle            ? 
_entity_src_gen.pdbx_gene_src_cell                 ? 
_entity_src_gen.pdbx_gene_src_cellular_location    ? 
_entity_src_gen.host_org_common_name               ? 
_entity_src_gen.pdbx_host_org_scientific_name      'Escherichia coli' 
_entity_src_gen.pdbx_host_org_ncbi_taxonomy_id     562 
_entity_src_gen.host_org_genus                     ? 
_entity_src_gen.pdbx_host_org_gene                 ? 
_entity_src_gen.pdbx_host_org_organ                ? 
_entity_src_gen.host_org_species                   ? 
_entity_src_gen.pdbx_host_org_tissue               ? 
_entity_src_gen.pdbx_host_org_tissue_fraction      ? 
_entity_src_gen.pdbx_host_org_strain               ? 
_entity_src_gen.pdbx_host_org_variant              ? 
_entity_src_gen.pdbx_host_org_cell_line            ? 
_entity_src_gen.pdbx_host_org_atcc                 ? 
_entity_src_gen.pdbx_host_org_culture_collection   ? 
_entity_src_gen.pdbx_host_org_cell                 ? 
_entity_src_gen.pdbx_host_org_organelle            ? 
_entity_src_gen.pdbx_host_org_cellular_location    ? 
_entity_src_gen.pdbx_host_org_vector_type          ? 
_entity_src_gen.pdbx_host_org_vector               ? 
_entity_src_gen.host_org_details                   ? 
_entity_src_gen.expression_system_id               ? 
_entity_src_gen.plasmid_name                       ? 
_entity_src_gen.plasmid_details                    ? 
_entity_src_gen.pdbx_description                   ? 
# 
loop_
_chem_comp.id 
_chem_comp.type 
_chem_comp.mon_nstd_flag 
_chem_comp.name 
_chem_comp.pdbx_synonyms 
_chem_comp.formula 
_chem_comp.formula_weight 
9QG D-saccharide        n 'methyl 3-O-[(1R)-1-carboxyethyl]-beta-D-galactopyranoside' 
;methyl 3-O-[(1R)-1-carboxyethyl]-beta-D-galactoside; methyl 3-O-[(1R)-1-carboxyethyl]-D-galactoside; methyl 3-O-[(1R)-1-carboxyethyl]-galactoside
;
'C10 H18 O8'     266.245 
ALA 'L-peptide linking' y ALANINE                                                     ? 'C3 H7 N O2'     89.093  
ARG 'L-peptide linking' y ARGININE                                                    ? 'C6 H15 N4 O2 1' 175.209 
ASN 'L-peptide linking' y ASPARAGINE                                                  ? 'C4 H8 N2 O3'    132.118 
ASP 'L-peptide linking' y 'ASPARTIC ACID'                                             ? 'C4 H7 N O4'     133.103 
CSO 'L-peptide linking' n S-HYDROXYCYSTEINE                                           ? 'C3 H7 N O3 S'   137.158 
CYS 'L-peptide linking' y CYSTEINE                                                    ? 'C3 H7 N O2 S'   121.158 
GLN 'L-peptide linking' y GLUTAMINE                                                   ? 'C5 H10 N2 O3'   146.144 
GLU 'L-peptide linking' y 'GLUTAMIC ACID'                                             ? 'C5 H9 N O4'     147.129 
GLY 'peptide linking'   y GLYCINE                                                     ? 'C2 H5 N O2'     75.067  
HIS 'L-peptide linking' y HISTIDINE                                                   ? 'C6 H10 N3 O2 1' 156.162 
HOH non-polymer         . WATER                                                       ? 'H2 O'           18.015  
ILE 'L-peptide linking' y ISOLEUCINE                                                  ? 'C6 H13 N O2'    131.173 
LEU 'L-peptide linking' y LEUCINE                                                     ? 'C6 H13 N O2'    131.173 
LYS 'L-peptide linking' y LYSINE                                                      ? 'C6 H15 N2 O2 1' 147.195 
MET 'L-peptide linking' y METHIONINE                                                  ? 'C5 H11 N O2 S'  149.211 
PHE 'L-peptide linking' y PHENYLALANINE                                               ? 'C9 H11 N O2'    165.189 
PRO 'L-peptide linking' y PROLINE                                                     ? 'C5 H9 N O2'     115.130 
SER 'L-peptide linking' y SERINE                                                      ? 'C3 H7 N O3'     105.093 
THR 'L-peptide linking' y THREONINE                                                   ? 'C4 H9 N O3'     119.119 
TRP 'L-peptide linking' y TRYPTOPHAN                                                  ? 'C11 H12 N2 O2'  204.225 
TYR 'L-peptide linking' y TYROSINE                                                    ? 'C9 H11 N O3'    181.189 
VAL 'L-peptide linking' y VALINE                                                      ? 'C5 H11 N O2'    117.146 
# 
loop_
_pdbx_poly_seq_scheme.asym_id 
_pdbx_poly_seq_scheme.entity_id 
_pdbx_poly_seq_scheme.seq_id 
_pdbx_poly_seq_scheme.mon_id 
_pdbx_poly_seq_scheme.ndb_seq_num 
_pdbx_poly_seq_scheme.pdb_seq_num 
_pdbx_poly_seq_scheme.auth_seq_num 
_pdbx_poly_seq_scheme.pdb_mon_id 
_pdbx_poly_seq_scheme.auth_mon_id 
_pdbx_poly_seq_scheme.pdb_strand_id 
_pdbx_poly_seq_scheme.pdb_ins_code 
_pdbx_poly_seq_scheme.hetero 
A 1 1   MET 1   1   ?   ?   ?   A . n 
A 1 2   MET 2   2   ?   ?   ?   A . n 
A 1 3   LEU 3   3   ?   ?   ?   A . n 
A 1 4   SER 4   4   ?   ?   ?   A . n 
A 1 5   LEU 5   5   ?   ?   ?   A . n 
A 1 6   ASN 6   6   ?   ?   ?   A . n 
A 1 7   ASN 7   7   ?   ?   ?   A . n 
A 1 8   LEU 8   8   8   LEU LEU A . n 
A 1 9   GLN 9   9   9   GLN GLN A . n 
A 1 10  ASN 10  10  10  ASN ASN A . n 
A 1 11  ILE 11  11  11  ILE ILE A . n 
A 1 12  ILE 12  12  12  ILE ILE A . n 
A 1 13  TYR 13  13  13  TYR TYR A . n 
A 1 14  ASN 14  14  14  ASN ASN A . n 
A 1 15  PRO 15  15  15  PRO PRO A . n 
A 1 16  VAL 16  16  16  VAL VAL A . n 
A 1 17  ILE 17  17  17  ILE ILE A . n 
A 1 18  PRO 18  18  18  PRO PRO A . n 
A 1 19  PHE 19  19  19  PHE PHE A . n 
A 1 20  VAL 20  20  20  VAL VAL A . n 
A 1 21  GLY 21  21  21  GLY GLY A . n 
A 1 22  THR 22  22  22  THR THR A . n 
A 1 23  ILE 23  23  23  ILE ILE A . n 
A 1 24  PRO 24  24  24  PRO PRO A . n 
A 1 25  ASP 25  25  25  ASP ASP A . n 
A 1 26  GLN 26  26  26  GLN GLN A . n 
A 1 27  LEU 27  27  27  LEU LEU A . n 
A 1 28  ASP 28  28  28  ASP ASP A . n 
A 1 29  PRO 29  29  29  PRO PRO A . n 
A 1 30  GLY 30  30  30  GLY GLY A . n 
A 1 31  THR 31  31  31  THR THR A . n 
A 1 32  LEU 32  32  32  LEU LEU A . n 
A 1 33  ILE 33  33  33  ILE ILE A . n 
A 1 34  VAL 34  34  34  VAL VAL A . n 
A 1 35  ILE 35  35  35  ILE ILE A . n 
A 1 36  ARG 36  36  36  ARG ARG A . n 
A 1 37  GLY 37  37  37  GLY GLY A . n 
A 1 38  HIS 38  38  38  HIS HIS A . n 
A 1 39  VAL 39  39  39  VAL VAL A . n 
A 1 40  PRO 40  40  40  PRO PRO A . n 
A 1 41  SER 41  41  41  SER SER A . n 
A 1 42  ASP 42  42  42  ASP ASP A . n 
A 1 43  ALA 43  43  43  ALA ALA A . n 
A 1 44  ASP 44  44  44  ASP ASP A . n 
A 1 45  ARG 45  45  45  ARG ARG A . n 
A 1 46  PHE 46  46  46  PHE PHE A . n 
A 1 47  GLN 47  47  47  GLN GLN A . n 
A 1 48  VAL 48  48  48  VAL VAL A . n 
A 1 49  ASP 49  49  49  ASP ASP A . n 
A 1 50  LEU 50  50  50  LEU LEU A . n 
A 1 51  GLN 51  51  51  GLN GLN A . n 
A 1 52  ASN 52  52  52  ASN ASN A . n 
A 1 53  GLY 53  53  53  GLY GLY A . n 
A 1 54  SER 54  54  54  SER SER A . n 
A 1 55  SER 55  55  55  SER SER A . n 
A 1 56  VAL 56  56  56  VAL VAL A . n 
A 1 57  LYS 57  57  57  LYS LYS A . n 
A 1 58  PRO 58  58  58  PRO PRO A . n 
A 1 59  ARG 59  59  59  ARG ARG A . n 
A 1 60  ALA 60  60  60  ALA ALA A . n 
A 1 61  ASP 61  61  61  ASP ASP A . n 
A 1 62  VAL 62  62  62  VAL VAL A . n 
A 1 63  ALA 63  63  63  ALA ALA A . n 
A 1 64  PHE 64  64  64  PHE PHE A . n 
A 1 65  HIS 65  65  65  HIS HIS A . n 
A 1 66  PHE 66  66  66  PHE PHE A . n 
A 1 67  ASN 67  67  67  ASN ASN A . n 
A 1 68  PRO 68  68  68  PRO PRO A . n 
A 1 69  ARG 69  69  69  ARG ARG A . n 
A 1 70  PHE 70  70  70  PHE PHE A . n 
A 1 71  LYS 71  71  71  LYS LYS A . n 
A 1 72  ARG 72  72  72  ARG ARG A . n 
A 1 73  ALA 73  73  73  ALA ALA A . n 
A 1 74  GLY 74  74  74  GLY GLY A . n 
A 1 75  CSO 75  75  75  CSO CSO A . n 
A 1 76  ILE 76  76  76  ILE ILE A . n 
A 1 77  VAL 77  77  77  VAL VAL A . n 
A 1 78  CYS 78  78  78  CYS CYS A . n 
A 1 79  ASN 79  79  79  ASN ASN A . n 
A 1 80  THR 80  80  80  THR THR A . n 
A 1 81  LEU 81  81  81  LEU LEU A . n 
A 1 82  ILE 82  82  82  ILE ILE A . n 
A 1 83  ASN 83  83  83  ASN ASN A . n 
A 1 84  GLU 84  84  84  GLU GLU A . n 
A 1 85  LYS 85  85  85  LYS LYS A . n 
A 1 86  TRP 86  86  86  TRP TRP A . n 
A 1 87  GLY 87  87  87  GLY GLY A . n 
A 1 88  ARG 88  88  88  ARG ARG A . n 
A 1 89  GLU 89  89  89  GLU GLU A . n 
A 1 90  GLU 90  90  90  GLU GLU A . n 
A 1 91  ILE 91  91  91  ILE ILE A . n 
A 1 92  THR 92  92  92  THR THR A . n 
A 1 93  TYR 93  93  93  TYR TYR A . n 
A 1 94  ASP 94  94  94  ASP ASP A . n 
A 1 95  THR 95  95  95  THR THR A . n 
A 1 96  PRO 96  96  96  PRO PRO A . n 
A 1 97  PHE 97  97  97  PHE PHE A . n 
A 1 98  LYS 98  98  98  LYS LYS A . n 
A 1 99  ARG 99  99  99  ARG ARG A . n 
A 1 100 GLU 100 100 100 GLU GLU A . n 
A 1 101 LYS 101 101 101 LYS LYS A . n 
A 1 102 SER 102 102 102 SER SER A . n 
A 1 103 PHE 103 103 103 PHE PHE A . n 
A 1 104 GLU 104 104 104 GLU GLU A . n 
A 1 105 ILE 105 105 105 ILE ILE A . n 
A 1 106 VAL 106 106 106 VAL VAL A . n 
A 1 107 ILE 107 107 107 ILE ILE A . n 
A 1 108 MET 108 108 108 MET MET A . n 
A 1 109 VAL 109 109 109 VAL VAL A . n 
A 1 110 LEU 110 110 110 LEU LEU A . n 
A 1 111 LYS 111 111 111 LYS LYS A . n 
A 1 112 ASP 112 112 112 ASP ASP A . n 
A 1 113 LYS 113 113 113 LYS LYS A . n 
A 1 114 PHE 114 114 114 PHE PHE A . n 
A 1 115 GLN 115 115 115 GLN GLN A . n 
A 1 116 VAL 116 116 116 VAL VAL A . n 
A 1 117 ALA 117 117 117 ALA ALA A . n 
A 1 118 VAL 118 118 118 VAL VAL A . n 
A 1 119 ASN 119 119 119 ASN ASN A . n 
A 1 120 GLY 120 120 120 GLY GLY A . n 
A 1 121 LYS 121 121 121 LYS LYS A . n 
A 1 122 HIS 122 122 122 HIS HIS A . n 
A 1 123 THR 123 123 123 THR THR A . n 
A 1 124 LEU 124 124 124 LEU LEU A . n 
A 1 125 LEU 125 125 125 LEU LEU A . n 
A 1 126 TYR 126 126 126 TYR TYR A . n 
A 1 127 GLY 127 127 127 GLY GLY A . n 
A 1 128 HIS 128 128 128 HIS HIS A . n 
A 1 129 ARG 129 129 129 ARG ARG A . n 
A 1 130 ILE 130 130 130 ILE ILE A . n 
A 1 131 GLY 131 131 131 GLY GLY A . n 
A 1 132 PRO 132 132 132 PRO PRO A . n 
A 1 133 GLU 133 133 133 GLU GLU A . n 
A 1 134 LYS 134 134 134 LYS LYS A . n 
A 1 135 ILE 135 135 135 ILE ILE A . n 
A 1 136 ASP 136 136 136 ASP ASP A . n 
A 1 137 THR 137 137 137 THR THR A . n 
A 1 138 LEU 138 138 138 LEU LEU A . n 
A 1 139 GLY 139 139 139 GLY GLY A . n 
A 1 140 ILE 140 140 140 ILE ILE A . n 
A 1 141 TYR 141 141 141 TYR TYR A . n 
A 1 142 GLY 142 142 142 GLY GLY A . n 
A 1 143 LYS 143 143 143 LYS LYS A . n 
A 1 144 VAL 144 144 144 VAL VAL A . n 
A 1 145 ASN 145 145 145 ASN ASN A . n 
A 1 146 ILE 146 146 146 ILE ILE A . n 
A 1 147 HIS 147 147 147 HIS HIS A . n 
A 1 148 SER 148 148 148 SER SER A . n 
A 1 149 ILE 149 149 149 ILE ILE A . n 
A 1 150 GLY 150 150 150 GLY GLY A . n 
A 1 151 PHE 151 151 151 PHE PHE A . n 
A 1 152 SER 152 152 152 SER SER A . n 
A 1 153 PHE 153 153 153 PHE PHE A . n 
A 1 154 SER 154 154 154 SER SER A . n 
A 1 155 SER 155 155 ?   ?   ?   A . n 
# 
loop_
_pdbx_nonpoly_scheme.asym_id 
_pdbx_nonpoly_scheme.entity_id 
_pdbx_nonpoly_scheme.mon_id 
_pdbx_nonpoly_scheme.ndb_seq_num 
_pdbx_nonpoly_scheme.pdb_seq_num 
_pdbx_nonpoly_scheme.auth_seq_num 
_pdbx_nonpoly_scheme.pdb_mon_id 
_pdbx_nonpoly_scheme.auth_mon_id 
_pdbx_nonpoly_scheme.pdb_strand_id 
_pdbx_nonpoly_scheme.pdb_ins_code 
B 2 9QG 1   201 1   9QG GXX A . 
C 3 HOH 1   301 187 HOH HOH A . 
C 3 HOH 2   302 139 HOH HOH A . 
C 3 HOH 3   303 171 HOH HOH A . 
C 3 HOH 4   304 38  HOH HOH A . 
C 3 HOH 5   305 150 HOH HOH A . 
C 3 HOH 6   306 145 HOH HOH A . 
C 3 HOH 7   307 162 HOH HOH A . 
C 3 HOH 8   308 168 HOH HOH A . 
C 3 HOH 9   309 135 HOH HOH A . 
C 3 HOH 10  310 11  HOH HOH A . 
C 3 HOH 11  311 133 HOH HOH A . 
C 3 HOH 12  312 32  HOH HOH A . 
C 3 HOH 13  313 141 HOH HOH A . 
C 3 HOH 14  314 134 HOH HOH A . 
C 3 HOH 15  315 8   HOH HOH A . 
C 3 HOH 16  316 17  HOH HOH A . 
C 3 HOH 17  317 7   HOH HOH A . 
C 3 HOH 18  318 153 HOH HOH A . 
C 3 HOH 19  319 21  HOH HOH A . 
C 3 HOH 20  320 12  HOH HOH A . 
C 3 HOH 21  321 165 HOH HOH A . 
C 3 HOH 22  322 5   HOH HOH A . 
C 3 HOH 23  323 1   HOH HOH A . 
C 3 HOH 24  324 4   HOH HOH A . 
C 3 HOH 25  325 13  HOH HOH A . 
C 3 HOH 26  326 16  HOH HOH A . 
C 3 HOH 27  327 43  HOH HOH A . 
C 3 HOH 28  328 136 HOH HOH A . 
C 3 HOH 29  329 15  HOH HOH A . 
C 3 HOH 30  330 18  HOH HOH A . 
C 3 HOH 31  331 2   HOH HOH A . 
C 3 HOH 32  332 40  HOH HOH A . 
C 3 HOH 33  333 36  HOH HOH A . 
C 3 HOH 34  334 92  HOH HOH A . 
C 3 HOH 35  335 19  HOH HOH A . 
C 3 HOH 36  336 10  HOH HOH A . 
C 3 HOH 37  337 52  HOH HOH A . 
C 3 HOH 38  338 74  HOH HOH A . 
C 3 HOH 39  339 151 HOH HOH A . 
C 3 HOH 40  340 28  HOH HOH A . 
C 3 HOH 41  341 157 HOH HOH A . 
C 3 HOH 42  342 104 HOH HOH A . 
C 3 HOH 43  343 20  HOH HOH A . 
C 3 HOH 44  344 105 HOH HOH A . 
C 3 HOH 45  345 169 HOH HOH A . 
C 3 HOH 46  346 34  HOH HOH A . 
C 3 HOH 47  347 89  HOH HOH A . 
C 3 HOH 48  348 65  HOH HOH A . 
C 3 HOH 49  349 23  HOH HOH A . 
C 3 HOH 50  350 35  HOH HOH A . 
C 3 HOH 51  351 186 HOH HOH A . 
C 3 HOH 52  352 147 HOH HOH A . 
C 3 HOH 53  353 30  HOH HOH A . 
C 3 HOH 54  354 71  HOH HOH A . 
C 3 HOH 55  355 76  HOH HOH A . 
C 3 HOH 56  356 79  HOH HOH A . 
C 3 HOH 57  357 170 HOH HOH A . 
C 3 HOH 58  358 69  HOH HOH A . 
C 3 HOH 59  359 152 HOH HOH A . 
C 3 HOH 60  360 112 HOH HOH A . 
C 3 HOH 61  361 44  HOH HOH A . 
C 3 HOH 62  362 47  HOH HOH A . 
C 3 HOH 63  363 140 HOH HOH A . 
C 3 HOH 64  364 22  HOH HOH A . 
C 3 HOH 65  365 154 HOH HOH A . 
C 3 HOH 66  366 160 HOH HOH A . 
C 3 HOH 67  367 3   HOH HOH A . 
C 3 HOH 68  368 24  HOH HOH A . 
C 3 HOH 69  369 172 HOH HOH A . 
C 3 HOH 70  370 158 HOH HOH A . 
C 3 HOH 71  371 6   HOH HOH A . 
C 3 HOH 72  372 9   HOH HOH A . 
C 3 HOH 73  373 48  HOH HOH A . 
C 3 HOH 74  374 175 HOH HOH A . 
C 3 HOH 75  375 148 HOH HOH A . 
C 3 HOH 76  376 64  HOH HOH A . 
C 3 HOH 77  377 33  HOH HOH A . 
C 3 HOH 78  378 25  HOH HOH A . 
C 3 HOH 79  379 167 HOH HOH A . 
C 3 HOH 80  380 179 HOH HOH A . 
C 3 HOH 81  381 53  HOH HOH A . 
C 3 HOH 82  382 124 HOH HOH A . 
C 3 HOH 83  383 137 HOH HOH A . 
C 3 HOH 84  384 181 HOH HOH A . 
C 3 HOH 85  385 173 HOH HOH A . 
C 3 HOH 86  386 61  HOH HOH A . 
C 3 HOH 87  387 138 HOH HOH A . 
C 3 HOH 88  388 174 HOH HOH A . 
C 3 HOH 89  389 113 HOH HOH A . 
C 3 HOH 90  390 163 HOH HOH A . 
C 3 HOH 91  391 161 HOH HOH A . 
C 3 HOH 92  392 149 HOH HOH A . 
C 3 HOH 93  393 128 HOH HOH A . 
C 3 HOH 94  394 180 HOH HOH A . 
C 3 HOH 95  395 156 HOH HOH A . 
C 3 HOH 96  396 155 HOH HOH A . 
C 3 HOH 97  397 115 HOH HOH A . 
C 3 HOH 98  398 144 HOH HOH A . 
C 3 HOH 99  399 142 HOH HOH A . 
C 3 HOH 100 400 178 HOH HOH A . 
C 3 HOH 101 401 114 HOH HOH A . 
C 3 HOH 102 402 143 HOH HOH A . 
C 3 HOH 103 403 185 HOH HOH A . 
C 3 HOH 104 404 177 HOH HOH A . 
C 3 HOH 105 405 182 HOH HOH A . 
C 3 HOH 106 406 146 HOH HOH A . 
C 3 HOH 107 407 123 HOH HOH A . 
C 3 HOH 108 408 127 HOH HOH A . 
C 3 HOH 109 409 119 HOH HOH A . 
C 3 HOH 110 410 184 HOH HOH A . 
C 3 HOH 111 411 166 HOH HOH A . 
C 3 HOH 112 412 57  HOH HOH A . 
# 
loop_
_software.citation_id 
_software.classification 
_software.compiler_name 
_software.compiler_version 
_software.contact_author 
_software.contact_author_email 
_software.date 
_software.description 
_software.dependencies 
_software.hardware 
_software.language 
_software.location 
_software.mods 
_software.name 
_software.os 
_software.os_version 
_software.type 
_software.version 
_software.pdbx_ordinal 
? refinement       ? ? ? ? ? ? ? ? ? ? ? REFMAC  ? ? ? 5.8.0135 1 
? 'data reduction' ? ? ? ? ? ? ? ? ? ? ? iMOSFLM ? ? ? .        2 
? 'data scaling'   ? ? ? ? ? ? ? ? ? ? ? Aimless ? ? ? .        3 
? phasing          ? ? ? ? ? ? ? ? ? ? ? PHASER  ? ? ? .        4 
# 
_cell.angle_alpha                  90.00 
_cell.angle_alpha_esd              ? 
_cell.angle_beta                   90.00 
_cell.angle_beta_esd               ? 
_cell.angle_gamma                  90.00 
_cell.angle_gamma_esd              ? 
_cell.entry_id                     5VWG 
_cell.details                      ? 
_cell.formula_units_Z              ? 
_cell.length_a                     45.777 
_cell.length_a_esd                 ? 
_cell.length_b                     50.145 
_cell.length_b_esd                 ? 
_cell.length_c                     80.695 
_cell.length_c_esd                 ? 
_cell.volume                       ? 
_cell.volume_esd                   ? 
_cell.Z_PDB                        4 
_cell.reciprocal_angle_alpha       ? 
_cell.reciprocal_angle_beta        ? 
_cell.reciprocal_angle_gamma       ? 
_cell.reciprocal_angle_alpha_esd   ? 
_cell.reciprocal_angle_beta_esd    ? 
_cell.reciprocal_angle_gamma_esd   ? 
_cell.reciprocal_length_a          ? 
_cell.reciprocal_length_b          ? 
_cell.reciprocal_length_c          ? 
_cell.reciprocal_length_a_esd      ? 
_cell.reciprocal_length_b_esd      ? 
_cell.reciprocal_length_c_esd      ? 
_cell.pdbx_unique_axis             ? 
# 
_symmetry.entry_id                         5VWG 
_symmetry.cell_setting                     ? 
_symmetry.Int_Tables_number                19 
_symmetry.space_group_name_Hall            ? 
_symmetry.space_group_name_H-M             'P 21 21 21' 
_symmetry.pdbx_full_space_group_name_H-M   ? 
# 
_exptl.absorpt_coefficient_mu     ? 
_exptl.absorpt_correction_T_max   ? 
_exptl.absorpt_correction_T_min   ? 
_exptl.absorpt_correction_type    ? 
_exptl.absorpt_process_details    ? 
_exptl.entry_id                   5VWG 
_exptl.crystals_number            1 
_exptl.details                    ? 
_exptl.method                     'X-RAY DIFFRACTION' 
_exptl.method_details             ? 
# 
_exptl_crystal.colour                      ? 
_exptl_crystal.density_diffrn              ? 
_exptl_crystal.density_Matthews            2.72 
_exptl_crystal.density_method              ? 
_exptl_crystal.density_percent_sol         54.87 
_exptl_crystal.description                 ? 
_exptl_crystal.F_000                       ? 
_exptl_crystal.id                          1 
_exptl_crystal.preparation                 ? 
_exptl_crystal.size_max                    ? 
_exptl_crystal.size_mid                    ? 
_exptl_crystal.size_min                    ? 
_exptl_crystal.size_rad                    ? 
_exptl_crystal.colour_lustre               ? 
_exptl_crystal.colour_modifier             ? 
_exptl_crystal.colour_primary              ? 
_exptl_crystal.density_meas                ? 
_exptl_crystal.density_meas_esd            ? 
_exptl_crystal.density_meas_gt             ? 
_exptl_crystal.density_meas_lt             ? 
_exptl_crystal.density_meas_temp           ? 
_exptl_crystal.density_meas_temp_esd       ? 
_exptl_crystal.density_meas_temp_gt        ? 
_exptl_crystal.density_meas_temp_lt        ? 
_exptl_crystal.pdbx_crystal_image_url      ? 
_exptl_crystal.pdbx_crystal_image_format   ? 
_exptl_crystal.pdbx_mosaicity              ? 
_exptl_crystal.pdbx_mosaicity_esd          ? 
# 
_exptl_crystal_grow.apparatus       ? 
_exptl_crystal_grow.atmosphere      ? 
_exptl_crystal_grow.crystal_id      1 
_exptl_crystal_grow.details         ? 
_exptl_crystal_grow.method          'VAPOR DIFFUSION' 
_exptl_crystal_grow.method_ref      ? 
_exptl_crystal_grow.pH              ? 
_exptl_crystal_grow.pressure        ? 
_exptl_crystal_grow.pressure_esd    ? 
_exptl_crystal_grow.seeding         ? 
_exptl_crystal_grow.seeding_ref     ? 
_exptl_crystal_grow.temp            277 
_exptl_crystal_grow.temp_details    ? 
_exptl_crystal_grow.temp_esd        ? 
_exptl_crystal_grow.time            ? 
_exptl_crystal_grow.pdbx_details    
'10 mM sodium phosphate, 137 mM sodium chloride, 2.7 mM potassium chloride, 1.8 mM potassium phosphate' 
_exptl_crystal_grow.pdbx_pH_range   ? 
# 
_diffrn.ambient_environment    ? 
_diffrn.ambient_temp           298 
_diffrn.ambient_temp_details   ? 
_diffrn.ambient_temp_esd       ? 
_diffrn.crystal_id             1 
_diffrn.crystal_support        ? 
_diffrn.crystal_treatment      ? 
_diffrn.details                ? 
_diffrn.id                     1 
_diffrn.ambient_pressure       ? 
_diffrn.ambient_pressure_esd   ? 
_diffrn.ambient_pressure_gt    ? 
_diffrn.ambient_pressure_lt    ? 
_diffrn.ambient_temp_gt        ? 
_diffrn.ambient_temp_lt        ? 
# 
_diffrn_detector.details                      ? 
_diffrn_detector.detector                     PIXEL 
_diffrn_detector.diffrn_id                    1 
_diffrn_detector.type                         'DECTRIS PILATUS 200K' 
_diffrn_detector.area_resol_mean              ? 
_diffrn_detector.dtime                        ? 
_diffrn_detector.pdbx_frames_total            ? 
_diffrn_detector.pdbx_collection_time_total   ? 
_diffrn_detector.pdbx_collection_date         2016-06-10 
# 
_diffrn_radiation.collimation                      ? 
_diffrn_radiation.diffrn_id                        1 
_diffrn_radiation.filter_edge                      ? 
_diffrn_radiation.inhomogeneity                    ? 
_diffrn_radiation.monochromator                    ? 
_diffrn_radiation.polarisn_norm                    ? 
_diffrn_radiation.polarisn_ratio                   ? 
_diffrn_radiation.probe                            ? 
_diffrn_radiation.type                             ? 
_diffrn_radiation.xray_symbol                      ? 
_diffrn_radiation.wavelength_id                    1 
_diffrn_radiation.pdbx_monochromatic_or_laue_m_l   M 
_diffrn_radiation.pdbx_wavelength_list             ? 
_diffrn_radiation.pdbx_wavelength                  ? 
_diffrn_radiation.pdbx_diffrn_protocol             'SINGLE WAVELENGTH' 
_diffrn_radiation.pdbx_analyzer                    ? 
_diffrn_radiation.pdbx_scattering_type             x-ray 
# 
_diffrn_radiation_wavelength.id           1 
_diffrn_radiation_wavelength.wavelength   1.5418 
_diffrn_radiation_wavelength.wt           1.0 
# 
_diffrn_source.current                     ? 
_diffrn_source.details                     ? 
_diffrn_source.diffrn_id                   1 
_diffrn_source.power                       ? 
_diffrn_source.size                        ? 
_diffrn_source.source                      'ROTATING ANODE' 
_diffrn_source.target                      ? 
_diffrn_source.type                        'RIGAKU MICROMAX-007 HF' 
_diffrn_source.voltage                     ? 
_diffrn_source.take-off_angle              ? 
_diffrn_source.pdbx_wavelength_list        1.5418 
_diffrn_source.pdbx_wavelength             ? 
_diffrn_source.pdbx_synchrotron_beamline   ? 
_diffrn_source.pdbx_synchrotron_site       ? 
# 
_reflns.B_iso_Wilson_estimate            ? 
_reflns.entry_id                         5VWG 
_reflns.data_reduction_details           ? 
_reflns.data_reduction_method            ? 
_reflns.d_resolution_high                2.10 
_reflns.d_resolution_low                 26.90 
_reflns.details                          ? 
_reflns.limit_h_max                      ? 
_reflns.limit_h_min                      ? 
_reflns.limit_k_max                      ? 
_reflns.limit_k_min                      ? 
_reflns.limit_l_max                      ? 
_reflns.limit_l_min                      ? 
_reflns.number_all                       ? 
_reflns.number_obs                       11077 
_reflns.observed_criterion               ? 
_reflns.observed_criterion_F_max         ? 
_reflns.observed_criterion_F_min         ? 
_reflns.observed_criterion_I_max         ? 
_reflns.observed_criterion_I_min         ? 
_reflns.observed_criterion_sigma_F       ? 
_reflns.observed_criterion_sigma_I       ? 
_reflns.percent_possible_obs             98 
_reflns.R_free_details                   ? 
_reflns.Rmerge_F_all                     ? 
_reflns.Rmerge_F_obs                     ? 
_reflns.Friedel_coverage                 ? 
_reflns.number_gt                        ? 
_reflns.threshold_expression             ? 
_reflns.pdbx_redundancy                  4.9 
_reflns.pdbx_Rmerge_I_obs                0.149 
_reflns.pdbx_Rmerge_I_all                ? 
_reflns.pdbx_Rsym_value                  ? 
_reflns.pdbx_netI_over_av_sigmaI         ? 
_reflns.pdbx_netI_over_sigmaI            5.9 
_reflns.pdbx_res_netI_over_av_sigmaI_2   ? 
_reflns.pdbx_res_netI_over_sigmaI_2      ? 
_reflns.pdbx_chi_squared                 ? 
_reflns.pdbx_scaling_rejects             ? 
_reflns.pdbx_d_res_high_opt              ? 
_reflns.pdbx_d_res_low_opt               ? 
_reflns.pdbx_d_res_opt_method            ? 
_reflns.phase_calculation_details        ? 
_reflns.pdbx_Rrim_I_all                  ? 
_reflns.pdbx_Rpim_I_all                  ? 
_reflns.pdbx_d_opt                       ? 
_reflns.pdbx_number_measured_all         ? 
_reflns.pdbx_diffrn_id                   1 
_reflns.pdbx_ordinal                     1 
_reflns.pdbx_CC_half                     0.981 
_reflns.pdbx_R_split                     ? 
# 
_reflns_shell.d_res_high                  2.1 
_reflns_shell.d_res_low                   2.16 
_reflns_shell.meanI_over_sigI_all         ? 
_reflns_shell.meanI_over_sigI_obs         1.9 
_reflns_shell.number_measured_all         ? 
_reflns_shell.number_measured_obs         ? 
_reflns_shell.number_possible             ? 
_reflns_shell.number_unique_all           ? 
_reflns_shell.number_unique_obs           873 
_reflns_shell.percent_possible_all        95.0 
_reflns_shell.percent_possible_obs        ? 
_reflns_shell.Rmerge_F_all                ? 
_reflns_shell.Rmerge_F_obs                ? 
_reflns_shell.Rmerge_I_all                ? 
_reflns_shell.Rmerge_I_obs                0.782 
_reflns_shell.meanI_over_sigI_gt          ? 
_reflns_shell.meanI_over_uI_all           ? 
_reflns_shell.meanI_over_uI_gt            ? 
_reflns_shell.number_measured_gt          ? 
_reflns_shell.number_unique_gt            ? 
_reflns_shell.percent_possible_gt         ? 
_reflns_shell.Rmerge_F_gt                 ? 
_reflns_shell.Rmerge_I_gt                 ? 
_reflns_shell.pdbx_redundancy             4.8 
_reflns_shell.pdbx_Rsym_value             ? 
_reflns_shell.pdbx_chi_squared            ? 
_reflns_shell.pdbx_netI_over_sigmaI_all   ? 
_reflns_shell.pdbx_netI_over_sigmaI_obs   ? 
_reflns_shell.pdbx_Rrim_I_all             ? 
_reflns_shell.pdbx_Rpim_I_all             ? 
_reflns_shell.pdbx_rejects                ? 
_reflns_shell.pdbx_ordinal                1 
_reflns_shell.pdbx_diffrn_id              1 
_reflns_shell.pdbx_CC_half                0.546 
_reflns_shell.pdbx_R_split                ? 
# 
_refine.aniso_B[1][1]                            0.03 
_refine.aniso_B[1][2]                            -0.00 
_refine.aniso_B[1][3]                            0.00 
_refine.aniso_B[2][2]                            -0.03 
_refine.aniso_B[2][3]                            0.00 
_refine.aniso_B[3][3]                            0.00 
_refine.B_iso_max                                ? 
_refine.B_iso_mean                               27.404 
_refine.B_iso_min                                ? 
_refine.correlation_coeff_Fo_to_Fc               0.934 
_refine.correlation_coeff_Fo_to_Fc_free          0.928 
_refine.details                                  'HYDROGENS HAVE BEEN ADDED IN THE RIDING POSITIONS' 
_refine.diff_density_max                         ? 
_refine.diff_density_max_esd                     ? 
_refine.diff_density_min                         ? 
_refine.diff_density_min_esd                     ? 
_refine.diff_density_rms                         ? 
_refine.diff_density_rms_esd                     ? 
_refine.entry_id                                 5VWG 
_refine.pdbx_refine_id                           'X-RAY DIFFRACTION' 
_refine.ls_abs_structure_details                 ? 
_refine.ls_abs_structure_Flack                   ? 
_refine.ls_abs_structure_Flack_esd               ? 
_refine.ls_abs_structure_Rogers                  ? 
_refine.ls_abs_structure_Rogers_esd              ? 
_refine.ls_d_res_high                            2.10 
_refine.ls_d_res_low                             26.90 
_refine.ls_extinction_coef                       ? 
_refine.ls_extinction_coef_esd                   ? 
_refine.ls_extinction_expression                 ? 
_refine.ls_extinction_method                     ? 
_refine.ls_goodness_of_fit_all                   ? 
_refine.ls_goodness_of_fit_all_esd               ? 
_refine.ls_goodness_of_fit_obs                   ? 
_refine.ls_goodness_of_fit_obs_esd               ? 
_refine.ls_hydrogen_treatment                    ? 
_refine.ls_matrix_type                           ? 
_refine.ls_number_constraints                    ? 
_refine.ls_number_parameters                     ? 
_refine.ls_number_reflns_all                     ? 
_refine.ls_number_reflns_obs                     10508 
_refine.ls_number_reflns_R_free                  569 
_refine.ls_number_reflns_R_work                  ? 
_refine.ls_number_restraints                     ? 
_refine.ls_percent_reflns_obs                    97.61 
_refine.ls_percent_reflns_R_free                 5.1 
_refine.ls_R_factor_all                          ? 
_refine.ls_R_factor_obs                          0.22170 
_refine.ls_R_factor_R_free                       0.25084 
_refine.ls_R_factor_R_free_error                 ? 
_refine.ls_R_factor_R_free_error_details         ? 
_refine.ls_R_factor_R_work                       0.22009 
_refine.ls_R_Fsqd_factor_obs                     ? 
_refine.ls_R_I_factor_obs                        ? 
_refine.ls_redundancy_reflns_all                 ? 
_refine.ls_redundancy_reflns_obs                 ? 
_refine.ls_restrained_S_all                      ? 
_refine.ls_restrained_S_obs                      ? 
_refine.ls_shift_over_esd_max                    ? 
_refine.ls_shift_over_esd_mean                   ? 
_refine.ls_structure_factor_coef                 ? 
_refine.ls_weighting_details                     ? 
_refine.ls_weighting_scheme                      ? 
_refine.ls_wR_factor_all                         ? 
_refine.ls_wR_factor_obs                         ? 
_refine.ls_wR_factor_R_free                      ? 
_refine.ls_wR_factor_R_work                      ? 
_refine.occupancy_max                            ? 
_refine.occupancy_min                            ? 
_refine.solvent_model_details                    ? 
_refine.solvent_model_param_bsol                 ? 
_refine.solvent_model_param_ksol                 ? 
_refine.ls_R_factor_gt                           ? 
_refine.ls_goodness_of_fit_gt                    ? 
_refine.ls_goodness_of_fit_ref                   ? 
_refine.ls_shift_over_su_max                     ? 
_refine.ls_shift_over_su_max_lt                  ? 
_refine.ls_shift_over_su_mean                    ? 
_refine.ls_shift_over_su_mean_lt                 ? 
_refine.pdbx_ls_sigma_I                          ? 
_refine.pdbx_ls_sigma_F                          ? 
_refine.pdbx_ls_sigma_Fsqd                       ? 
_refine.pdbx_data_cutoff_high_absF               ? 
_refine.pdbx_data_cutoff_high_rms_absF           ? 
_refine.pdbx_data_cutoff_low_absF                ? 
_refine.pdbx_isotropic_thermal_model             ? 
_refine.pdbx_ls_cross_valid_method               'FREE R-VALUE' 
_refine.pdbx_method_to_determine_struct          'MOLECULAR REPLACEMENT' 
_refine.pdbx_starting_model                      5T7U 
_refine.pdbx_stereochemistry_target_values       ? 
_refine.pdbx_R_Free_selection_details            RANDOM 
_refine.pdbx_stereochem_target_val_spec_case     ? 
_refine.pdbx_overall_ESU_R                       0.236 
_refine.pdbx_overall_ESU_R_Free                  0.191 
_refine.pdbx_solvent_vdw_probe_radii             1.20 
_refine.pdbx_solvent_ion_probe_radii             0.70 
_refine.pdbx_solvent_shrinkage_radii             0.70 
_refine.pdbx_real_space_R                        ? 
_refine.pdbx_density_correlation                 ? 
_refine.pdbx_pd_number_of_powder_patterns        ? 
_refine.pdbx_pd_number_of_points                 ? 
_refine.pdbx_pd_meas_number_of_points            ? 
_refine.pdbx_pd_proc_ls_prof_R_factor            ? 
_refine.pdbx_pd_proc_ls_prof_wR_factor           ? 
_refine.pdbx_pd_Marquardt_correlation_coeff      ? 
_refine.pdbx_pd_Fsqrd_R_factor                   ? 
_refine.pdbx_pd_ls_matrix_band_width             ? 
_refine.pdbx_overall_phase_error                 ? 
_refine.pdbx_overall_SU_R_free_Cruickshank_DPI   ? 
_refine.pdbx_overall_SU_R_free_Blow_DPI          ? 
_refine.pdbx_overall_SU_R_Blow_DPI               ? 
_refine.pdbx_TLS_residual_ADP_flag               ? 
_refine.pdbx_diffrn_id                           1 
_refine.overall_SU_B                             6.630 
_refine.overall_SU_ML                            0.162 
_refine.overall_SU_R_Cruickshank_DPI             ? 
_refine.overall_SU_R_free                        ? 
_refine.overall_FOM_free_R_set                   ? 
_refine.overall_FOM_work_R_set                   ? 
_refine.pdbx_average_fsc_overall                 ? 
_refine.pdbx_average_fsc_work                    ? 
_refine.pdbx_average_fsc_free                    ? 
# 
_refine_hist.pdbx_refine_id                   'X-RAY DIFFRACTION' 
_refine_hist.cycle_id                         1 
_refine_hist.pdbx_number_atoms_protein        1175 
_refine_hist.pdbx_number_atoms_nucleic_acid   0 
_refine_hist.pdbx_number_atoms_ligand         18 
_refine_hist.number_atoms_solvent             112 
_refine_hist.number_atoms_total               1305 
_refine_hist.d_res_high                       2.10 
_refine_hist.d_res_low                        26.90 
# 
loop_
_refine_ls_restr.pdbx_refine_id 
_refine_ls_restr.criterion 
_refine_ls_restr.dev_ideal 
_refine_ls_restr.dev_ideal_target 
_refine_ls_restr.number 
_refine_ls_restr.rejects 
_refine_ls_restr.type 
_refine_ls_restr.weight 
_refine_ls_restr.pdbx_restraint_function 
'X-RAY DIFFRACTION' ? 0.007  0.019  1228 ? r_bond_refined_d             ? ? 
'X-RAY DIFFRACTION' ? 0.001  0.020  1188 ? r_bond_other_d               ? ? 
'X-RAY DIFFRACTION' ? 1.307  1.965  1664 ? r_angle_refined_deg          ? ? 
'X-RAY DIFFRACTION' ? 0.829  3.000  2735 ? r_angle_other_deg            ? ? 
'X-RAY DIFFRACTION' ? 6.539  5.000  148  ? r_dihedral_angle_1_deg       ? ? 
'X-RAY DIFFRACTION' ? 31.365 23.684 57   ? r_dihedral_angle_2_deg       ? ? 
'X-RAY DIFFRACTION' ? 12.997 15.000 205  ? r_dihedral_angle_3_deg       ? ? 
'X-RAY DIFFRACTION' ? 12.531 15.000 8    ? r_dihedral_angle_4_deg       ? ? 
'X-RAY DIFFRACTION' ? 0.077  0.200  186  ? r_chiral_restr               ? ? 
'X-RAY DIFFRACTION' ? 0.005  0.021  1362 ? r_gen_planes_refined         ? ? 
'X-RAY DIFFRACTION' ? 0.001  0.020  288  ? r_gen_planes_other           ? ? 
'X-RAY DIFFRACTION' ? ?      ?      ?    ? r_nbd_refined                ? ? 
'X-RAY DIFFRACTION' ? ?      ?      ?    ? r_nbd_other                  ? ? 
'X-RAY DIFFRACTION' ? ?      ?      ?    ? r_nbtor_refined              ? ? 
'X-RAY DIFFRACTION' ? ?      ?      ?    ? r_nbtor_other                ? ? 
'X-RAY DIFFRACTION' ? ?      ?      ?    ? r_xyhbond_nbd_refined        ? ? 
'X-RAY DIFFRACTION' ? ?      ?      ?    ? r_xyhbond_nbd_other          ? ? 
'X-RAY DIFFRACTION' ? ?      ?      ?    ? r_metal_ion_refined          ? ? 
'X-RAY DIFFRACTION' ? ?      ?      ?    ? r_metal_ion_other            ? ? 
'X-RAY DIFFRACTION' ? ?      ?      ?    ? r_symmetry_vdw_refined       ? ? 
'X-RAY DIFFRACTION' ? ?      ?      ?    ? r_symmetry_vdw_other         ? ? 
'X-RAY DIFFRACTION' ? ?      ?      ?    ? r_symmetry_hbond_refined     ? ? 
'X-RAY DIFFRACTION' ? ?      ?      ?    ? r_symmetry_hbond_other       ? ? 
'X-RAY DIFFRACTION' ? ?      ?      ?    ? r_symmetry_metal_ion_refined ? ? 
'X-RAY DIFFRACTION' ? ?      ?      ?    ? r_symmetry_metal_ion_other   ? ? 
'X-RAY DIFFRACTION' ? 3.479  2.291  589  ? r_mcbond_it                  ? ? 
'X-RAY DIFFRACTION' ? 3.481  2.286  588  ? r_mcbond_other               ? ? 
'X-RAY DIFFRACTION' ? 4.805  3.418  735  ? r_mcangle_it                 ? ? 
'X-RAY DIFFRACTION' ? 4.806  3.423  736  ? r_mcangle_other              ? ? 
'X-RAY DIFFRACTION' ? 5.438  2.869  639  ? r_scbond_it                  ? ? 
'X-RAY DIFFRACTION' ? 5.432  2.869  639  ? r_scbond_other               ? ? 
'X-RAY DIFFRACTION' ? ?      ?      ?    ? r_scangle_it                 ? ? 
'X-RAY DIFFRACTION' ? 7.900  4.060  929  ? r_scangle_other              ? ? 
'X-RAY DIFFRACTION' ? 9.807  19.380 1294 ? r_long_range_B_refined       ? ? 
'X-RAY DIFFRACTION' ? 9.804  19.387 1295 ? r_long_range_B_other         ? ? 
'X-RAY DIFFRACTION' ? ?      ?      ?    ? r_rigid_bond_restr           ? ? 
'X-RAY DIFFRACTION' ? ?      ?      ?    ? r_sphericity_free            ? ? 
'X-RAY DIFFRACTION' ? ?      ?      ?    ? r_sphericity_bonded          ? ? 
# 
_refine_ls_shell.pdbx_refine_id                   'X-RAY DIFFRACTION' 
_refine_ls_shell.d_res_high                       2.100 
_refine_ls_shell.d_res_low                        2.155 
_refine_ls_shell.number_reflns_all                ? 
_refine_ls_shell.number_reflns_obs                ? 
_refine_ls_shell.number_reflns_R_free             38 
_refine_ls_shell.number_reflns_R_work             733 
_refine_ls_shell.percent_reflns_obs               94.60 
_refine_ls_shell.percent_reflns_R_free            ? 
_refine_ls_shell.R_factor_all                     ? 
_refine_ls_shell.R_factor_obs                     ? 
_refine_ls_shell.R_factor_R_free                  0.395 
_refine_ls_shell.R_factor_R_free_error            ? 
_refine_ls_shell.R_factor_R_work                  0.331 
_refine_ls_shell.redundancy_reflns_all            ? 
_refine_ls_shell.redundancy_reflns_obs            ? 
_refine_ls_shell.wR_factor_all                    ? 
_refine_ls_shell.wR_factor_obs                    ? 
_refine_ls_shell.wR_factor_R_free                 ? 
_refine_ls_shell.wR_factor_R_work                 ? 
_refine_ls_shell.pdbx_total_number_of_bins_used   20 
_refine_ls_shell.pdbx_phase_error                 ? 
_refine_ls_shell.pdbx_fsc_work                    ? 
_refine_ls_shell.pdbx_fsc_free                    ? 
# 
_struct.entry_id                     5VWG 
_struct.title                        
'Galectin-8 N terminal domain in complex with Methyl 3-O-[1-carboxyethyl]-beta-D-galactopyranoside' 
_struct.pdbx_model_details           ? 
_struct.pdbx_formula_weight          ? 
_struct.pdbx_formula_weight_method   ? 
_struct.pdbx_model_type_details      ? 
_struct.pdbx_CASP_flag               N 
# 
_struct_keywords.entry_id        5VWG 
_struct_keywords.text            
;carbohydrate binding protein, galectin-8N terminal domain, galectin-8N in complex with designed ligand, Methyl 3-O-[1-carboxyehtyl]-b-D-galactopyranoside, SUGAR BINDING PROTEIN
;
_struct_keywords.pdbx_keywords   'SUGAR BINDING PROTEIN' 
# 
loop_
_struct_asym.id 
_struct_asym.pdbx_blank_PDB_chainid_flag 
_struct_asym.pdbx_modified 
_struct_asym.entity_id 
_struct_asym.details 
A N N 1 ? 
B N N 2 ? 
C N N 3 ? 
# 
_struct_ref.id                         1 
_struct_ref.db_name                    UNP 
_struct_ref.db_code                    LEG8_HUMAN 
_struct_ref.pdbx_db_accession          O00214 
_struct_ref.pdbx_db_isoform            ? 
_struct_ref.entity_id                  1 
_struct_ref.pdbx_seq_one_letter_code   
;MMLSLNNLQNIIYNPVIPFVGTIPDQLDPGTLIVIRGHVPSDADRFQVDLQNGSSMKPRADVAFHFNPRFKRAGCIVCNT
LINEKWGREEITYDTPFKREKSFEIVIMVLKDKFQVAVNGKHTLLYGHRIGPEKIDTLGIYGKVNIHSIGFSFSS
;
_struct_ref.pdbx_align_begin           1 
# 
_struct_ref_seq.align_id                      1 
_struct_ref_seq.ref_id                        1 
_struct_ref_seq.pdbx_PDB_id_code              5VWG 
_struct_ref_seq.pdbx_strand_id                A 
_struct_ref_seq.seq_align_beg                 1 
_struct_ref_seq.pdbx_seq_align_beg_ins_code   ? 
_struct_ref_seq.seq_align_end                 155 
_struct_ref_seq.pdbx_seq_align_end_ins_code   ? 
_struct_ref_seq.pdbx_db_accession             O00214 
_struct_ref_seq.db_align_beg                  1 
_struct_ref_seq.pdbx_db_align_beg_ins_code    ? 
_struct_ref_seq.db_align_end                  155 
_struct_ref_seq.pdbx_db_align_end_ins_code    ? 
_struct_ref_seq.pdbx_auth_seq_align_beg       1 
_struct_ref_seq.pdbx_auth_seq_align_end       155 
# 
_struct_ref_seq_dif.align_id                     1 
_struct_ref_seq_dif.pdbx_pdb_id_code             5VWG 
_struct_ref_seq_dif.mon_id                       VAL 
_struct_ref_seq_dif.pdbx_pdb_strand_id           A 
_struct_ref_seq_dif.seq_num                      56 
_struct_ref_seq_dif.pdbx_pdb_ins_code            ? 
_struct_ref_seq_dif.pdbx_seq_db_name             UNP 
_struct_ref_seq_dif.pdbx_seq_db_accession_code   O00214 
_struct_ref_seq_dif.db_mon_id                    MET 
_struct_ref_seq_dif.pdbx_seq_db_seq_num          56 
_struct_ref_seq_dif.details                      'engineered mutation' 
_struct_ref_seq_dif.pdbx_auth_seq_num            56 
_struct_ref_seq_dif.pdbx_ordinal                 1 
# 
_pdbx_struct_assembly.id                   1 
_pdbx_struct_assembly.details              author_and_software_defined_assembly 
_pdbx_struct_assembly.method_details       PISA 
_pdbx_struct_assembly.oligomeric_details   monomeric 
_pdbx_struct_assembly.oligomeric_count     1 
# 
_pdbx_struct_assembly_gen.assembly_id       1 
_pdbx_struct_assembly_gen.oper_expression   1 
_pdbx_struct_assembly_gen.asym_id_list      A,B,C 
# 
_pdbx_struct_assembly_auth_evidence.id                     1 
_pdbx_struct_assembly_auth_evidence.assembly_id            1 
_pdbx_struct_assembly_auth_evidence.experimental_support   none 
_pdbx_struct_assembly_auth_evidence.details                ? 
# 
_pdbx_struct_oper_list.id                   1 
_pdbx_struct_oper_list.type                 'identity operation' 
_pdbx_struct_oper_list.name                 1_555 
_pdbx_struct_oper_list.symmetry_operation   x,y,z 
_pdbx_struct_oper_list.matrix[1][1]         1.0000000000 
_pdbx_struct_oper_list.matrix[1][2]         0.0000000000 
_pdbx_struct_oper_list.matrix[1][3]         0.0000000000 
_pdbx_struct_oper_list.vector[1]            0.0000000000 
_pdbx_struct_oper_list.matrix[2][1]         0.0000000000 
_pdbx_struct_oper_list.matrix[2][2]         1.0000000000 
_pdbx_struct_oper_list.matrix[2][3]         0.0000000000 
_pdbx_struct_oper_list.vector[2]            0.0000000000 
_pdbx_struct_oper_list.matrix[3][1]         0.0000000000 
_pdbx_struct_oper_list.matrix[3][2]         0.0000000000 
_pdbx_struct_oper_list.matrix[3][3]         1.0000000000 
_pdbx_struct_oper_list.vector[3]            0.0000000000 
# 
_struct_conf.conf_type_id            HELX_P 
_struct_conf.id                      HELX_P1 
_struct_conf.pdbx_PDB_helix_id       AA1 
_struct_conf.beg_label_comp_id       GLY 
_struct_conf.beg_label_asym_id       A 
_struct_conf.beg_label_seq_id        131 
_struct_conf.pdbx_beg_PDB_ins_code   ? 
_struct_conf.end_label_comp_id       ILE 
_struct_conf.end_label_asym_id       A 
_struct_conf.end_label_seq_id        135 
_struct_conf.pdbx_end_PDB_ins_code   ? 
_struct_conf.beg_auth_comp_id        GLY 
_struct_conf.beg_auth_asym_id        A 
_struct_conf.beg_auth_seq_id         131 
_struct_conf.end_auth_comp_id        ILE 
_struct_conf.end_auth_asym_id        A 
_struct_conf.end_auth_seq_id         135 
_struct_conf.pdbx_PDB_helix_class    5 
_struct_conf.details                 ? 
_struct_conf.pdbx_PDB_helix_length   5 
# 
_struct_conf_type.id          HELX_P 
_struct_conf_type.criteria    ? 
_struct_conf_type.reference   ? 
# 
loop_
_struct_conn.id 
_struct_conn.conn_type_id 
_struct_conn.pdbx_leaving_atom_flag 
_struct_conn.pdbx_PDB_id 
_struct_conn.ptnr1_label_asym_id 
_struct_conn.ptnr1_label_comp_id 
_struct_conn.ptnr1_label_seq_id 
_struct_conn.ptnr1_label_atom_id 
_struct_conn.pdbx_ptnr1_label_alt_id 
_struct_conn.pdbx_ptnr1_PDB_ins_code 
_struct_conn.pdbx_ptnr1_standard_comp_id 
_struct_conn.ptnr1_symmetry 
_struct_conn.ptnr2_label_asym_id 
_struct_conn.ptnr2_label_comp_id 
_struct_conn.ptnr2_label_seq_id 
_struct_conn.ptnr2_label_atom_id 
_struct_conn.pdbx_ptnr2_label_alt_id 
_struct_conn.pdbx_ptnr2_PDB_ins_code 
_struct_conn.ptnr1_auth_asym_id 
_struct_conn.ptnr1_auth_comp_id 
_struct_conn.ptnr1_auth_seq_id 
_struct_conn.ptnr2_auth_asym_id 
_struct_conn.ptnr2_auth_comp_id 
_struct_conn.ptnr2_auth_seq_id 
_struct_conn.ptnr2_symmetry 
_struct_conn.pdbx_ptnr3_label_atom_id 
_struct_conn.pdbx_ptnr3_label_seq_id 
_struct_conn.pdbx_ptnr3_label_comp_id 
_struct_conn.pdbx_ptnr3_label_asym_id 
_struct_conn.pdbx_ptnr3_label_alt_id 
_struct_conn.pdbx_ptnr3_PDB_ins_code 
_struct_conn.details 
_struct_conn.pdbx_dist_value 
_struct_conn.pdbx_value_order 
_struct_conn.pdbx_role 
covale1 covale both ? A GLY 74 C ? ? ? 1_555 A CSO 75 N ? ? A GLY 74 A CSO 75 1_555 ? ? ? ? ? ? ? 1.328 ? ? 
covale2 covale both ? A CSO 75 C ? ? ? 1_555 A ILE 76 N ? ? A CSO 75 A ILE 76 1_555 ? ? ? ? ? ? ? 1.328 ? ? 
# 
_struct_conn_type.id          covale 
_struct_conn_type.criteria    ? 
_struct_conn_type.reference   ? 
# 
_pdbx_modification_feature.ordinal                            1 
_pdbx_modification_feature.label_comp_id                      CSO 
_pdbx_modification_feature.label_asym_id                      A 
_pdbx_modification_feature.label_seq_id                       75 
_pdbx_modification_feature.label_alt_id                       ? 
_pdbx_modification_feature.modified_residue_label_comp_id     . 
_pdbx_modification_feature.modified_residue_label_asym_id     . 
_pdbx_modification_feature.modified_residue_label_seq_id      . 
_pdbx_modification_feature.modified_residue_label_alt_id      . 
_pdbx_modification_feature.auth_comp_id                       CSO 
_pdbx_modification_feature.auth_asym_id                       A 
_pdbx_modification_feature.auth_seq_id                        75 
_pdbx_modification_feature.PDB_ins_code                       ? 
_pdbx_modification_feature.symmetry                           1_555 
_pdbx_modification_feature.modified_residue_auth_comp_id      . 
_pdbx_modification_feature.modified_residue_auth_asym_id      . 
_pdbx_modification_feature.modified_residue_auth_seq_id       . 
_pdbx_modification_feature.modified_residue_PDB_ins_code      . 
_pdbx_modification_feature.modified_residue_symmetry          . 
_pdbx_modification_feature.comp_id_linking_atom               . 
_pdbx_modification_feature.modified_residue_id_linking_atom   . 
_pdbx_modification_feature.modified_residue_id                CYS 
_pdbx_modification_feature.ref_pcm_id                         1 
_pdbx_modification_feature.ref_comp_id                        CSO 
_pdbx_modification_feature.type                               Hydroxylation 
_pdbx_modification_feature.category                           'Named protein modification' 
# 
loop_
_struct_mon_prot_cis.pdbx_id 
_struct_mon_prot_cis.label_comp_id 
_struct_mon_prot_cis.label_seq_id 
_struct_mon_prot_cis.label_asym_id 
_struct_mon_prot_cis.label_alt_id 
_struct_mon_prot_cis.pdbx_PDB_ins_code 
_struct_mon_prot_cis.auth_comp_id 
_struct_mon_prot_cis.auth_seq_id 
_struct_mon_prot_cis.auth_asym_id 
_struct_mon_prot_cis.pdbx_label_comp_id_2 
_struct_mon_prot_cis.pdbx_label_seq_id_2 
_struct_mon_prot_cis.pdbx_label_asym_id_2 
_struct_mon_prot_cis.pdbx_PDB_ins_code_2 
_struct_mon_prot_cis.pdbx_auth_comp_id_2 
_struct_mon_prot_cis.pdbx_auth_seq_id_2 
_struct_mon_prot_cis.pdbx_auth_asym_id_2 
_struct_mon_prot_cis.pdbx_PDB_model_num 
_struct_mon_prot_cis.pdbx_omega_angle 
1 ILE 17 A . ? ILE 17 A PRO 18 A ? PRO 18 A 1 5.10  
2 LYS 57 A . ? LYS 57 A PRO 58 A ? PRO 58 A 1 -9.34 
# 
loop_
_struct_sheet.id 
_struct_sheet.type 
_struct_sheet.number_strands 
_struct_sheet.details 
AA1 ? 6 ? 
AA2 ? 6 ? 
AA3 ? 6 ? 
# 
loop_
_struct_sheet_order.sheet_id 
_struct_sheet_order.range_id_1 
_struct_sheet_order.range_id_2 
_struct_sheet_order.offset 
_struct_sheet_order.sense 
AA1 1 2 ? anti-parallel 
AA1 2 3 ? anti-parallel 
AA1 3 4 ? anti-parallel 
AA1 4 5 ? anti-parallel 
AA1 5 6 ? anti-parallel 
AA2 1 2 ? anti-parallel 
AA2 2 3 ? anti-parallel 
AA2 3 4 ? anti-parallel 
AA2 4 5 ? anti-parallel 
AA2 5 6 ? anti-parallel 
AA3 1 2 ? anti-parallel 
AA3 2 3 ? anti-parallel 
AA3 3 4 ? anti-parallel 
AA3 4 5 ? anti-parallel 
AA3 5 6 ? anti-parallel 
# 
loop_
_struct_sheet_range.sheet_id 
_struct_sheet_range.id 
_struct_sheet_range.beg_label_comp_id 
_struct_sheet_range.beg_label_asym_id 
_struct_sheet_range.beg_label_seq_id 
_struct_sheet_range.pdbx_beg_PDB_ins_code 
_struct_sheet_range.end_label_comp_id 
_struct_sheet_range.end_label_asym_id 
_struct_sheet_range.end_label_seq_id 
_struct_sheet_range.pdbx_end_PDB_ins_code 
_struct_sheet_range.beg_auth_comp_id 
_struct_sheet_range.beg_auth_asym_id 
_struct_sheet_range.beg_auth_seq_id 
_struct_sheet_range.end_auth_comp_id 
_struct_sheet_range.end_auth_asym_id 
_struct_sheet_range.end_auth_seq_id 
AA1 1 GLN A 9   ? TYR A 13  ? GLN A 9   TYR A 13  
AA1 2 ASN A 145 ? SER A 152 ? ASN A 145 SER A 152 
AA1 3 LEU A 32  ? HIS A 38  ? LEU A 32  HIS A 38  
AA1 4 SER A 102 ? VAL A 109 ? SER A 102 VAL A 109 
AA1 5 LYS A 113 ? VAL A 118 ? LYS A 113 VAL A 118 
AA1 6 LYS A 121 ? GLY A 127 ? LYS A 121 GLY A 127 
AA2 1 PHE A 19  ? THR A 22  ? PHE A 19  THR A 22  
AA2 2 THR A 137 ? GLY A 142 ? THR A 137 GLY A 142 
AA2 3 PHE A 46  ? ASN A 52  ? PHE A 46  ASN A 52  
AA2 4 ASP A 61  ? ARG A 69  ? ASP A 61  ARG A 69  
AA2 5 CSO A 75  ? ILE A 82  ? CSO A 75  ILE A 82  
AA2 6 LYS A 85  ? TRP A 86  ? LYS A 85  TRP A 86  
AA3 1 PHE A 19  ? THR A 22  ? PHE A 19  THR A 22  
AA3 2 THR A 137 ? GLY A 142 ? THR A 137 GLY A 142 
AA3 3 PHE A 46  ? ASN A 52  ? PHE A 46  ASN A 52  
AA3 4 ASP A 61  ? ARG A 69  ? ASP A 61  ARG A 69  
AA3 5 CSO A 75  ? ILE A 82  ? CSO A 75  ILE A 82  
AA3 6 GLU A 90  ? THR A 92  ? GLU A 90  THR A 92  
# 
loop_
_pdbx_struct_sheet_hbond.sheet_id 
_pdbx_struct_sheet_hbond.range_id_1 
_pdbx_struct_sheet_hbond.range_id_2 
_pdbx_struct_sheet_hbond.range_1_label_atom_id 
_pdbx_struct_sheet_hbond.range_1_label_comp_id 
_pdbx_struct_sheet_hbond.range_1_label_asym_id 
_pdbx_struct_sheet_hbond.range_1_label_seq_id 
_pdbx_struct_sheet_hbond.range_1_PDB_ins_code 
_pdbx_struct_sheet_hbond.range_1_auth_atom_id 
_pdbx_struct_sheet_hbond.range_1_auth_comp_id 
_pdbx_struct_sheet_hbond.range_1_auth_asym_id 
_pdbx_struct_sheet_hbond.range_1_auth_seq_id 
_pdbx_struct_sheet_hbond.range_2_label_atom_id 
_pdbx_struct_sheet_hbond.range_2_label_comp_id 
_pdbx_struct_sheet_hbond.range_2_label_asym_id 
_pdbx_struct_sheet_hbond.range_2_label_seq_id 
_pdbx_struct_sheet_hbond.range_2_PDB_ins_code 
_pdbx_struct_sheet_hbond.range_2_auth_atom_id 
_pdbx_struct_sheet_hbond.range_2_auth_comp_id 
_pdbx_struct_sheet_hbond.range_2_auth_asym_id 
_pdbx_struct_sheet_hbond.range_2_auth_seq_id 
AA1 1 2 N GLN A 9   ? N GLN A 9   O PHE A 151 ? O PHE A 151 
AA1 2 3 O GLY A 150 ? O GLY A 150 N VAL A 34  ? N VAL A 34  
AA1 3 4 N ILE A 33  ? N ILE A 33  O ILE A 107 ? O ILE A 107 
AA1 4 5 N MET A 108 ? N MET A 108 O GLN A 115 ? O GLN A 115 
AA1 5 6 N PHE A 114 ? N PHE A 114 O TYR A 126 ? O TYR A 126 
AA2 1 2 N GLY A 21  ? N GLY A 21  O LEU A 138 ? O LEU A 138 
AA2 2 3 O THR A 137 ? O THR A 137 N GLN A 51  ? N GLN A 51  
AA2 3 4 N LEU A 50  ? N LEU A 50  O PHE A 64  ? O PHE A 64  
AA2 4 5 N ARG A 69  ? N ARG A 69  O CSO A 75  ? O CSO A 75  
AA2 5 6 N ILE A 82  ? N ILE A 82  O LYS A 85  ? O LYS A 85  
AA3 1 2 N GLY A 21  ? N GLY A 21  O LEU A 138 ? O LEU A 138 
AA3 2 3 O THR A 137 ? O THR A 137 N GLN A 51  ? N GLN A 51  
AA3 3 4 N LEU A 50  ? N LEU A 50  O PHE A 64  ? O PHE A 64  
AA3 4 5 N ARG A 69  ? N ARG A 69  O CSO A 75  ? O CSO A 75  
AA3 5 6 N ILE A 76  ? N ILE A 76  O THR A 92  ? O THR A 92  
# 
_pdbx_entry_details.entry_id                   5VWG 
_pdbx_entry_details.compound_details           ? 
_pdbx_entry_details.source_details             ? 
_pdbx_entry_details.nonpolymer_details         ? 
_pdbx_entry_details.sequence_details           ? 
_pdbx_entry_details.has_ligand_of_interest     ? 
_pdbx_entry_details.has_protein_modification   Y 
# 
_pdbx_validate_torsion.id              1 
_pdbx_validate_torsion.PDB_model_num   1 
_pdbx_validate_torsion.auth_comp_id    ARG 
_pdbx_validate_torsion.auth_asym_id    A 
_pdbx_validate_torsion.auth_seq_id     72 
_pdbx_validate_torsion.PDB_ins_code    ? 
_pdbx_validate_torsion.label_alt_id    ? 
_pdbx_validate_torsion.phi             57.75 
_pdbx_validate_torsion.psi             -125.90 
# 
_pdbx_struct_mod_residue.id               1 
_pdbx_struct_mod_residue.label_asym_id    A 
_pdbx_struct_mod_residue.label_comp_id    CSO 
_pdbx_struct_mod_residue.label_seq_id     75 
_pdbx_struct_mod_residue.auth_asym_id     A 
_pdbx_struct_mod_residue.auth_comp_id     CSO 
_pdbx_struct_mod_residue.auth_seq_id      75 
_pdbx_struct_mod_residue.PDB_ins_code     ? 
_pdbx_struct_mod_residue.parent_comp_id   CYS 
_pdbx_struct_mod_residue.details          'modified residue' 
# 
loop_
_pdbx_unobs_or_zero_occ_residues.id 
_pdbx_unobs_or_zero_occ_residues.PDB_model_num 
_pdbx_unobs_or_zero_occ_residues.polymer_flag 
_pdbx_unobs_or_zero_occ_residues.occupancy_flag 
_pdbx_unobs_or_zero_occ_residues.auth_asym_id 
_pdbx_unobs_or_zero_occ_residues.auth_comp_id 
_pdbx_unobs_or_zero_occ_residues.auth_seq_id 
_pdbx_unobs_or_zero_occ_residues.PDB_ins_code 
_pdbx_unobs_or_zero_occ_residues.label_asym_id 
_pdbx_unobs_or_zero_occ_residues.label_comp_id 
_pdbx_unobs_or_zero_occ_residues.label_seq_id 
1 1 Y 1 A MET 1   ? A MET 1   
2 1 Y 1 A MET 2   ? A MET 2   
3 1 Y 1 A LEU 3   ? A LEU 3   
4 1 Y 1 A SER 4   ? A SER 4   
5 1 Y 1 A LEU 5   ? A LEU 5   
6 1 Y 1 A ASN 6   ? A ASN 6   
7 1 Y 1 A ASN 7   ? A ASN 7   
8 1 Y 1 A SER 155 ? A SER 155 
# 
loop_
_chem_comp_atom.comp_id 
_chem_comp_atom.atom_id 
_chem_comp_atom.type_symbol 
_chem_comp_atom.pdbx_aromatic_flag 
_chem_comp_atom.pdbx_stereo_config 
_chem_comp_atom.pdbx_ordinal 
9QG O1   O N N 1   
9QG O5   O N N 2   
9QG C6   C N N 3   
9QG O6   O N N 4   
9QG C1   C N R 5   
9QG C2   C N R 6   
9QG C3   C N S 7   
9QG C4   C N S 8   
9QG C5   C N R 9   
9QG O2   O N N 10  
9QG O3   O N N 11  
9QG O4   O N N 12  
9QG OAR  O N N 13  
9QG CAP  C N N 14  
9QG OAQ  O N N 15  
9QG CAM  C N R 16  
9QG CAN  C N N 17  
9QG CAO  C N N 18  
9QG H61  H N N 19  
9QG H62  H N N 20  
9QG HO6  H N N 21  
9QG H1   H N N 22  
9QG H2   H N N 23  
9QG H3   H N N 24  
9QG H4   H N N 25  
9QG H5   H N N 26  
9QG HO2  H N N 27  
9QG HO4  H N N 28  
9QG H11  H N N 29  
9QG H12  H N N 30  
9QG H13  H N N 31  
9QG H14  H N N 32  
9QG H15  H N N 33  
9QG H16  H N N 34  
9QG H17  H N N 35  
9QG H18  H N N 36  
ALA N    N N N 37  
ALA CA   C N S 38  
ALA C    C N N 39  
ALA O    O N N 40  
ALA CB   C N N 41  
ALA OXT  O N N 42  
ALA H    H N N 43  
ALA H2   H N N 44  
ALA HA   H N N 45  
ALA HB1  H N N 46  
ALA HB2  H N N 47  
ALA HB3  H N N 48  
ALA HXT  H N N 49  
ARG N    N N N 50  
ARG CA   C N S 51  
ARG C    C N N 52  
ARG O    O N N 53  
ARG CB   C N N 54  
ARG CG   C N N 55  
ARG CD   C N N 56  
ARG NE   N N N 57  
ARG CZ   C N N 58  
ARG NH1  N N N 59  
ARG NH2  N N N 60  
ARG OXT  O N N 61  
ARG H    H N N 62  
ARG H2   H N N 63  
ARG HA   H N N 64  
ARG HB2  H N N 65  
ARG HB3  H N N 66  
ARG HG2  H N N 67  
ARG HG3  H N N 68  
ARG HD2  H N N 69  
ARG HD3  H N N 70  
ARG HE   H N N 71  
ARG HH11 H N N 72  
ARG HH12 H N N 73  
ARG HH21 H N N 74  
ARG HH22 H N N 75  
ARG HXT  H N N 76  
ASN N    N N N 77  
ASN CA   C N S 78  
ASN C    C N N 79  
ASN O    O N N 80  
ASN CB   C N N 81  
ASN CG   C N N 82  
ASN OD1  O N N 83  
ASN ND2  N N N 84  
ASN OXT  O N N 85  
ASN H    H N N 86  
ASN H2   H N N 87  
ASN HA   H N N 88  
ASN HB2  H N N 89  
ASN HB3  H N N 90  
ASN HD21 H N N 91  
ASN HD22 H N N 92  
ASN HXT  H N N 93  
ASP N    N N N 94  
ASP CA   C N S 95  
ASP C    C N N 96  
ASP O    O N N 97  
ASP CB   C N N 98  
ASP CG   C N N 99  
ASP OD1  O N N 100 
ASP OD2  O N N 101 
ASP OXT  O N N 102 
ASP H    H N N 103 
ASP H2   H N N 104 
ASP HA   H N N 105 
ASP HB2  H N N 106 
ASP HB3  H N N 107 
ASP HD2  H N N 108 
ASP HXT  H N N 109 
CSO N    N N N 110 
CSO CA   C N R 111 
CSO CB   C N N 112 
CSO SG   S N N 113 
CSO C    C N N 114 
CSO O    O N N 115 
CSO OXT  O N N 116 
CSO OD   O N N 117 
CSO H    H N N 118 
CSO H2   H N N 119 
CSO HA   H N N 120 
CSO HB2  H N N 121 
CSO HB3  H N N 122 
CSO HXT  H N N 123 
CSO HD   H N N 124 
CYS N    N N N 125 
CYS CA   C N R 126 
CYS C    C N N 127 
CYS O    O N N 128 
CYS CB   C N N 129 
CYS SG   S N N 130 
CYS OXT  O N N 131 
CYS H    H N N 132 
CYS H2   H N N 133 
CYS HA   H N N 134 
CYS HB2  H N N 135 
CYS HB3  H N N 136 
CYS HG   H N N 137 
CYS HXT  H N N 138 
GLN N    N N N 139 
GLN CA   C N S 140 
GLN C    C N N 141 
GLN O    O N N 142 
GLN CB   C N N 143 
GLN CG   C N N 144 
GLN CD   C N N 145 
GLN OE1  O N N 146 
GLN NE2  N N N 147 
GLN OXT  O N N 148 
GLN H    H N N 149 
GLN H2   H N N 150 
GLN HA   H N N 151 
GLN HB2  H N N 152 
GLN HB3  H N N 153 
GLN HG2  H N N 154 
GLN HG3  H N N 155 
GLN HE21 H N N 156 
GLN HE22 H N N 157 
GLN HXT  H N N 158 
GLU N    N N N 159 
GLU CA   C N S 160 
GLU C    C N N 161 
GLU O    O N N 162 
GLU CB   C N N 163 
GLU CG   C N N 164 
GLU CD   C N N 165 
GLU OE1  O N N 166 
GLU OE2  O N N 167 
GLU OXT  O N N 168 
GLU H    H N N 169 
GLU H2   H N N 170 
GLU HA   H N N 171 
GLU HB2  H N N 172 
GLU HB3  H N N 173 
GLU HG2  H N N 174 
GLU HG3  H N N 175 
GLU HE2  H N N 176 
GLU HXT  H N N 177 
GLY N    N N N 178 
GLY CA   C N N 179 
GLY C    C N N 180 
GLY O    O N N 181 
GLY OXT  O N N 182 
GLY H    H N N 183 
GLY H2   H N N 184 
GLY HA2  H N N 185 
GLY HA3  H N N 186 
GLY HXT  H N N 187 
HIS N    N N N 188 
HIS CA   C N S 189 
HIS C    C N N 190 
HIS O    O N N 191 
HIS CB   C N N 192 
HIS CG   C Y N 193 
HIS ND1  N Y N 194 
HIS CD2  C Y N 195 
HIS CE1  C Y N 196 
HIS NE2  N Y N 197 
HIS OXT  O N N 198 
HIS H    H N N 199 
HIS H2   H N N 200 
HIS HA   H N N 201 
HIS HB2  H N N 202 
HIS HB3  H N N 203 
HIS HD1  H N N 204 
HIS HD2  H N N 205 
HIS HE1  H N N 206 
HIS HE2  H N N 207 
HIS HXT  H N N 208 
HOH O    O N N 209 
HOH H1   H N N 210 
HOH H2   H N N 211 
ILE N    N N N 212 
ILE CA   C N S 213 
ILE C    C N N 214 
ILE O    O N N 215 
ILE CB   C N S 216 
ILE CG1  C N N 217 
ILE CG2  C N N 218 
ILE CD1  C N N 219 
ILE OXT  O N N 220 
ILE H    H N N 221 
ILE H2   H N N 222 
ILE HA   H N N 223 
ILE HB   H N N 224 
ILE HG12 H N N 225 
ILE HG13 H N N 226 
ILE HG21 H N N 227 
ILE HG22 H N N 228 
ILE HG23 H N N 229 
ILE HD11 H N N 230 
ILE HD12 H N N 231 
ILE HD13 H N N 232 
ILE HXT  H N N 233 
LEU N    N N N 234 
LEU CA   C N S 235 
LEU C    C N N 236 
LEU O    O N N 237 
LEU CB   C N N 238 
LEU CG   C N N 239 
LEU CD1  C N N 240 
LEU CD2  C N N 241 
LEU OXT  O N N 242 
LEU H    H N N 243 
LEU H2   H N N 244 
LEU HA   H N N 245 
LEU HB2  H N N 246 
LEU HB3  H N N 247 
LEU HG   H N N 248 
LEU HD11 H N N 249 
LEU HD12 H N N 250 
LEU HD13 H N N 251 
LEU HD21 H N N 252 
LEU HD22 H N N 253 
LEU HD23 H N N 254 
LEU HXT  H N N 255 
LYS N    N N N 256 
LYS CA   C N S 257 
LYS C    C N N 258 
LYS O    O N N 259 
LYS CB   C N N 260 
LYS CG   C N N 261 
LYS CD   C N N 262 
LYS CE   C N N 263 
LYS NZ   N N N 264 
LYS OXT  O N N 265 
LYS H    H N N 266 
LYS H2   H N N 267 
LYS HA   H N N 268 
LYS HB2  H N N 269 
LYS HB3  H N N 270 
LYS HG2  H N N 271 
LYS HG3  H N N 272 
LYS HD2  H N N 273 
LYS HD3  H N N 274 
LYS HE2  H N N 275 
LYS HE3  H N N 276 
LYS HZ1  H N N 277 
LYS HZ2  H N N 278 
LYS HZ3  H N N 279 
LYS HXT  H N N 280 
MET N    N N N 281 
MET CA   C N S 282 
MET C    C N N 283 
MET O    O N N 284 
MET CB   C N N 285 
MET CG   C N N 286 
MET SD   S N N 287 
MET CE   C N N 288 
MET OXT  O N N 289 
MET H    H N N 290 
MET H2   H N N 291 
MET HA   H N N 292 
MET HB2  H N N 293 
MET HB3  H N N 294 
MET HG2  H N N 295 
MET HG3  H N N 296 
MET HE1  H N N 297 
MET HE2  H N N 298 
MET HE3  H N N 299 
MET HXT  H N N 300 
PHE N    N N N 301 
PHE CA   C N S 302 
PHE C    C N N 303 
PHE O    O N N 304 
PHE CB   C N N 305 
PHE CG   C Y N 306 
PHE CD1  C Y N 307 
PHE CD2  C Y N 308 
PHE CE1  C Y N 309 
PHE CE2  C Y N 310 
PHE CZ   C Y N 311 
PHE OXT  O N N 312 
PHE H    H N N 313 
PHE H2   H N N 314 
PHE HA   H N N 315 
PHE HB2  H N N 316 
PHE HB3  H N N 317 
PHE HD1  H N N 318 
PHE HD2  H N N 319 
PHE HE1  H N N 320 
PHE HE2  H N N 321 
PHE HZ   H N N 322 
PHE HXT  H N N 323 
PRO N    N N N 324 
PRO CA   C N S 325 
PRO C    C N N 326 
PRO O    O N N 327 
PRO CB   C N N 328 
PRO CG   C N N 329 
PRO CD   C N N 330 
PRO OXT  O N N 331 
PRO H    H N N 332 
PRO HA   H N N 333 
PRO HB2  H N N 334 
PRO HB3  H N N 335 
PRO HG2  H N N 336 
PRO HG3  H N N 337 
PRO HD2  H N N 338 
PRO HD3  H N N 339 
PRO HXT  H N N 340 
SER N    N N N 341 
SER CA   C N S 342 
SER C    C N N 343 
SER O    O N N 344 
SER CB   C N N 345 
SER OG   O N N 346 
SER OXT  O N N 347 
SER H    H N N 348 
SER H2   H N N 349 
SER HA   H N N 350 
SER HB2  H N N 351 
SER HB3  H N N 352 
SER HG   H N N 353 
SER HXT  H N N 354 
THR N    N N N 355 
THR CA   C N S 356 
THR C    C N N 357 
THR O    O N N 358 
THR CB   C N R 359 
THR OG1  O N N 360 
THR CG2  C N N 361 
THR OXT  O N N 362 
THR H    H N N 363 
THR H2   H N N 364 
THR HA   H N N 365 
THR HB   H N N 366 
THR HG1  H N N 367 
THR HG21 H N N 368 
THR HG22 H N N 369 
THR HG23 H N N 370 
THR HXT  H N N 371 
TRP N    N N N 372 
TRP CA   C N S 373 
TRP C    C N N 374 
TRP O    O N N 375 
TRP CB   C N N 376 
TRP CG   C Y N 377 
TRP CD1  C Y N 378 
TRP CD2  C Y N 379 
TRP NE1  N Y N 380 
TRP CE2  C Y N 381 
TRP CE3  C Y N 382 
TRP CZ2  C Y N 383 
TRP CZ3  C Y N 384 
TRP CH2  C Y N 385 
TRP OXT  O N N 386 
TRP H    H N N 387 
TRP H2   H N N 388 
TRP HA   H N N 389 
TRP HB2  H N N 390 
TRP HB3  H N N 391 
TRP HD1  H N N 392 
TRP HE1  H N N 393 
TRP HE3  H N N 394 
TRP HZ2  H N N 395 
TRP HZ3  H N N 396 
TRP HH2  H N N 397 
TRP HXT  H N N 398 
TYR N    N N N 399 
TYR CA   C N S 400 
TYR C    C N N 401 
TYR O    O N N 402 
TYR CB   C N N 403 
TYR CG   C Y N 404 
TYR CD1  C Y N 405 
TYR CD2  C Y N 406 
TYR CE1  C Y N 407 
TYR CE2  C Y N 408 
TYR CZ   C Y N 409 
TYR OH   O N N 410 
TYR OXT  O N N 411 
TYR H    H N N 412 
TYR H2   H N N 413 
TYR HA   H N N 414 
TYR HB2  H N N 415 
TYR HB3  H N N 416 
TYR HD1  H N N 417 
TYR HD2  H N N 418 
TYR HE1  H N N 419 
TYR HE2  H N N 420 
TYR HH   H N N 421 
TYR HXT  H N N 422 
VAL N    N N N 423 
VAL CA   C N S 424 
VAL C    C N N 425 
VAL O    O N N 426 
VAL CB   C N N 427 
VAL CG1  C N N 428 
VAL CG2  C N N 429 
VAL OXT  O N N 430 
VAL H    H N N 431 
VAL H2   H N N 432 
VAL HA   H N N 433 
VAL HB   H N N 434 
VAL HG11 H N N 435 
VAL HG12 H N N 436 
VAL HG13 H N N 437 
VAL HG21 H N N 438 
VAL HG22 H N N 439 
VAL HG23 H N N 440 
VAL HXT  H N N 441 
# 
loop_
_chem_comp_bond.comp_id 
_chem_comp_bond.atom_id_1 
_chem_comp_bond.atom_id_2 
_chem_comp_bond.value_order 
_chem_comp_bond.pdbx_aromatic_flag 
_chem_comp_bond.pdbx_stereo_config 
_chem_comp_bond.pdbx_ordinal 
9QG OAQ CAP  doub N N 1   
9QG OAR CAP  sing N N 2   
9QG CAP CAM  sing N N 3   
9QG CAM CAN  sing N N 4   
9QG CAM O3   sing N N 5   
9QG O3  C3   sing N N 6   
9QG C4  C3   sing N N 7   
9QG C4  O4   sing N N 8   
9QG C4  C5   sing N N 9   
9QG C3  C2   sing N N 10  
9QG C6  O6   sing N N 11  
9QG C6  C5   sing N N 12  
9QG C5  O5   sing N N 13  
9QG C2  O2   sing N N 14  
9QG C2  C1   sing N N 15  
9QG O5  C1   sing N N 16  
9QG C1  O1   sing N N 17  
9QG O1  CAO  sing N N 18  
9QG C6  H61  sing N N 19  
9QG C6  H62  sing N N 20  
9QG O6  HO6  sing N N 21  
9QG C1  H1   sing N N 22  
9QG C2  H2   sing N N 23  
9QG C3  H3   sing N N 24  
9QG C4  H4   sing N N 25  
9QG C5  H5   sing N N 26  
9QG O2  HO2  sing N N 27  
9QG O4  HO4  sing N N 28  
9QG OAR H11  sing N N 29  
9QG CAM H12  sing N N 30  
9QG CAN H13  sing N N 31  
9QG CAN H14  sing N N 32  
9QG CAN H15  sing N N 33  
9QG CAO H16  sing N N 34  
9QG CAO H17  sing N N 35  
9QG CAO H18  sing N N 36  
ALA N   CA   sing N N 37  
ALA N   H    sing N N 38  
ALA N   H2   sing N N 39  
ALA CA  C    sing N N 40  
ALA CA  CB   sing N N 41  
ALA CA  HA   sing N N 42  
ALA C   O    doub N N 43  
ALA C   OXT  sing N N 44  
ALA CB  HB1  sing N N 45  
ALA CB  HB2  sing N N 46  
ALA CB  HB3  sing N N 47  
ALA OXT HXT  sing N N 48  
ARG N   CA   sing N N 49  
ARG N   H    sing N N 50  
ARG N   H2   sing N N 51  
ARG CA  C    sing N N 52  
ARG CA  CB   sing N N 53  
ARG CA  HA   sing N N 54  
ARG C   O    doub N N 55  
ARG C   OXT  sing N N 56  
ARG CB  CG   sing N N 57  
ARG CB  HB2  sing N N 58  
ARG CB  HB3  sing N N 59  
ARG CG  CD   sing N N 60  
ARG CG  HG2  sing N N 61  
ARG CG  HG3  sing N N 62  
ARG CD  NE   sing N N 63  
ARG CD  HD2  sing N N 64  
ARG CD  HD3  sing N N 65  
ARG NE  CZ   sing N N 66  
ARG NE  HE   sing N N 67  
ARG CZ  NH1  sing N N 68  
ARG CZ  NH2  doub N N 69  
ARG NH1 HH11 sing N N 70  
ARG NH1 HH12 sing N N 71  
ARG NH2 HH21 sing N N 72  
ARG NH2 HH22 sing N N 73  
ARG OXT HXT  sing N N 74  
ASN N   CA   sing N N 75  
ASN N   H    sing N N 76  
ASN N   H2   sing N N 77  
ASN CA  C    sing N N 78  
ASN CA  CB   sing N N 79  
ASN CA  HA   sing N N 80  
ASN C   O    doub N N 81  
ASN C   OXT  sing N N 82  
ASN CB  CG   sing N N 83  
ASN CB  HB2  sing N N 84  
ASN CB  HB3  sing N N 85  
ASN CG  OD1  doub N N 86  
ASN CG  ND2  sing N N 87  
ASN ND2 HD21 sing N N 88  
ASN ND2 HD22 sing N N 89  
ASN OXT HXT  sing N N 90  
ASP N   CA   sing N N 91  
ASP N   H    sing N N 92  
ASP N   H2   sing N N 93  
ASP CA  C    sing N N 94  
ASP CA  CB   sing N N 95  
ASP CA  HA   sing N N 96  
ASP C   O    doub N N 97  
ASP C   OXT  sing N N 98  
ASP CB  CG   sing N N 99  
ASP CB  HB2  sing N N 100 
ASP CB  HB3  sing N N 101 
ASP CG  OD1  doub N N 102 
ASP CG  OD2  sing N N 103 
ASP OD2 HD2  sing N N 104 
ASP OXT HXT  sing N N 105 
CSO N   CA   sing N N 106 
CSO N   H    sing N N 107 
CSO N   H2   sing N N 108 
CSO CA  CB   sing N N 109 
CSO CA  C    sing N N 110 
CSO CA  HA   sing N N 111 
CSO CB  SG   sing N N 112 
CSO CB  HB2  sing N N 113 
CSO CB  HB3  sing N N 114 
CSO SG  OD   sing N N 115 
CSO C   O    doub N N 116 
CSO C   OXT  sing N N 117 
CSO OXT HXT  sing N N 118 
CSO OD  HD   sing N N 119 
CYS N   CA   sing N N 120 
CYS N   H    sing N N 121 
CYS N   H2   sing N N 122 
CYS CA  C    sing N N 123 
CYS CA  CB   sing N N 124 
CYS CA  HA   sing N N 125 
CYS C   O    doub N N 126 
CYS C   OXT  sing N N 127 
CYS CB  SG   sing N N 128 
CYS CB  HB2  sing N N 129 
CYS CB  HB3  sing N N 130 
CYS SG  HG   sing N N 131 
CYS OXT HXT  sing N N 132 
GLN N   CA   sing N N 133 
GLN N   H    sing N N 134 
GLN N   H2   sing N N 135 
GLN CA  C    sing N N 136 
GLN CA  CB   sing N N 137 
GLN CA  HA   sing N N 138 
GLN C   O    doub N N 139 
GLN C   OXT  sing N N 140 
GLN CB  CG   sing N N 141 
GLN CB  HB2  sing N N 142 
GLN CB  HB3  sing N N 143 
GLN CG  CD   sing N N 144 
GLN CG  HG2  sing N N 145 
GLN CG  HG3  sing N N 146 
GLN CD  OE1  doub N N 147 
GLN CD  NE2  sing N N 148 
GLN NE2 HE21 sing N N 149 
GLN NE2 HE22 sing N N 150 
GLN OXT HXT  sing N N 151 
GLU N   CA   sing N N 152 
GLU N   H    sing N N 153 
GLU N   H2   sing N N 154 
GLU CA  C    sing N N 155 
GLU CA  CB   sing N N 156 
GLU CA  HA   sing N N 157 
GLU C   O    doub N N 158 
GLU C   OXT  sing N N 159 
GLU CB  CG   sing N N 160 
GLU CB  HB2  sing N N 161 
GLU CB  HB3  sing N N 162 
GLU CG  CD   sing N N 163 
GLU CG  HG2  sing N N 164 
GLU CG  HG3  sing N N 165 
GLU CD  OE1  doub N N 166 
GLU CD  OE2  sing N N 167 
GLU OE2 HE2  sing N N 168 
GLU OXT HXT  sing N N 169 
GLY N   CA   sing N N 170 
GLY N   H    sing N N 171 
GLY N   H2   sing N N 172 
GLY CA  C    sing N N 173 
GLY CA  HA2  sing N N 174 
GLY CA  HA3  sing N N 175 
GLY C   O    doub N N 176 
GLY C   OXT  sing N N 177 
GLY OXT HXT  sing N N 178 
HIS N   CA   sing N N 179 
HIS N   H    sing N N 180 
HIS N   H2   sing N N 181 
HIS CA  C    sing N N 182 
HIS CA  CB   sing N N 183 
HIS CA  HA   sing N N 184 
HIS C   O    doub N N 185 
HIS C   OXT  sing N N 186 
HIS CB  CG   sing N N 187 
HIS CB  HB2  sing N N 188 
HIS CB  HB3  sing N N 189 
HIS CG  ND1  sing Y N 190 
HIS CG  CD2  doub Y N 191 
HIS ND1 CE1  doub Y N 192 
HIS ND1 HD1  sing N N 193 
HIS CD2 NE2  sing Y N 194 
HIS CD2 HD2  sing N N 195 
HIS CE1 NE2  sing Y N 196 
HIS CE1 HE1  sing N N 197 
HIS NE2 HE2  sing N N 198 
HIS OXT HXT  sing N N 199 
HOH O   H1   sing N N 200 
HOH O   H2   sing N N 201 
ILE N   CA   sing N N 202 
ILE N   H    sing N N 203 
ILE N   H2   sing N N 204 
ILE CA  C    sing N N 205 
ILE CA  CB   sing N N 206 
ILE CA  HA   sing N N 207 
ILE C   O    doub N N 208 
ILE C   OXT  sing N N 209 
ILE CB  CG1  sing N N 210 
ILE CB  CG2  sing N N 211 
ILE CB  HB   sing N N 212 
ILE CG1 CD1  sing N N 213 
ILE CG1 HG12 sing N N 214 
ILE CG1 HG13 sing N N 215 
ILE CG2 HG21 sing N N 216 
ILE CG2 HG22 sing N N 217 
ILE CG2 HG23 sing N N 218 
ILE CD1 HD11 sing N N 219 
ILE CD1 HD12 sing N N 220 
ILE CD1 HD13 sing N N 221 
ILE OXT HXT  sing N N 222 
LEU N   CA   sing N N 223 
LEU N   H    sing N N 224 
LEU N   H2   sing N N 225 
LEU CA  C    sing N N 226 
LEU CA  CB   sing N N 227 
LEU CA  HA   sing N N 228 
LEU C   O    doub N N 229 
LEU C   OXT  sing N N 230 
LEU CB  CG   sing N N 231 
LEU CB  HB2  sing N N 232 
LEU CB  HB3  sing N N 233 
LEU CG  CD1  sing N N 234 
LEU CG  CD2  sing N N 235 
LEU CG  HG   sing N N 236 
LEU CD1 HD11 sing N N 237 
LEU CD1 HD12 sing N N 238 
LEU CD1 HD13 sing N N 239 
LEU CD2 HD21 sing N N 240 
LEU CD2 HD22 sing N N 241 
LEU CD2 HD23 sing N N 242 
LEU OXT HXT  sing N N 243 
LYS N   CA   sing N N 244 
LYS N   H    sing N N 245 
LYS N   H2   sing N N 246 
LYS CA  C    sing N N 247 
LYS CA  CB   sing N N 248 
LYS CA  HA   sing N N 249 
LYS C   O    doub N N 250 
LYS C   OXT  sing N N 251 
LYS CB  CG   sing N N 252 
LYS CB  HB2  sing N N 253 
LYS CB  HB3  sing N N 254 
LYS CG  CD   sing N N 255 
LYS CG  HG2  sing N N 256 
LYS CG  HG3  sing N N 257 
LYS CD  CE   sing N N 258 
LYS CD  HD2  sing N N 259 
LYS CD  HD3  sing N N 260 
LYS CE  NZ   sing N N 261 
LYS CE  HE2  sing N N 262 
LYS CE  HE3  sing N N 263 
LYS NZ  HZ1  sing N N 264 
LYS NZ  HZ2  sing N N 265 
LYS NZ  HZ3  sing N N 266 
LYS OXT HXT  sing N N 267 
MET N   CA   sing N N 268 
MET N   H    sing N N 269 
MET N   H2   sing N N 270 
MET CA  C    sing N N 271 
MET CA  CB   sing N N 272 
MET CA  HA   sing N N 273 
MET C   O    doub N N 274 
MET C   OXT  sing N N 275 
MET CB  CG   sing N N 276 
MET CB  HB2  sing N N 277 
MET CB  HB3  sing N N 278 
MET CG  SD   sing N N 279 
MET CG  HG2  sing N N 280 
MET CG  HG3  sing N N 281 
MET SD  CE   sing N N 282 
MET CE  HE1  sing N N 283 
MET CE  HE2  sing N N 284 
MET CE  HE3  sing N N 285 
MET OXT HXT  sing N N 286 
PHE N   CA   sing N N 287 
PHE N   H    sing N N 288 
PHE N   H2   sing N N 289 
PHE CA  C    sing N N 290 
PHE CA  CB   sing N N 291 
PHE CA  HA   sing N N 292 
PHE C   O    doub N N 293 
PHE C   OXT  sing N N 294 
PHE CB  CG   sing N N 295 
PHE CB  HB2  sing N N 296 
PHE CB  HB3  sing N N 297 
PHE CG  CD1  doub Y N 298 
PHE CG  CD2  sing Y N 299 
PHE CD1 CE1  sing Y N 300 
PHE CD1 HD1  sing N N 301 
PHE CD2 CE2  doub Y N 302 
PHE CD2 HD2  sing N N 303 
PHE CE1 CZ   doub Y N 304 
PHE CE1 HE1  sing N N 305 
PHE CE2 CZ   sing Y N 306 
PHE CE2 HE2  sing N N 307 
PHE CZ  HZ   sing N N 308 
PHE OXT HXT  sing N N 309 
PRO N   CA   sing N N 310 
PRO N   CD   sing N N 311 
PRO N   H    sing N N 312 
PRO CA  C    sing N N 313 
PRO CA  CB   sing N N 314 
PRO CA  HA   sing N N 315 
PRO C   O    doub N N 316 
PRO C   OXT  sing N N 317 
PRO CB  CG   sing N N 318 
PRO CB  HB2  sing N N 319 
PRO CB  HB3  sing N N 320 
PRO CG  CD   sing N N 321 
PRO CG  HG2  sing N N 322 
PRO CG  HG3  sing N N 323 
PRO CD  HD2  sing N N 324 
PRO CD  HD3  sing N N 325 
PRO OXT HXT  sing N N 326 
SER N   CA   sing N N 327 
SER N   H    sing N N 328 
SER N   H2   sing N N 329 
SER CA  C    sing N N 330 
SER CA  CB   sing N N 331 
SER CA  HA   sing N N 332 
SER C   O    doub N N 333 
SER C   OXT  sing N N 334 
SER CB  OG   sing N N 335 
SER CB  HB2  sing N N 336 
SER CB  HB3  sing N N 337 
SER OG  HG   sing N N 338 
SER OXT HXT  sing N N 339 
THR N   CA   sing N N 340 
THR N   H    sing N N 341 
THR N   H2   sing N N 342 
THR CA  C    sing N N 343 
THR CA  CB   sing N N 344 
THR CA  HA   sing N N 345 
THR C   O    doub N N 346 
THR C   OXT  sing N N 347 
THR CB  OG1  sing N N 348 
THR CB  CG2  sing N N 349 
THR CB  HB   sing N N 350 
THR OG1 HG1  sing N N 351 
THR CG2 HG21 sing N N 352 
THR CG2 HG22 sing N N 353 
THR CG2 HG23 sing N N 354 
THR OXT HXT  sing N N 355 
TRP N   CA   sing N N 356 
TRP N   H    sing N N 357 
TRP N   H2   sing N N 358 
TRP CA  C    sing N N 359 
TRP CA  CB   sing N N 360 
TRP CA  HA   sing N N 361 
TRP C   O    doub N N 362 
TRP C   OXT  sing N N 363 
TRP CB  CG   sing N N 364 
TRP CB  HB2  sing N N 365 
TRP CB  HB3  sing N N 366 
TRP CG  CD1  doub Y N 367 
TRP CG  CD2  sing Y N 368 
TRP CD1 NE1  sing Y N 369 
TRP CD1 HD1  sing N N 370 
TRP CD2 CE2  doub Y N 371 
TRP CD2 CE3  sing Y N 372 
TRP NE1 CE2  sing Y N 373 
TRP NE1 HE1  sing N N 374 
TRP CE2 CZ2  sing Y N 375 
TRP CE3 CZ3  doub Y N 376 
TRP CE3 HE3  sing N N 377 
TRP CZ2 CH2  doub Y N 378 
TRP CZ2 HZ2  sing N N 379 
TRP CZ3 CH2  sing Y N 380 
TRP CZ3 HZ3  sing N N 381 
TRP CH2 HH2  sing N N 382 
TRP OXT HXT  sing N N 383 
TYR N   CA   sing N N 384 
TYR N   H    sing N N 385 
TYR N   H2   sing N N 386 
TYR CA  C    sing N N 387 
TYR CA  CB   sing N N 388 
TYR CA  HA   sing N N 389 
TYR C   O    doub N N 390 
TYR C   OXT  sing N N 391 
TYR CB  CG   sing N N 392 
TYR CB  HB2  sing N N 393 
TYR CB  HB3  sing N N 394 
TYR CG  CD1  doub Y N 395 
TYR CG  CD2  sing Y N 396 
TYR CD1 CE1  sing Y N 397 
TYR CD1 HD1  sing N N 398 
TYR CD2 CE2  doub Y N 399 
TYR CD2 HD2  sing N N 400 
TYR CE1 CZ   doub Y N 401 
TYR CE1 HE1  sing N N 402 
TYR CE2 CZ   sing Y N 403 
TYR CE2 HE2  sing N N 404 
TYR CZ  OH   sing N N 405 
TYR OH  HH   sing N N 406 
TYR OXT HXT  sing N N 407 
VAL N   CA   sing N N 408 
VAL N   H    sing N N 409 
VAL N   H2   sing N N 410 
VAL CA  C    sing N N 411 
VAL CA  CB   sing N N 412 
VAL CA  HA   sing N N 413 
VAL C   O    doub N N 414 
VAL C   OXT  sing N N 415 
VAL CB  CG1  sing N N 416 
VAL CB  CG2  sing N N 417 
VAL CB  HB   sing N N 418 
VAL CG1 HG11 sing N N 419 
VAL CG1 HG12 sing N N 420 
VAL CG1 HG13 sing N N 421 
VAL CG2 HG21 sing N N 422 
VAL CG2 HG22 sing N N 423 
VAL CG2 HG23 sing N N 424 
VAL OXT HXT  sing N N 425 
# 
_pdbx_initial_refinement_model.id               1 
_pdbx_initial_refinement_model.entity_id_list   ? 
_pdbx_initial_refinement_model.type             'experimental model' 
_pdbx_initial_refinement_model.source_name      PDB 
_pdbx_initial_refinement_model.accession_code   5T7U 
_pdbx_initial_refinement_model.details          ? 
# 
_atom_sites.entry_id                    5VWG 
_atom_sites.fract_transf_matrix[1][1]   -0.00557633 
_atom_sites.fract_transf_matrix[1][2]   -0.01715578 
_atom_sites.fract_transf_matrix[1][3]   0.01232023 
_atom_sites.fract_transf_matrix[2][1]   0.00547617 
_atom_sites.fract_transf_matrix[2][2]   -0.01232766 
_atom_sites.fract_transf_matrix[2][3]   -0.01468753 
_atom_sites.fract_transf_matrix[3][1]   0.01148806 
_atom_sites.fract_transf_matrix[3][2]   -0.00041061 
_atom_sites.fract_transf_matrix[3][3]   0.00462790 
_atom_sites.fract_transf_vector[1]      0.283483 
_atom_sites.fract_transf_vector[2]      -0.046564 
_atom_sites.fract_transf_vector[3]      -0.193138 
# 
loop_
_atom_type.symbol 
C 
N 
O 
S 
# 
loop_
_atom_site.group_PDB 
_atom_site.id 
_atom_site.type_symbol 
_atom_site.label_atom_id 
_atom_site.label_alt_id 
_atom_site.label_comp_id 
_atom_site.label_asym_id 
_atom_site.label_entity_id 
_atom_site.label_seq_id 
_atom_site.pdbx_PDB_ins_code 
_atom_site.Cartn_x 
_atom_site.Cartn_y 
_atom_site.Cartn_z 
_atom_site.occupancy 
_atom_site.B_iso_or_equiv 
_atom_site.pdbx_formal_charge 
_atom_site.auth_seq_id 
_atom_site.auth_comp_id 
_atom_site.auth_asym_id 
_atom_site.auth_atom_id 
_atom_site.pdbx_PDB_model_num 
ATOM   1    N N   . LEU A 1 8   ? -15.107 -9.842  2.859   1.00 58.19 ? 8   LEU A N   1 
ATOM   2    C CA  . LEU A 1 8   ? -14.258 -9.285  1.756   1.00 56.79 ? 8   LEU A CA  1 
ATOM   3    C C   . LEU A 1 8   ? -14.982 -9.297  0.410   1.00 56.34 ? 8   LEU A C   1 
ATOM   4    O O   . LEU A 1 8   ? -15.612 -10.290 0.049   1.00 51.82 ? 8   LEU A O   1 
ATOM   5    C CB  . LEU A 1 8   ? -12.925 -10.045 1.628   1.00 56.15 ? 8   LEU A CB  1 
ATOM   6    C CG  . LEU A 1 8   ? -11.917 -10.006 2.787   1.00 63.74 ? 8   LEU A CG  1 
ATOM   7    C CD1 . LEU A 1 8   ? -10.527 -10.385 2.285   1.00 64.56 ? 8   LEU A CD1 1 
ATOM   8    C CD2 . LEU A 1 8   ? -11.876 -8.651  3.482   1.00 66.19 ? 8   LEU A CD2 1 
ATOM   9    N N   . GLN A 1 9   ? -14.841 -8.197  -0.329  1.00 59.29 ? 9   GLN A N   1 
ATOM   10   C CA  . GLN A 1 9   ? -15.589 -7.928  -1.561  1.00 61.36 ? 9   GLN A CA  1 
ATOM   11   C C   . GLN A 1 9   ? -14.610 -7.648  -2.711  1.00 51.54 ? 9   GLN A C   1 
ATOM   12   O O   . GLN A 1 9   ? -13.454 -7.262  -2.483  1.00 39.55 ? 9   GLN A O   1 
ATOM   13   C CB  . GLN A 1 9   ? -16.535 -6.729  -1.352  1.00 62.84 ? 9   GLN A CB  1 
ATOM   14   C CG  . GLN A 1 9   ? -17.146 -6.645  0.048   1.00 70.87 ? 9   GLN A CG  1 
ATOM   15   C CD  . GLN A 1 9   ? -18.105 -5.480  0.218   1.00 73.96 ? 9   GLN A CD  1 
ATOM   16   O OE1 . GLN A 1 9   ? -17.872 -4.583  1.034   1.00 51.50 ? 9   GLN A OE1 1 
ATOM   17   N NE2 . GLN A 1 9   ? -19.191 -5.486  -0.550  1.00 77.12 ? 9   GLN A NE2 1 
ATOM   18   N N   . ASN A 1 10  ? -15.076 -7.866  -3.940  1.00 40.81 ? 10  ASN A N   1 
ATOM   19   C CA  . ASN A 1 10  ? -14.275 -7.666  -5.153  1.00 41.71 ? 10  ASN A CA  1 
ATOM   20   C C   . ASN A 1 10  ? -12.839 -8.189  -4.976  1.00 34.09 ? 10  ASN A C   1 
ATOM   21   O O   . ASN A 1 10  ? -11.861 -7.462  -5.161  1.00 54.58 ? 10  ASN A O   1 
ATOM   22   C CB  . ASN A 1 10  ? -14.286 -6.185  -5.584  1.00 51.76 ? 10  ASN A CB  1 
ATOM   23   C CG  . ASN A 1 10  ? -15.682 -5.576  -5.593  1.00 46.28 ? 10  ASN A CG  1 
ATOM   24   O OD1 . ASN A 1 10  ? -16.323 -5.495  -6.639  1.00 56.83 ? 10  ASN A OD1 1 
ATOM   25   N ND2 . ASN A 1 10  ? -16.156 -5.141  -4.425  1.00 50.23 ? 10  ASN A ND2 1 
ATOM   26   N N   . ILE A 1 11  ? -12.738 -9.461  -4.606  1.00 28.36 ? 11  ILE A N   1 
ATOM   27   C CA  . ILE A 1 11  ? -11.462 -10.102 -4.322  1.00 22.00 ? 11  ILE A CA  1 
ATOM   28   C C   . ILE A 1 11  ? -10.801 -10.396 -5.665  1.00 22.09 ? 11  ILE A C   1 
ATOM   29   O O   . ILE A 1 11  ? -11.465 -10.823 -6.601  1.00 17.52 ? 11  ILE A O   1 
ATOM   30   C CB  . ILE A 1 11  ? -11.624 -11.399 -3.483  1.00 27.66 ? 11  ILE A CB  1 
ATOM   31   C CG1 . ILE A 1 11  ? -12.403 -11.112 -2.186  1.00 35.54 ? 11  ILE A CG1 1 
ATOM   32   C CG2 . ILE A 1 11  ? -10.263 -11.994 -3.128  1.00 25.15 ? 11  ILE A CG2 1 
ATOM   33   C CD1 . ILE A 1 11  ? -12.617 -12.314 -1.284  1.00 39.60 ? 11  ILE A CD1 1 
ATOM   34   N N   . ILE A 1 12  ? -9.501  -10.118 -5.747  1.00 24.18 ? 12  ILE A N   1 
ATOM   35   C CA  . ILE A 1 12  ? -8.677  -10.389 -6.917  1.00 19.55 ? 12  ILE A CA  1 
ATOM   36   C C   . ILE A 1 12  ? -7.633  -11.425 -6.490  1.00 21.35 ? 12  ILE A C   1 
ATOM   37   O O   . ILE A 1 12  ? -6.939  -11.223 -5.499  1.00 17.88 ? 12  ILE A O   1 
ATOM   38   C CB  . ILE A 1 12  ? -7.972  -9.106  -7.401  1.00 19.24 ? 12  ILE A CB  1 
ATOM   39   C CG1 . ILE A 1 12  ? -9.007  -8.048  -7.797  1.00 22.53 ? 12  ILE A CG1 1 
ATOM   40   C CG2 . ILE A 1 12  ? -7.029  -9.403  -8.565  1.00 16.63 ? 12  ILE A CG2 1 
ATOM   41   C CD1 . ILE A 1 12  ? -8.488  -6.637  -7.697  1.00 28.02 ? 12  ILE A CD1 1 
ATOM   42   N N   . TYR A 1 13  ? -7.535  -12.530 -7.232  1.00 19.35 ? 13  TYR A N   1 
ATOM   43   C CA  . TYR A 1 13  ? -6.612  -13.611 -6.908  1.00 17.10 ? 13  TYR A CA  1 
ATOM   44   C C   . TYR A 1 13  ? -5.466  -13.626 -7.898  1.00 15.10 ? 13  TYR A C   1 
ATOM   45   O O   . TYR A 1 13  ? -5.668  -13.391 -9.089  1.00 17.03 ? 13  TYR A O   1 
ATOM   46   C CB  . TYR A 1 13  ? -7.322  -14.959 -6.944  1.00 18.37 ? 13  TYR A CB  1 
ATOM   47   C CG  . TYR A 1 13  ? -8.422  -15.113 -5.924  1.00 20.99 ? 13  TYR A CG  1 
ATOM   48   C CD1 . TYR A 1 13  ? -8.135  -15.383 -4.588  1.00 19.20 ? 13  TYR A CD1 1 
ATOM   49   C CD2 . TYR A 1 13  ? -9.762  -15.009 -6.297  1.00 22.11 ? 13  TYR A CD2 1 
ATOM   50   C CE1 . TYR A 1 13  ? -9.157  -15.536 -3.654  1.00 21.88 ? 13  TYR A CE1 1 
ATOM   51   C CE2 . TYR A 1 13  ? -10.785 -15.153 -5.369  1.00 17.55 ? 13  TYR A CE2 1 
ATOM   52   C CZ  . TYR A 1 13  ? -10.483 -15.414 -4.059  1.00 16.69 ? 13  TYR A CZ  1 
ATOM   53   O OH  . TYR A 1 13  ? -11.510 -15.555 -3.166  1.00 24.04 ? 13  TYR A OH  1 
ATOM   54   N N   . ASN A 1 14  ? -4.269  -13.901 -7.389  1.00 14.85 ? 14  ASN A N   1 
ATOM   55   C CA  . ASN A 1 14  ? -3.066  -14.099 -8.192  1.00 12.91 ? 14  ASN A CA  1 
ATOM   56   C C   . ASN A 1 14  ? -2.891  -13.069 -9.325  1.00 16.07 ? 14  ASN A C   1 
ATOM   57   O O   . ASN A 1 14  ? -2.716  -13.444 -10.473 1.00 15.31 ? 14  ASN A O   1 
ATOM   58   C CB  . ASN A 1 14  ? -3.091  -15.525 -8.753  1.00 13.21 ? 14  ASN A CB  1 
ATOM   59   C CG  . ASN A 1 14  ? -1.778  -15.937 -9.380  1.00 14.14 ? 14  ASN A CG  1 
ATOM   60   O OD1 . ASN A 1 14  ? -0.710  -15.531 -8.935  1.00 17.88 ? 14  ASN A OD1 1 
ATOM   61   N ND2 . ASN A 1 14  ? -1.854  -16.750 -10.422 1.00 14.42 ? 14  ASN A ND2 1 
ATOM   62   N N   . PRO A 1 15  ? -2.928  -11.763 -8.996  1.00 16.52 ? 15  PRO A N   1 
ATOM   63   C CA  . PRO A 1 15  ? -2.723  -10.756 -10.045 1.00 18.34 ? 15  PRO A CA  1 
ATOM   64   C C   . PRO A 1 15  ? -1.306  -10.790 -10.598 1.00 17.62 ? 15  PRO A C   1 
ATOM   65   O O   . PRO A 1 15  ? -0.384  -11.177 -9.888  1.00 18.69 ? 15  PRO A O   1 
ATOM   66   C CB  . PRO A 1 15  ? -2.951  -9.435  -9.305  1.00 17.56 ? 15  PRO A CB  1 
ATOM   67   C CG  . PRO A 1 15  ? -2.524  -9.739  -7.898  1.00 19.17 ? 15  PRO A CG  1 
ATOM   68   C CD  . PRO A 1 15  ? -3.012  -11.142 -7.656  1.00 15.45 ? 15  PRO A CD  1 
ATOM   69   N N   . VAL A 1 16  ? -1.144  -10.386 -11.852 1.00 21.18 ? 16  VAL A N   1 
ATOM   70   C CA  . VAL A 1 16  ? 0.191   -10.123 -12.402 1.00 23.16 ? 16  VAL A CA  1 
ATOM   71   C C   . VAL A 1 16  ? 0.730   -8.795  -11.837 1.00 18.61 ? 16  VAL A C   1 
ATOM   72   O O   . VAL A 1 16  ? 0.012   -7.791  -11.808 1.00 18.61 ? 16  VAL A O   1 
ATOM   73   C CB  . VAL A 1 16  ? 0.189   -10.095 -13.945 1.00 27.51 ? 16  VAL A CB  1 
ATOM   74   C CG1 . VAL A 1 16  ? 1.604   -9.852  -14.480 1.00 27.46 ? 16  VAL A CG1 1 
ATOM   75   C CG2 . VAL A 1 16  ? -0.365  -11.411 -14.494 1.00 32.32 ? 16  VAL A CG2 1 
ATOM   76   N N   . ILE A 1 17  ? 1.985   -8.826  -11.382 1.00 15.33 ? 17  ILE A N   1 
ATOM   77   C CA  . ILE A 1 17  ? 2.727   -7.662  -10.885 1.00 21.75 ? 17  ILE A CA  1 
ATOM   78   C C   . ILE A 1 17  ? 3.631   -7.128  -12.027 1.00 28.06 ? 17  ILE A C   1 
ATOM   79   O O   . ILE A 1 17  ? 4.342   -7.916  -12.643 1.00 28.22 ? 17  ILE A O   1 
ATOM   80   C CB  . ILE A 1 17  ? 3.580   -8.055  -9.649  1.00 20.42 ? 17  ILE A CB  1 
ATOM   81   C CG1 . ILE A 1 17  ? 2.676   -8.556  -8.511  1.00 21.17 ? 17  ILE A CG1 1 
ATOM   82   C CG2 . ILE A 1 17  ? 4.472   -6.913  -9.160  1.00 20.17 ? 17  ILE A CG2 1 
ATOM   83   C CD1 . ILE A 1 17  ? 1.609   -7.578  -8.051  1.00 18.56 ? 17  ILE A CD1 1 
ATOM   84   N N   . PRO A 1 18  ? 3.631   -5.823  -12.323 1.00 28.93 ? 18  PRO A N   1 
ATOM   85   C CA  . PRO A 1 18  ? 2.908   -4.792  -11.579 1.00 29.32 ? 18  PRO A CA  1 
ATOM   86   C C   . PRO A 1 18  ? 1.402   -4.816  -11.811 1.00 21.24 ? 18  PRO A C   1 
ATOM   87   O O   . PRO A 1 18  ? 0.950   -4.984  -12.936 1.00 23.92 ? 18  PRO A O   1 
ATOM   88   C CB  . PRO A 1 18  ? 3.508   -3.490  -12.127 1.00 28.49 ? 18  PRO A CB  1 
ATOM   89   C CG  . PRO A 1 18  ? 3.898   -3.820  -13.530 1.00 33.44 ? 18  PRO A CG  1 
ATOM   90   C CD  . PRO A 1 18  ? 4.119   -5.313  -13.620 1.00 33.91 ? 18  PRO A CD  1 
ATOM   91   N N   . PHE A 1 19  ? 0.652   -4.657  -10.726 1.00 21.96 ? 19  PHE A N   1 
ATOM   92   C CA  . PHE A 1 19  ? -0.804  -4.558  -10.766 1.00 16.22 ? 19  PHE A CA  1 
ATOM   93   C C   . PHE A 1 19  ? -1.200  -3.094  -10.659 1.00 18.23 ? 19  PHE A C   1 
ATOM   94   O O   . PHE A 1 19  ? -0.678  -2.369  -9.816  1.00 16.23 ? 19  PHE A O   1 
ATOM   95   C CB  . PHE A 1 19  ? -1.421  -5.337  -9.600  1.00 16.54 ? 19  PHE A CB  1 
ATOM   96   C CG  . PHE A 1 19  ? -2.919  -5.202  -9.508  1.00 17.63 ? 19  PHE A CG  1 
ATOM   97   C CD1 . PHE A 1 19  ? -3.746  -5.843  -10.427 1.00 18.48 ? 19  PHE A CD1 1 
ATOM   98   C CD2 . PHE A 1 19  ? -3.502  -4.429  -8.508  1.00 18.55 ? 19  PHE A CD2 1 
ATOM   99   C CE1 . PHE A 1 19  ? -5.124  -5.720  -10.348 1.00 20.92 ? 19  PHE A CE1 1 
ATOM   100  C CE2 . PHE A 1 19  ? -4.883  -4.301  -8.422  1.00 18.18 ? 19  PHE A CE2 1 
ATOM   101  C CZ  . PHE A 1 19  ? -5.693  -4.947  -9.344  1.00 22.10 ? 19  PHE A CZ  1 
ATOM   102  N N   . VAL A 1 20  ? -2.104  -2.675  -11.533 1.00 19.75 ? 20  VAL A N   1 
ATOM   103  C CA  . VAL A 1 20  ? -2.777  -1.390  -11.434 1.00 21.40 ? 20  VAL A CA  1 
ATOM   104  C C   . VAL A 1 20  ? -4.248  -1.689  -11.661 1.00 21.61 ? 20  VAL A C   1 
ATOM   105  O O   . VAL A 1 20  ? -4.598  -2.310  -12.662 1.00 23.24 ? 20  VAL A O   1 
ATOM   106  C CB  . VAL A 1 20  ? -2.301  -0.387  -12.514 1.00 25.83 ? 20  VAL A CB  1 
ATOM   107  C CG1 . VAL A 1 20  ? -3.089  0.919   -12.422 1.00 25.81 ? 20  VAL A CG1 1 
ATOM   108  C CG2 . VAL A 1 20  ? -0.805  -0.129  -12.390 1.00 27.40 ? 20  VAL A CG2 1 
ATOM   109  N N   . GLY A 1 21  ? -5.099  -1.253  -10.735 1.00 17.53 ? 21  GLY A N   1 
ATOM   110  C CA  . GLY A 1 21  ? -6.520  -1.551  -10.795 1.00 18.79 ? 21  GLY A CA  1 
ATOM   111  C C   . GLY A 1 21  ? -7.344  -0.488  -10.108 1.00 21.33 ? 21  GLY A C   1 
ATOM   112  O O   . GLY A 1 21  ? -6.856  0.211   -9.217  1.00 26.03 ? 21  GLY A O   1 
ATOM   113  N N   . THR A 1 22  ? -8.598  -0.380  -10.533 1.00 20.47 ? 22  THR A N   1 
ATOM   114  C CA  . THR A 1 22  ? -9.525  0.607   -10.014 1.00 21.90 ? 22  THR A CA  1 
ATOM   115  C C   . THR A 1 22  ? -10.154 0.090   -8.735  1.00 22.16 ? 22  THR A C   1 
ATOM   116  O O   . THR A 1 22  ? -10.671 -1.029  -8.698  1.00 23.09 ? 22  THR A O   1 
ATOM   117  C CB  . THR A 1 22  ? -10.628 0.923   -11.048 1.00 20.58 ? 22  THR A CB  1 
ATOM   118  O OG1 . THR A 1 22  ? -10.018 1.425   -12.237 1.00 21.03 ? 22  THR A OG1 1 
ATOM   119  C CG2 . THR A 1 22  ? -11.586 1.975   -10.528 1.00 20.43 ? 22  THR A CG2 1 
ATOM   120  N N   . ILE A 1 23  ? -10.113 0.912   -7.690  1.00 17.81 ? 23  ILE A N   1 
ATOM   121  C CA  . ILE A 1 23  ? -10.769 0.591   -6.427  1.00 20.82 ? 23  ILE A CA  1 
ATOM   122  C C   . ILE A 1 23  ? -12.272 0.763   -6.708  1.00 25.56 ? 23  ILE A C   1 
ATOM   123  O O   . ILE A 1 23  ? -12.688 1.819   -7.176  1.00 26.02 ? 23  ILE A O   1 
ATOM   124  C CB  . ILE A 1 23  ? -10.274 1.498   -5.273  1.00 21.70 ? 23  ILE A CB  1 
ATOM   125  C CG1 . ILE A 1 23  ? -8.764  1.315   -5.058  1.00 21.50 ? 23  ILE A CG1 1 
ATOM   126  C CG2 . ILE A 1 23  ? -10.988 1.176   -3.961  1.00 24.71 ? 23  ILE A CG2 1 
ATOM   127  C CD1 . ILE A 1 23  ? -8.120  2.430   -4.260  1.00 23.61 ? 23  ILE A CD1 1 
ATOM   128  N N   . PRO A 1 24  ? -13.082 -0.282  -6.467  1.00 26.63 ? 24  PRO A N   1 
ATOM   129  C CA  . PRO A 1 24  ? -14.479 -0.267  -6.930  1.00 26.28 ? 24  PRO A CA  1 
ATOM   130  C C   . PRO A 1 24  ? -15.467 0.623   -6.173  1.00 22.82 ? 24  PRO A C   1 
ATOM   131  O O   . PRO A 1 24  ? -16.606 0.746   -6.608  1.00 23.19 ? 24  PRO A O   1 
ATOM   132  C CB  . PRO A 1 24  ? -14.904 -1.738  -6.797  1.00 34.36 ? 24  PRO A CB  1 
ATOM   133  C CG  . PRO A 1 24  ? -14.037 -2.277  -5.721  1.00 32.16 ? 24  PRO A CG  1 
ATOM   134  C CD  . PRO A 1 24  ? -12.717 -1.582  -5.871  1.00 25.95 ? 24  PRO A CD  1 
ATOM   135  N N   . ASP A 1 25  ? -15.062 1.213   -5.053  1.00 23.94 ? 25  ASP A N   1 
ATOM   136  C CA  . ASP A 1 25  ? -15.944 2.096   -4.287  1.00 26.75 ? 25  ASP A CA  1 
ATOM   137  C C   . ASP A 1 25  ? -15.100 3.097   -3.488  1.00 23.76 ? 25  ASP A C   1 
ATOM   138  O O   . ASP A 1 25  ? -13.866 2.990   -3.457  1.00 20.58 ? 25  ASP A O   1 
ATOM   139  C CB  . ASP A 1 25  ? -16.860 1.251   -3.374  1.00 31.55 ? 25  ASP A CB  1 
ATOM   140  C CG  . ASP A 1 25  ? -18.233 1.883   -3.153  1.00 34.86 ? 25  ASP A CG  1 
ATOM   141  O OD1 . ASP A 1 25  ? -18.328 3.128   -3.108  1.00 29.10 ? 25  ASP A OD1 1 
ATOM   142  O OD2 . ASP A 1 25  ? -19.217 1.129   -3.009  1.00 33.46 ? 25  ASP A OD2 1 
ATOM   143  N N   . GLN A 1 26  ? -15.760 4.075   -2.870  1.00 24.81 ? 26  GLN A N   1 
ATOM   144  C CA  . GLN A 1 26  ? -15.074 5.182   -2.187  1.00 26.11 ? 26  GLN A CA  1 
ATOM   145  C C   . GLN A 1 26  ? -14.366 4.700   -0.931  1.00 24.07 ? 26  GLN A C   1 
ATOM   146  O O   . GLN A 1 26  ? -14.854 3.787   -0.259  1.00 26.65 ? 26  GLN A O   1 
ATOM   147  C CB  . GLN A 1 26  ? -16.068 6.288   -1.815  1.00 35.17 ? 26  GLN A CB  1 
ATOM   148  C CG  . GLN A 1 26  ? -16.682 7.013   -3.007  1.00 42.71 ? 26  GLN A CG  1 
ATOM   149  C CD  . GLN A 1 26  ? -15.819 8.165   -3.498  1.00 59.27 ? 26  GLN A CD  1 
ATOM   150  O OE1 . GLN A 1 26  ? -15.257 8.110   -4.595  1.00 66.62 ? 26  GLN A OE1 1 
ATOM   151  N NE2 . GLN A 1 26  ? -15.705 9.216   -2.681  1.00 50.54 ? 26  GLN A NE2 1 
ATOM   152  N N   . LEU A 1 27  ? -13.218 5.302   -0.614  1.00 20.38 ? 27  LEU A N   1 
ATOM   153  C CA  . LEU A 1 27  ? -12.480 4.950   0.612   1.00 20.73 ? 27  LEU A CA  1 
ATOM   154  C C   . LEU A 1 27  ? -12.959 5.782   1.796   1.00 20.41 ? 27  LEU A C   1 
ATOM   155  O O   . LEU A 1 27  ? -12.240 6.641   2.307   1.00 26.96 ? 27  LEU A O   1 
ATOM   156  C CB  . LEU A 1 27  ? -10.962 5.085   0.416   1.00 19.65 ? 27  LEU A CB  1 
ATOM   157  C CG  . LEU A 1 27  ? -10.286 4.105   -0.548  1.00 21.05 ? 27  LEU A CG  1 
ATOM   158  C CD1 . LEU A 1 27  ? -8.783  4.305   -0.501  1.00 24.15 ? 27  LEU A CD1 1 
ATOM   159  C CD2 . LEU A 1 27  ? -10.612 2.655   -0.224  1.00 26.31 ? 27  LEU A CD2 1 
ATOM   160  N N   . ASP A 1 28  ? -14.180 5.498   2.235   1.00 26.81 ? 28  ASP A N   1 
ATOM   161  C CA  . ASP A 1 28  ? -14.765 6.134   3.416   1.00 26.63 ? 28  ASP A CA  1 
ATOM   162  C C   . ASP A 1 28  ? -14.113 5.582   4.675   1.00 23.45 ? 28  ASP A C   1 
ATOM   163  O O   . ASP A 1 28  ? -13.596 4.466   4.659   1.00 17.40 ? 28  ASP A O   1 
ATOM   164  C CB  . ASP A 1 28  ? -16.278 5.874   3.487   1.00 33.57 ? 28  ASP A CB  1 
ATOM   165  C CG  . ASP A 1 28  ? -17.051 6.524   2.343   1.00 37.01 ? 28  ASP A CG  1 
ATOM   166  O OD1 . ASP A 1 28  ? -16.688 7.645   1.920   1.00 45.05 ? 28  ASP A OD1 1 
ATOM   167  O OD2 . ASP A 1 28  ? -18.032 5.911   1.875   1.00 43.16 ? 28  ASP A OD2 1 
ATOM   168  N N   . PRO A 1 29  ? -14.145 6.350   5.779   1.00 22.97 ? 29  PRO A N   1 
ATOM   169  C CA  . PRO A 1 29  ? -13.565 5.815   7.009   1.00 22.41 ? 29  PRO A CA  1 
ATOM   170  C C   . PRO A 1 29  ? -14.182 4.463   7.429   1.00 21.54 ? 29  PRO A C   1 
ATOM   171  O O   . PRO A 1 29  ? -15.404 4.254   7.309   1.00 18.72 ? 29  PRO A O   1 
ATOM   172  C CB  . PRO A 1 29  ? -13.823 6.917   8.052   1.00 23.29 ? 29  PRO A CB  1 
ATOM   173  C CG  . PRO A 1 29  ? -14.722 7.905   7.406   1.00 24.41 ? 29  PRO A CG  1 
ATOM   174  C CD  . PRO A 1 29  ? -14.553 7.757   5.930   1.00 27.12 ? 29  PRO A CD  1 
ATOM   175  N N   . GLY A 1 30  ? -13.316 3.557   7.872   1.00 16.42 ? 30  GLY A N   1 
ATOM   176  C CA  . GLY A 1 30  ? -13.692 2.184   8.176   1.00 17.58 ? 30  GLY A CA  1 
ATOM   177  C C   . GLY A 1 30  ? -13.429 1.213   7.039   1.00 17.12 ? 30  GLY A C   1 
ATOM   178  O O   . GLY A 1 30  ? -13.524 0.006   7.248   1.00 18.74 ? 30  GLY A O   1 
ATOM   179  N N   . THR A 1 31  ? -13.110 1.720   5.842   1.00 13.78 ? 31  THR A N   1 
ATOM   180  C CA  . THR A 1 31  ? -12.784 0.871   4.694   1.00 12.62 ? 31  THR A CA  1 
ATOM   181  C C   . THR A 1 31  ? -11.477 0.108   4.933   1.00 12.03 ? 31  THR A C   1 
ATOM   182  O O   . THR A 1 31  ? -10.517 0.668   5.461   1.00 11.49 ? 31  THR A O   1 
ATOM   183  C CB  . THR A 1 31  ? -12.671 1.697   3.396   1.00 18.60 ? 31  THR A CB  1 
ATOM   184  O OG1 . THR A 1 31  ? -13.946 2.291   3.103   1.00 21.08 ? 31  THR A OG1 1 
ATOM   185  C CG2 . THR A 1 31  ? -12.209 0.824   2.190   1.00 17.89 ? 31  THR A CG2 1 
ATOM   186  N N   . LEU A 1 32  ? -11.468 -1.177  4.584   1.00 12.51 ? 32  LEU A N   1 
ATOM   187  C CA  . LEU A 1 32  ? -10.256 -1.995  4.679   1.00 13.10 ? 32  LEU A CA  1 
ATOM   188  C C   . LEU A 1 32  ? -9.790  -2.417  3.291   1.00 13.37 ? 32  LEU A C   1 
ATOM   189  O O   . LEU A 1 32  ? -10.613 -2.739  2.426   1.00 12.54 ? 32  LEU A O   1 
ATOM   190  C CB  . LEU A 1 32  ? -10.479 -3.245  5.526   1.00 12.08 ? 32  LEU A CB  1 
ATOM   191  C CG  . LEU A 1 32  ? -11.033 -3.138  6.957   1.00 13.79 ? 32  LEU A CG  1 
ATOM   192  C CD1 . LEU A 1 32  ? -11.266 -4.539  7.522   1.00 13.63 ? 32  LEU A CD1 1 
ATOM   193  C CD2 . LEU A 1 32  ? -10.113 -2.356  7.871   1.00 13.44 ? 32  LEU A CD2 1 
ATOM   194  N N   . ILE A 1 33  ? -8.471  -2.405  3.095   1.00 11.00 ? 33  ILE A N   1 
ATOM   195  C CA  . ILE A 1 33  ? -7.837  -3.043  1.959   1.00 12.34 ? 33  ILE A CA  1 
ATOM   196  C C   . ILE A 1 33  ? -6.984  -4.168  2.547   1.00 15.43 ? 33  ILE A C   1 
ATOM   197  O O   . ILE A 1 33  ? -6.103  -3.904  3.373   1.00 12.56 ? 33  ILE A O   1 
ATOM   198  C CB  . ILE A 1 33  ? -6.965  -2.044  1.181   1.00 16.59 ? 33  ILE A CB  1 
ATOM   199  C CG1 . ILE A 1 33  ? -7.809  -0.833  0.734   1.00 15.55 ? 33  ILE A CG1 1 
ATOM   200  C CG2 . ILE A 1 33  ? -6.326  -2.715  -0.037  1.00 16.70 ? 33  ILE A CG2 1 
ATOM   201  C CD1 . ILE A 1 33  ? -6.983  0.377   0.380   1.00 17.58 ? 33  ILE A CD1 1 
ATOM   202  N N   . VAL A 1 34  ? -7.257  -5.412  2.144   1.00 11.40 ? 34  VAL A N   1 
ATOM   203  C CA  . VAL A 1 34  ? -6.531  -6.586  2.652   1.00 15.59 ? 34  VAL A CA  1 
ATOM   204  C C   . VAL A 1 34  ? -5.708  -7.193  1.511   1.00 14.67 ? 34  VAL A C   1 
ATOM   205  O O   . VAL A 1 34  ? -6.241  -7.539  0.461   1.00 14.19 ? 34  VAL A O   1 
ATOM   206  C CB  . VAL A 1 34  ? -7.486  -7.637  3.251   1.00 15.84 ? 34  VAL A CB  1 
ATOM   207  C CG1 . VAL A 1 34  ? -6.724  -8.851  3.767   1.00 17.90 ? 34  VAL A CG1 1 
ATOM   208  C CG2 . VAL A 1 34  ? -8.326  -7.012  4.371   1.00 19.91 ? 34  VAL A CG2 1 
ATOM   209  N N   . ILE A 1 35  ? -4.405  -7.300  1.728   1.00 16.84 ? 35  ILE A N   1 
ATOM   210  C CA  . ILE A 1 35  ? -3.478  -7.803  0.720   1.00 16.97 ? 35  ILE A CA  1 
ATOM   211  C C   . ILE A 1 35  ? -2.718  -8.958  1.349   1.00 16.59 ? 35  ILE A C   1 
ATOM   212  O O   . ILE A 1 35  ? -2.117  -8.789  2.405   1.00 15.82 ? 35  ILE A O   1 
ATOM   213  C CB  . ILE A 1 35  ? -2.503  -6.705  0.237   1.00 15.15 ? 35  ILE A CB  1 
ATOM   214  C CG1 . ILE A 1 35  ? -3.275  -5.554  -0.425  1.00 16.79 ? 35  ILE A CG1 1 
ATOM   215  C CG2 . ILE A 1 35  ? -1.512  -7.279  -0.769  1.00 17.16 ? 35  ILE A CG2 1 
ATOM   216  C CD1 . ILE A 1 35  ? -2.620  -4.197  -0.319  1.00 14.66 ? 35  ILE A CD1 1 
ATOM   217  N N   . ARG A 1 36  ? -2.764  -10.123 0.705   1.00 13.57 ? 36  ARG A N   1 
ATOM   218  C CA  . ARG A 1 36  ? -1.996  -11.286 1.141   1.00 14.56 ? 36  ARG A CA  1 
ATOM   219  C C   . ARG A 1 36  ? -0.993  -11.655 0.066   1.00 14.32 ? 36  ARG A C   1 
ATOM   220  O O   . ARG A 1 36  ? -1.298  -11.585 -1.128  1.00 11.31 ? 36  ARG A O   1 
ATOM   221  C CB  . ARG A 1 36  ? -2.932  -12.455 1.408   1.00 18.45 ? 36  ARG A CB  1 
ATOM   222  C CG  . ARG A 1 36  ? -3.893  -12.203 2.552   1.00 20.08 ? 36  ARG A CG  1 
ATOM   223  C CD  . ARG A 1 36  ? -4.801  -13.392 2.789   1.00 26.27 ? 36  ARG A CD  1 
ATOM   224  N NE  . ARG A 1 36  ? -5.478  -13.304 4.088   1.00 35.58 ? 36  ARG A NE  1 
ATOM   225  C CZ  . ARG A 1 36  ? -6.736  -12.900 4.298   1.00 38.64 ? 36  ARG A CZ  1 
ATOM   226  N NH1 . ARG A 1 36  ? -7.536  -12.533 3.298   1.00 36.83 ? 36  ARG A NH1 1 
ATOM   227  N NH2 . ARG A 1 36  ? -7.209  -12.865 5.541   1.00 41.43 ? 36  ARG A NH2 1 
ATOM   228  N N   . GLY A 1 37  ? 0.208   -12.040 0.489   1.00 13.56 ? 37  GLY A N   1 
ATOM   229  C CA  . GLY A 1 37  ? 1.271   -12.370 -0.443  1.00 14.48 ? 37  GLY A CA  1 
ATOM   230  C C   . GLY A 1 37  ? 2.466   -12.956 0.268   1.00 14.75 ? 37  GLY A C   1 
ATOM   231  O O   . GLY A 1 37  ? 2.356   -13.331 1.432   1.00 18.80 ? 37  GLY A O   1 
ATOM   232  N N   . HIS A 1 38  ? 3.587   -13.058 -0.451  1.00 16.23 ? 38  HIS A N   1 
ATOM   233  C CA  . HIS A 1 38  ? 4.899   -13.375 0.152   1.00 23.72 ? 38  HIS A CA  1 
ATOM   234  C C   . HIS A 1 38  ? 6.039   -12.624 -0.533  1.00 20.14 ? 38  HIS A C   1 
ATOM   235  O O   . HIS A 1 38  ? 5.919   -12.183 -1.680  1.00 22.05 ? 38  HIS A O   1 
ATOM   236  C CB  . HIS A 1 38  ? 5.187   -14.906 0.228   1.00 26.34 ? 38  HIS A CB  1 
ATOM   237  C CG  . HIS A 1 38  ? 5.387   -15.587 -1.096  1.00 34.59 ? 38  HIS A CG  1 
ATOM   238  N ND1 . HIS A 1 38  ? 6.497   -15.388 -1.893  1.00 50.32 ? 38  HIS A ND1 1 
ATOM   239  C CD2 . HIS A 1 38  ? 4.638   -16.518 -1.733  1.00 43.69 ? 38  HIS A CD2 1 
ATOM   240  C CE1 . HIS A 1 38  ? 6.397   -16.134 -2.981  1.00 47.05 ? 38  HIS A CE1 1 
ATOM   241  N NE2 . HIS A 1 38  ? 5.275   -16.827 -2.910  1.00 37.50 ? 38  HIS A NE2 1 
ATOM   242  N N   . VAL A 1 39  ? 7.149   -12.512 0.184   1.00 20.63 ? 39  VAL A N   1 
ATOM   243  C CA  . VAL A 1 39  ? 8.339   -11.807 -0.285  1.00 23.34 ? 39  VAL A CA  1 
ATOM   244  C C   . VAL A 1 39  ? 9.287   -12.848 -0.889  1.00 25.05 ? 39  VAL A C   1 
ATOM   245  O O   . VAL A 1 39  ? 9.665   -13.797 -0.194  1.00 25.30 ? 39  VAL A O   1 
ATOM   246  C CB  . VAL A 1 39  ? 9.058   -11.080 0.880   1.00 27.77 ? 39  VAL A CB  1 
ATOM   247  C CG1 . VAL A 1 39  ? 10.179  -10.192 0.349   1.00 29.89 ? 39  VAL A CG1 1 
ATOM   248  C CG2 . VAL A 1 39  ? 8.066   -10.268 1.710   1.00 26.45 ? 39  VAL A CG2 1 
ATOM   249  N N   . PRO A 1 40  ? 9.661   -12.698 -2.179  1.00 23.35 ? 40  PRO A N   1 
ATOM   250  C CA  . PRO A 1 40  ? 10.618  -13.663 -2.747  1.00 28.07 ? 40  PRO A CA  1 
ATOM   251  C C   . PRO A 1 40  ? 12.024  -13.502 -2.154  1.00 26.34 ? 40  PRO A C   1 
ATOM   252  O O   . PRO A 1 40  ? 12.308  -12.493 -1.504  1.00 26.55 ? 40  PRO A O   1 
ATOM   253  C CB  . PRO A 1 40  ? 10.592  -13.362 -4.253  1.00 24.22 ? 40  PRO A CB  1 
ATOM   254  C CG  . PRO A 1 40  ? 10.072  -11.983 -4.366  1.00 26.00 ? 40  PRO A CG  1 
ATOM   255  C CD  . PRO A 1 40  ? 9.163   -11.755 -3.194  1.00 23.94 ? 40  PRO A CD  1 
ATOM   256  N N   . SER A 1 41  ? 12.879  -14.501 -2.357  1.00 33.13 ? 41  SER A N   1 
ATOM   257  C CA  . SER A 1 41  ? 14.171  -14.570 -1.647  1.00 35.87 ? 41  SER A CA  1 
ATOM   258  C C   . SER A 1 41  ? 15.156  -13.474 -2.069  1.00 32.15 ? 41  SER A C   1 
ATOM   259  O O   . SER A 1 41  ? 15.957  -13.028 -1.251  1.00 40.11 ? 41  SER A O   1 
ATOM   260  C CB  . SER A 1 41  ? 14.807  -15.962 -1.796  1.00 38.12 ? 41  SER A CB  1 
ATOM   261  O OG  . SER A 1 41  ? 14.781  -16.404 -3.137  1.00 36.13 ? 41  SER A OG  1 
ATOM   262  N N   . ASP A 1 42  ? 15.062  -13.027 -3.323  1.00 34.14 ? 42  ASP A N   1 
ATOM   263  C CA  . ASP A 1 42  ? 15.917  -11.953 -3.862  1.00 43.22 ? 42  ASP A CA  1 
ATOM   264  C C   . ASP A 1 42  ? 15.240  -10.560 -3.890  1.00 40.05 ? 42  ASP A C   1 
ATOM   265  O O   . ASP A 1 42  ? 15.573  -9.717  -4.732  1.00 38.46 ? 42  ASP A O   1 
ATOM   266  C CB  . ASP A 1 42  ? 16.426  -12.349 -5.268  1.00 45.73 ? 42  ASP A CB  1 
ATOM   267  C CG  . ASP A 1 42  ? 15.309  -12.459 -6.313  1.00 49.85 ? 42  ASP A CG  1 
ATOM   268  O OD1 . ASP A 1 42  ? 14.111  -12.429 -5.950  1.00 44.78 ? 42  ASP A OD1 1 
ATOM   269  O OD2 . ASP A 1 42  ? 15.643  -12.584 -7.509  1.00 57.83 ? 42  ASP A OD2 1 
ATOM   270  N N   . ALA A 1 43  ? 14.315  -10.314 -2.960  1.00 37.29 ? 43  ALA A N   1 
ATOM   271  C CA  . ALA A 1 43  ? 13.520  -9.081  -2.959  1.00 34.63 ? 43  ALA A CA  1 
ATOM   272  C C   . ALA A 1 43  ? 14.314  -7.919  -2.376  1.00 30.91 ? 43  ALA A C   1 
ATOM   273  O O   . ALA A 1 43  ? 14.761  -7.990  -1.235  1.00 32.68 ? 43  ALA A O   1 
ATOM   274  C CB  . ALA A 1 43  ? 12.237  -9.282  -2.162  1.00 36.69 ? 43  ALA A CB  1 
ATOM   275  N N   . ASP A 1 44  ? 14.491  -6.856  -3.158  1.00 25.56 ? 44  ASP A N   1 
ATOM   276  C CA  . ASP A 1 44  ? 15.103  -5.624  -2.642  1.00 29.42 ? 44  ASP A CA  1 
ATOM   277  C C   . ASP A 1 44  ? 14.046  -4.717  -2.004  1.00 27.24 ? 44  ASP A C   1 
ATOM   278  O O   . ASP A 1 44  ? 14.249  -4.213  -0.894  1.00 30.12 ? 44  ASP A O   1 
ATOM   279  C CB  . ASP A 1 44  ? 15.931  -4.886  -3.714  1.00 39.44 ? 44  ASP A CB  1 
ATOM   280  C CG  . ASP A 1 44  ? 15.147  -4.569  -4.985  1.00 45.54 ? 44  ASP A CG  1 
ATOM   281  O OD1 . ASP A 1 44  ? 14.043  -5.125  -5.189  1.00 41.69 ? 44  ASP A OD1 1 
ATOM   282  O OD2 . ASP A 1 44  ? 15.655  -3.763  -5.792  1.00 52.36 ? 44  ASP A OD2 1 
ATOM   283  N N   . ARG A 1 45  ? 12.919  -4.541  -2.698  1.00 25.18 ? 45  ARG A N   1 
ATOM   284  C CA  . ARG A 1 45  ? 11.796  -3.744  -2.212  1.00 21.80 ? 45  ARG A CA  1 
ATOM   285  C C   . ARG A 1 45  ? 10.518  -4.014  -3.020  1.00 18.78 ? 45  ARG A C   1 
ATOM   286  O O   . ARG A 1 45  ? 10.570  -4.565  -4.121  1.00 18.45 ? 45  ARG A O   1 
ATOM   287  C CB  . ARG A 1 45  ? 12.137  -2.247  -2.273  1.00 20.47 ? 45  ARG A CB  1 
ATOM   288  C CG  . ARG A 1 45  ? 12.554  -1.730  -3.650  1.00 25.06 ? 45  ARG A CG  1 
ATOM   289  C CD  . ARG A 1 45  ? 12.670  -0.207  -3.685  1.00 23.56 ? 45  ARG A CD  1 
ATOM   290  N NE  . ARG A 1 45  ? 11.414  0.466   -4.044  1.00 33.57 ? 45  ARG A NE  1 
ATOM   291  C CZ  . ARG A 1 45  ? 11.205  1.787   -3.997  1.00 33.55 ? 45  ARG A CZ  1 
ATOM   292  N NH1 . ARG A 1 45  ? 12.157  2.623   -3.583  1.00 38.70 ? 45  ARG A NH1 1 
ATOM   293  N NH2 . ARG A 1 45  ? 10.023  2.286   -4.359  1.00 27.78 ? 45  ARG A NH2 1 
ATOM   294  N N   . PHE A 1 46  ? 9.380   -3.632  -2.450  1.00 14.57 ? 46  PHE A N   1 
ATOM   295  C CA  . PHE A 1 46  ? 8.128   -3.496  -3.205  1.00 16.88 ? 46  PHE A CA  1 
ATOM   296  C C   . PHE A 1 46  ? 7.308   -2.337  -2.632  1.00 18.16 ? 46  PHE A C   1 
ATOM   297  O O   . PHE A 1 46  ? 7.693   -1.739  -1.620  1.00 14.99 ? 46  PHE A O   1 
ATOM   298  C CB  . PHE A 1 46  ? 7.333   -4.805  -3.242  1.00 15.18 ? 46  PHE A CB  1 
ATOM   299  C CG  . PHE A 1 46  ? 6.647   -5.152  -1.952  1.00 17.19 ? 46  PHE A CG  1 
ATOM   300  C CD1 . PHE A 1 46  ? 7.290   -5.921  -0.993  1.00 16.94 ? 46  PHE A CD1 1 
ATOM   301  C CD2 . PHE A 1 46  ? 5.338   -4.741  -1.712  1.00 18.25 ? 46  PHE A CD2 1 
ATOM   302  C CE1 . PHE A 1 46  ? 6.651   -6.258  0.191   1.00 17.83 ? 46  PHE A CE1 1 
ATOM   303  C CE2 . PHE A 1 46  ? 4.695   -5.071  -0.529  1.00 19.98 ? 46  PHE A CE2 1 
ATOM   304  C CZ  . PHE A 1 46  ? 5.351   -5.832  0.427   1.00 18.90 ? 46  PHE A CZ  1 
ATOM   305  N N   . GLN A 1 47  ? 6.195   -2.017  -3.284  1.00 17.01 ? 47  GLN A N   1 
ATOM   306  C CA  . GLN A 1 47  ? 5.363   -0.905  -2.849  1.00 18.37 ? 47  GLN A CA  1 
ATOM   307  C C   . GLN A 1 47  ? 3.891   -1.109  -3.177  1.00 19.04 ? 47  GLN A C   1 
ATOM   308  O O   . GLN A 1 47  ? 3.554   -1.675  -4.214  1.00 16.77 ? 47  GLN A O   1 
ATOM   309  C CB  . GLN A 1 47  ? 5.846   0.406   -3.474  1.00 15.95 ? 47  GLN A CB  1 
ATOM   310  C CG  . GLN A 1 47  ? 5.635   0.515   -4.979  1.00 15.85 ? 47  GLN A CG  1 
ATOM   311  C CD  . GLN A 1 47  ? 6.616   1.464   -5.636  1.00 16.29 ? 47  GLN A CD  1 
ATOM   312  O OE1 . GLN A 1 47  ? 7.820   1.227   -5.627  1.00 16.50 ? 47  GLN A OE1 1 
ATOM   313  N NE2 . GLN A 1 47  ? 6.107   2.547   -6.204  1.00 15.47 ? 47  GLN A NE2 1 
ATOM   314  N N   . VAL A 1 48  ? 3.043   -0.645  -2.263  1.00 17.49 ? 48  VAL A N   1 
ATOM   315  C CA  . VAL A 1 48  ? 1.613   -0.520  -2.480  1.00 18.16 ? 48  VAL A CA  1 
ATOM   316  C C   . VAL A 1 48  ? 1.340   0.986   -2.544  1.00 17.97 ? 48  VAL A C   1 
ATOM   317  O O   . VAL A 1 48  ? 1.648   1.704   -1.590  1.00 21.25 ? 48  VAL A O   1 
ATOM   318  C CB  . VAL A 1 48  ? 0.819   -1.171  -1.324  1.00 19.34 ? 48  VAL A CB  1 
ATOM   319  C CG1 . VAL A 1 48  ? -0.683  -1.032  -1.549  1.00 21.08 ? 48  VAL A CG1 1 
ATOM   320  C CG2 . VAL A 1 48  ? 1.218   -2.639  -1.165  1.00 20.14 ? 48  VAL A CG2 1 
ATOM   321  N N   . ASP A 1 49  ? 0.802   1.449   -3.678  1.00 14.67 ? 49  ASP A N   1 
ATOM   322  C CA  . ASP A 1 49  ? 0.520   2.862   -3.914  1.00 16.00 ? 49  ASP A CA  1 
ATOM   323  C C   . ASP A 1 49  ? -0.978  3.127   -4.069  1.00 14.40 ? 49  ASP A C   1 
ATOM   324  O O   . ASP A 1 49  ? -1.636  2.531   -4.917  1.00 13.65 ? 49  ASP A O   1 
ATOM   325  C CB  . ASP A 1 49  ? 1.241   3.352   -5.184  1.00 17.51 ? 49  ASP A CB  1 
ATOM   326  C CG  . ASP A 1 49  ? 2.759   3.384   -5.039  1.00 17.38 ? 49  ASP A CG  1 
ATOM   327  O OD1 . ASP A 1 49  ? 3.278   3.379   -3.896  1.00 18.61 ? 49  ASP A OD1 1 
ATOM   328  O OD2 . ASP A 1 49  ? 3.445   3.420   -6.081  1.00 18.42 ? 49  ASP A OD2 1 
ATOM   329  N N   . LEU A 1 50  ? -1.500  4.027   -3.241  1.00 11.40 ? 50  LEU A N   1 
ATOM   330  C CA  . LEU A 1 50  ? -2.866  4.488   -3.353  1.00 12.58 ? 50  LEU A CA  1 
ATOM   331  C C   . LEU A 1 50  ? -2.857  5.740   -4.205  1.00 13.70 ? 50  LEU A C   1 
ATOM   332  O O   . LEU A 1 50  ? -2.324  6.771   -3.790  1.00 18.49 ? 50  LEU A O   1 
ATOM   333  C CB  . LEU A 1 50  ? -3.454  4.775   -1.970  1.00 16.10 ? 50  LEU A CB  1 
ATOM   334  C CG  . LEU A 1 50  ? -3.637  3.582   -1.022  1.00 15.03 ? 50  LEU A CG  1 
ATOM   335  C CD1 . LEU A 1 50  ? -4.417  4.022   0.206   1.00 14.62 ? 50  LEU A CD1 1 
ATOM   336  C CD2 . LEU A 1 50  ? -4.353  2.434   -1.704  1.00 18.24 ? 50  LEU A CD2 1 
ATOM   337  N N   . GLN A 1 51  ? -3.446  5.646   -5.399  1.00 16.33 ? 51  GLN A N   1 
ATOM   338  C CA  . GLN A 1 51  ? -3.206  6.624   -6.467  1.00 15.08 ? 51  GLN A CA  1 
ATOM   339  C C   . GLN A 1 51  ? -4.453  7.417   -6.866  1.00 18.41 ? 51  GLN A C   1 
ATOM   340  O O   . GLN A 1 51  ? -5.571  6.897   -6.819  1.00 16.40 ? 51  GLN A O   1 
ATOM   341  C CB  . GLN A 1 51  ? -2.661  5.923   -7.709  1.00 12.59 ? 51  GLN A CB  1 
ATOM   342  C CG  . GLN A 1 51  ? -1.331  5.239   -7.511  1.00 13.41 ? 51  GLN A CG  1 
ATOM   343  C CD  . GLN A 1 51  ? -0.819  4.525   -8.755  1.00 14.70 ? 51  GLN A CD  1 
ATOM   344  O OE1 . GLN A 1 51  ? 0.105   3.723   -8.676  1.00 17.53 ? 51  GLN A OE1 1 
ATOM   345  N NE2 . GLN A 1 51  ? -1.397  4.821   -9.900  1.00 18.40 ? 51  GLN A NE2 1 
ATOM   346  N N   . ASN A 1 52  ? -4.236  8.677   -7.263  1.00 19.71 ? 52  ASN A N   1 
ATOM   347  C CA  . ASN A 1 52  ? -5.235  9.457   -7.990  1.00 24.61 ? 52  ASN A CA  1 
ATOM   348  C C   . ASN A 1 52  ? -5.022  9.204   -9.474  1.00 24.79 ? 52  ASN A C   1 
ATOM   349  O O   . ASN A 1 52  ? -4.245  9.903   -10.125 1.00 19.96 ? 52  ASN A O   1 
ATOM   350  C CB  . ASN A 1 52  ? -5.128  10.957  -7.680  1.00 25.53 ? 52  ASN A CB  1 
ATOM   351  C CG  . ASN A 1 52  ? -6.323  11.756  -8.200  1.00 32.71 ? 52  ASN A CG  1 
ATOM   352  O OD1 . ASN A 1 52  ? -7.167  11.256  -8.961  1.00 31.78 ? 52  ASN A OD1 1 
ATOM   353  N ND2 . ASN A 1 52  ? -6.408  13.008  -7.772  1.00 40.85 ? 52  ASN A ND2 1 
ATOM   354  N N   . GLY A 1 53  ? -5.725  8.194   -9.983  1.00 25.82 ? 53  GLY A N   1 
ATOM   355  C CA  . GLY A 1 53  ? -5.666  7.805   -11.385 1.00 23.61 ? 53  GLY A CA  1 
ATOM   356  C C   . GLY A 1 53  ? -4.551  6.826   -11.691 1.00 21.35 ? 53  GLY A C   1 
ATOM   357  O O   . GLY A 1 53  ? -3.830  6.374   -10.794 1.00 17.09 ? 53  GLY A O   1 
ATOM   358  N N   . SER A 1 54  ? -4.397  6.535   -12.982 1.00 24.38 ? 54  SER A N   1 
ATOM   359  C CA  . SER A 1 54  ? -3.408  5.582   -13.478 1.00 26.40 ? 54  SER A CA  1 
ATOM   360  C C   . SER A 1 54  ? -2.550  6.139   -14.623 1.00 26.88 ? 54  SER A C   1 
ATOM   361  O O   . SER A 1 54  ? -1.937  5.362   -15.349 1.00 31.98 ? 54  SER A O   1 
ATOM   362  C CB  . SER A 1 54  ? -4.140  4.324   -13.945 1.00 28.23 ? 54  SER A CB  1 
ATOM   363  O OG  . SER A 1 54  ? -5.066  4.658   -14.962 1.00 33.66 ? 54  SER A OG  1 
ATOM   364  N N   . SER A 1 55  ? -2.483  7.462   -14.791 1.00 25.13 ? 55  SER A N   1 
ATOM   365  C CA  . SER A 1 55  ? -1.647  8.038   -15.856 1.00 28.14 ? 55  SER A CA  1 
ATOM   366  C C   . SER A 1 55  ? -0.170  7.799   -15.537 1.00 27.99 ? 55  SER A C   1 
ATOM   367  O O   . SER A 1 55  ? 0.240   7.909   -14.378 1.00 25.85 ? 55  SER A O   1 
ATOM   368  C CB  . SER A 1 55  ? -1.915  9.540   -16.050 1.00 25.77 ? 55  SER A CB  1 
ATOM   369  O OG  . SER A 1 55  ? -1.403  10.298  -14.978 1.00 31.89 ? 55  SER A OG  1 
ATOM   370  N N   . VAL A 1 56  ? 0.610   7.449   -16.559 1.00 23.57 ? 56  VAL A N   1 
ATOM   371  C CA  . VAL A 1 56  ? 2.049   7.223   -16.393 1.00 27.95 ? 56  VAL A CA  1 
ATOM   372  C C   . VAL A 1 56  ? 2.863   8.477   -16.714 1.00 29.03 ? 56  VAL A C   1 
ATOM   373  O O   . VAL A 1 56  ? 3.914   8.697   -16.099 1.00 29.77 ? 56  VAL A O   1 
ATOM   374  C CB  . VAL A 1 56  ? 2.584   5.996   -17.188 1.00 31.16 ? 56  VAL A CB  1 
ATOM   375  C CG1 . VAL A 1 56  ? 2.102   4.704   -16.548 1.00 32.61 ? 56  VAL A CG1 1 
ATOM   376  C CG2 . VAL A 1 56  ? 2.195   6.035   -18.660 1.00 34.82 ? 56  VAL A CG2 1 
ATOM   377  N N   . LYS A 1 57  ? 2.388   9.283   -17.666 1.00 27.49 ? 57  LYS A N   1 
ATOM   378  C CA  . LYS A 1 57  ? 3.032   10.553  -18.039 1.00 34.48 ? 57  LYS A CA  1 
ATOM   379  C C   . LYS A 1 57  ? 1.930   11.582  -18.301 1.00 35.18 ? 57  LYS A C   1 
ATOM   380  O O   . LYS A 1 57  ? 1.141   11.385  -19.228 1.00 47.28 ? 57  LYS A O   1 
ATOM   381  C CB  . LYS A 1 57  ? 3.895   10.402  -19.298 1.00 32.36 ? 57  LYS A CB  1 
ATOM   382  C CG  . LYS A 1 57  ? 4.975   9.331   -19.227 1.00 34.51 ? 57  LYS A CG  1 
ATOM   383  C CD  . LYS A 1 57  ? 6.112   9.684   -18.278 1.00 37.86 ? 57  LYS A CD  1 
ATOM   384  C CE  . LYS A 1 57  ? 7.065   10.704  -18.878 1.00 52.09 ? 57  LYS A CE  1 
ATOM   385  N NZ  . LYS A 1 57  ? 8.299   10.834  -18.057 1.00 68.21 ? 57  LYS A NZ  1 
ATOM   386  N N   . PRO A 1 58  ? 1.814   12.636  -17.483 1.00 37.52 ? 58  PRO A N   1 
ATOM   387  C CA  . PRO A 1 58  ? 2.544   12.794  -16.224 1.00 33.68 ? 58  PRO A CA  1 
ATOM   388  C C   . PRO A 1 58  ? 2.101   11.743  -15.194 1.00 27.26 ? 58  PRO A C   1 
ATOM   389  O O   . PRO A 1 58  ? 0.943   11.326  -15.200 1.00 34.03 ? 58  PRO A O   1 
ATOM   390  C CB  . PRO A 1 58  ? 2.151   14.204  -15.778 1.00 31.77 ? 58  PRO A CB  1 
ATOM   391  C CG  . PRO A 1 58  ? 0.764   14.375  -16.294 1.00 37.29 ? 58  PRO A CG  1 
ATOM   392  C CD  . PRO A 1 58  ? 0.661   13.556  -17.559 1.00 38.78 ? 58  PRO A CD  1 
ATOM   393  N N   . ARG A 1 59  ? 3.028   11.310  -14.347 1.00 24.02 ? 59  ARG A N   1 
ATOM   394  C CA  . ARG A 1 59  ? 2.770   10.261  -13.372 1.00 26.45 ? 59  ARG A CA  1 
ATOM   395  C C   . ARG A 1 59  ? 1.692   10.652  -12.357 1.00 24.58 ? 59  ARG A C   1 
ATOM   396  O O   . ARG A 1 59  ? 1.735   11.753  -11.802 1.00 18.06 ? 59  ARG A O   1 
ATOM   397  C CB  . ARG A 1 59  ? 4.056   9.910   -12.626 1.00 27.48 ? 59  ARG A CB  1 
ATOM   398  C CG  . ARG A 1 59  ? 3.865   8.821   -11.598 1.00 25.94 ? 59  ARG A CG  1 
ATOM   399  C CD  . ARG A 1 59  ? 5.179   8.349   -11.027 1.00 26.04 ? 59  ARG A CD  1 
ATOM   400  N NE  . ARG A 1 59  ? 4.941   7.375   -9.962  1.00 27.75 ? 59  ARG A NE  1 
ATOM   401  C CZ  . ARG A 1 59  ? 5.869   6.920   -9.125  1.00 24.97 ? 59  ARG A CZ  1 
ATOM   402  N NH1 . ARG A 1 59  ? 7.130   7.339   -9.203  1.00 23.75 ? 59  ARG A NH1 1 
ATOM   403  N NH2 . ARG A 1 59  ? 5.526   6.035   -8.195  1.00 26.81 ? 59  ARG A NH2 1 
ATOM   404  N N   . ALA A 1 60  ? 0.761   9.729   -12.103 1.00 19.98 ? 60  ALA A N   1 
ATOM   405  C CA  . ALA A 1 60  ? -0.361  9.970   -11.195 1.00 18.83 ? 60  ALA A CA  1 
ATOM   406  C C   . ALA A 1 60  ? 0.134   10.284  -9.788  1.00 16.46 ? 60  ALA A C   1 
ATOM   407  O O   . ALA A 1 60  ? 1.169   9.778   -9.365  1.00 19.14 ? 60  ALA A O   1 
ATOM   408  C CB  . ALA A 1 60  ? -1.314  8.775   -11.174 1.00 21.72 ? 60  ALA A CB  1 
ATOM   409  N N   . ASP A 1 61  ? -0.589  11.160  -9.091  1.00 16.02 ? 61  ASP A N   1 
ATOM   410  C CA  . ASP A 1 61  ? -0.295  11.467  -7.695  1.00 17.78 ? 61  ASP A CA  1 
ATOM   411  C C   . ASP A 1 61  ? -0.505  10.200  -6.874  1.00 16.98 ? 61  ASP A C   1 
ATOM   412  O O   . ASP A 1 61  ? -1.449  9.431   -7.135  1.00 12.61 ? 61  ASP A O   1 
ATOM   413  C CB  . ASP A 1 61  ? -1.240  12.547  -7.140  1.00 25.35 ? 61  ASP A CB  1 
ATOM   414  C CG  . ASP A 1 61  ? -1.002  13.933  -7.722  1.00 28.01 ? 61  ASP A CG  1 
ATOM   415  O OD1 . ASP A 1 61  ? 0.046   14.200  -8.353  1.00 29.33 ? 61  ASP A OD1 1 
ATOM   416  O OD2 . ASP A 1 61  ? -1.896  14.779  -7.515  1.00 30.80 ? 61  ASP A OD2 1 
ATOM   417  N N   . VAL A 1 62  ? 0.353   10.000  -5.879  1.00 14.50 ? 62  VAL A N   1 
ATOM   418  C CA  . VAL A 1 62  ? 0.261   8.846   -4.983  1.00 15.07 ? 62  VAL A CA  1 
ATOM   419  C C   . VAL A 1 62  ? -0.043  9.385   -3.589  1.00 15.96 ? 62  VAL A C   1 
ATOM   420  O O   . VAL A 1 62  ? 0.850   9.879   -2.903  1.00 16.09 ? 62  VAL A O   1 
ATOM   421  C CB  . VAL A 1 62  ? 1.564   8.028   -4.970  1.00 15.48 ? 62  VAL A CB  1 
ATOM   422  C CG1 . VAL A 1 62  ? 1.455   6.843   -4.012  1.00 16.23 ? 62  VAL A CG1 1 
ATOM   423  C CG2 . VAL A 1 62  ? 1.911   7.568   -6.385  1.00 15.85 ? 62  VAL A CG2 1 
ATOM   424  N N   . ALA A 1 63  ? -1.307  9.302   -3.189  1.00 13.72 ? 63  ALA A N   1 
ATOM   425  C CA  . ALA A 1 63  ? -1.732  9.747   -1.867  1.00 14.18 ? 63  ALA A CA  1 
ATOM   426  C C   . ALA A 1 63  ? -0.994  9.014   -0.726  1.00 16.46 ? 63  ALA A C   1 
ATOM   427  O O   . ALA A 1 63  ? -0.592  9.644   0.257   1.00 15.37 ? 63  ALA A O   1 
ATOM   428  C CB  . ALA A 1 63  ? -3.236  9.592   -1.737  1.00 13.55 ? 63  ALA A CB  1 
ATOM   429  N N   . PHE A 1 64  ? -0.791  7.700   -0.879  1.00 13.50 ? 64  PHE A N   1 
ATOM   430  C CA  . PHE A 1 64  ? -0.096  6.894   0.123   1.00 15.00 ? 64  PHE A CA  1 
ATOM   431  C C   . PHE A 1 64  ? 0.826   5.880   -0.568  1.00 16.17 ? 64  PHE A C   1 
ATOM   432  O O   . PHE A 1 64  ? 0.365   4.988   -1.289  1.00 15.25 ? 64  PHE A O   1 
ATOM   433  C CB  . PHE A 1 64  ? -1.127  6.212   1.042   1.00 16.52 ? 64  PHE A CB  1 
ATOM   434  C CG  . PHE A 1 64  ? -0.538  5.409   2.184   1.00 14.10 ? 64  PHE A CG  1 
ATOM   435  C CD1 . PHE A 1 64  ? 0.547   5.868   2.922   1.00 13.86 ? 64  PHE A CD1 1 
ATOM   436  C CD2 . PHE A 1 64  ? -1.133  4.202   2.563   1.00 17.50 ? 64  PHE A CD2 1 
ATOM   437  C CE1 . PHE A 1 64  ? 1.060   5.117   3.978   1.00 15.42 ? 64  PHE A CE1 1 
ATOM   438  C CE2 . PHE A 1 64  ? -0.632  3.450   3.623   1.00 16.34 ? 64  PHE A CE2 1 
ATOM   439  C CZ  . PHE A 1 64  ? 0.469   3.910   4.335   1.00 14.94 ? 64  PHE A CZ  1 
ATOM   440  N N   . HIS A 1 65  ? 2.129   6.075   -0.373  1.00 14.26 ? 65  HIS A N   1 
ATOM   441  C CA  . HIS A 1 65  ? 3.177   5.186   -0.876  1.00 14.34 ? 65  HIS A CA  1 
ATOM   442  C C   . HIS A 1 65  ? 3.587   4.368   0.321   1.00 14.96 ? 65  HIS A C   1 
ATOM   443  O O   . HIS A 1 65  ? 4.066   4.937   1.292   1.00 17.24 ? 65  HIS A O   1 
ATOM   444  C CB  . HIS A 1 65  ? 4.339   6.037   -1.411  1.00 13.44 ? 65  HIS A CB  1 
ATOM   445  C CG  . HIS A 1 65  ? 5.557   5.269   -1.838  1.00 13.69 ? 65  HIS A CG  1 
ATOM   446  N ND1 . HIS A 1 65  ? 5.568   4.407   -2.913  1.00 12.96 ? 65  HIS A ND1 1 
ATOM   447  C CD2 . HIS A 1 65  ? 6.833   5.314   -1.383  1.00 17.01 ? 65  HIS A CD2 1 
ATOM   448  C CE1 . HIS A 1 65  ? 6.787   3.923   -3.076  1.00 16.50 ? 65  HIS A CE1 1 
ATOM   449  N NE2 . HIS A 1 65  ? 7.575   4.459   -2.162  1.00 16.58 ? 65  HIS A NE2 1 
ATOM   450  N N   . PHE A 1 66  ? 3.365   3.051   0.274   1.00 12.23 ? 66  PHE A N   1 
ATOM   451  C CA  . PHE A 1 66  ? 3.752   2.138   1.358   1.00 12.05 ? 66  PHE A CA  1 
ATOM   452  C C   . PHE A 1 66  ? 4.828   1.212   0.802   1.00 11.75 ? 66  PHE A C   1 
ATOM   453  O O   . PHE A 1 66  ? 4.545   0.406   -0.080  1.00 10.28 ? 66  PHE A O   1 
ATOM   454  C CB  . PHE A 1 66  ? 2.527   1.353   1.850   1.00 12.28 ? 66  PHE A CB  1 
ATOM   455  C CG  . PHE A 1 66  ? 2.824   0.341   2.935   1.00 12.78 ? 66  PHE A CG  1 
ATOM   456  C CD1 . PHE A 1 66  ? 2.820   0.712   4.276   1.00 13.46 ? 66  PHE A CD1 1 
ATOM   457  C CD2 . PHE A 1 66  ? 3.077   -0.994  2.614   1.00 13.17 ? 66  PHE A CD2 1 
ATOM   458  C CE1 . PHE A 1 66  ? 3.086   -0.222  5.274   1.00 13.36 ? 66  PHE A CE1 1 
ATOM   459  C CE2 . PHE A 1 66  ? 3.326   -1.933  3.611   1.00 12.74 ? 66  PHE A CE2 1 
ATOM   460  C CZ  . PHE A 1 66  ? 3.337   -1.543  4.940   1.00 12.24 ? 66  PHE A CZ  1 
ATOM   461  N N   . ASN A 1 67  ? 6.051   1.325   1.322   1.00 13.55 ? 67  ASN A N   1 
ATOM   462  C CA  . ASN A 1 67  ? 7.241   0.802   0.635   1.00 15.20 ? 67  ASN A CA  1 
ATOM   463  C C   . ASN A 1 67  ? 8.233   0.102   1.578   1.00 17.01 ? 67  ASN A C   1 
ATOM   464  O O   . ASN A 1 67  ? 9.154   0.733   2.118   1.00 14.39 ? 67  ASN A O   1 
ATOM   465  C CB  . ASN A 1 67  ? 7.903   1.957   -0.143  1.00 17.49 ? 67  ASN A CB  1 
ATOM   466  C CG  . ASN A 1 67  ? 9.235   1.582   -0.777  1.00 18.78 ? 67  ASN A CG  1 
ATOM   467  O OD1 . ASN A 1 67  ? 10.210  2.330   -0.665  1.00 25.52 ? 67  ASN A OD1 1 
ATOM   468  N ND2 . ASN A 1 67  ? 9.287   0.442   -1.443  1.00 17.58 ? 67  ASN A ND2 1 
ATOM   469  N N   . PRO A 1 68  ? 8.044   -1.216  1.783   1.00 19.89 ? 68  PRO A N   1 
ATOM   470  C CA  . PRO A 1 68  ? 9.058   -2.031  2.453   1.00 21.09 ? 68  PRO A CA  1 
ATOM   471  C C   . PRO A 1 68  ? 10.351  -2.163  1.638   1.00 23.53 ? 68  PRO A C   1 
ATOM   472  O O   . PRO A 1 68  ? 10.304  -2.364  0.417   1.00 20.47 ? 68  PRO A O   1 
ATOM   473  C CB  . PRO A 1 68  ? 8.388   -3.397  2.571   1.00 19.00 ? 68  PRO A CB  1 
ATOM   474  C CG  . PRO A 1 68  ? 6.937   -3.104  2.547   1.00 19.43 ? 68  PRO A CG  1 
ATOM   475  C CD  . PRO A 1 68  ? 6.780   -1.951  1.620   1.00 17.83 ? 68  PRO A CD  1 
ATOM   476  N N   . ARG A 1 69  ? 11.482  -2.049  2.332   1.00 25.40 ? 69  ARG A N   1 
ATOM   477  C CA  . ARG A 1 69  ? 12.807  -2.257  1.756   1.00 22.65 ? 69  ARG A CA  1 
ATOM   478  C C   . ARG A 1 69  ? 13.518  -3.301  2.600   1.00 23.44 ? 69  ARG A C   1 
ATOM   479  O O   . ARG A 1 69  ? 13.351  -3.353  3.823   1.00 20.65 ? 69  ARG A O   1 
ATOM   480  C CB  . ARG A 1 69  ? 13.581  -0.940  1.725   1.00 21.60 ? 69  ARG A CB  1 
ATOM   481  C CG  . ARG A 1 69  ? 12.901  0.112   0.858   1.00 18.86 ? 69  ARG A CG  1 
ATOM   482  C CD  . ARG A 1 69  ? 13.584  1.459   0.941   1.00 21.14 ? 69  ARG A CD  1 
ATOM   483  N NE  . ARG A 1 69  ? 12.874  2.453   0.141   1.00 22.74 ? 69  ARG A NE  1 
ATOM   484  C CZ  . ARG A 1 69  ? 13.217  3.736   0.018   1.00 21.02 ? 69  ARG A CZ  1 
ATOM   485  N NH1 . ARG A 1 69  ? 14.285  4.236   0.642   1.00 24.99 ? 69  ARG A NH1 1 
ATOM   486  N NH2 . ARG A 1 69  ? 12.483  4.529   -0.746  1.00 24.62 ? 69  ARG A NH2 1 
ATOM   487  N N   . PHE A 1 70  ? 14.315  -4.129  1.938   1.00 28.13 ? 70  PHE A N   1 
ATOM   488  C CA  . PHE A 1 70  ? 14.843  -5.341  2.544   1.00 27.07 ? 70  PHE A CA  1 
ATOM   489  C C   . PHE A 1 70  ? 16.373  -5.404  2.714   1.00 37.79 ? 70  PHE A C   1 
ATOM   490  O O   . PHE A 1 70  ? 16.891  -6.445  3.119   1.00 40.72 ? 70  PHE A O   1 
ATOM   491  C CB  . PHE A 1 70  ? 14.322  -6.523  1.740   1.00 26.06 ? 70  PHE A CB  1 
ATOM   492  C CG  . PHE A 1 70  ? 12.839  -6.711  1.867   1.00 25.92 ? 70  PHE A CG  1 
ATOM   493  C CD1 . PHE A 1 70  ? 12.305  -7.273  3.021   1.00 30.36 ? 70  PHE A CD1 1 
ATOM   494  C CD2 . PHE A 1 70  ? 11.969  -6.318  0.850   1.00 25.45 ? 70  PHE A CD2 1 
ATOM   495  C CE1 . PHE A 1 70  ? 10.933  -7.455  3.159   1.00 33.18 ? 70  PHE A CE1 1 
ATOM   496  C CE2 . PHE A 1 70  ? 10.594  -6.494  0.983   1.00 27.38 ? 70  PHE A CE2 1 
ATOM   497  C CZ  . PHE A 1 70  ? 10.072  -7.066  2.142   1.00 23.20 ? 70  PHE A CZ  1 
ATOM   498  N N   . LYS A 1 71  ? 17.090  -4.307  2.449   1.00 34.98 ? 71  LYS A N   1 
ATOM   499  C CA  . LYS A 1 71  ? 18.544  -4.267  2.703   1.00 43.88 ? 71  LYS A CA  1 
ATOM   500  C C   . LYS A 1 71  ? 18.837  -4.288  4.209   1.00 38.55 ? 71  LYS A C   1 
ATOM   501  O O   . LYS A 1 71  ? 18.276  -3.490  4.962   1.00 32.48 ? 71  LYS A O   1 
ATOM   502  C CB  . LYS A 1 71  ? 19.199  -3.041  2.062   1.00 45.48 ? 71  LYS A CB  1 
ATOM   503  C CG  . LYS A 1 71  ? 19.384  -3.158  0.558   1.00 66.79 ? 71  LYS A CG  1 
ATOM   504  C CD  . LYS A 1 71  ? 20.186  -1.990  0.000   1.00 79.56 ? 71  LYS A CD  1 
ATOM   505  C CE  . LYS A 1 71  ? 20.115  -1.929  -1.520  1.00 81.85 ? 71  LYS A CE  1 
ATOM   506  N NZ  . LYS A 1 71  ? 20.683  -3.142  -2.171  1.00 76.10 ? 71  LYS A NZ  1 
ATOM   507  N N   . ARG A 1 72  ? 19.693  -5.218  4.635   1.00 34.24 ? 72  ARG A N   1 
ATOM   508  C CA  . ARG A 1 72  ? 20.087  -5.373  6.046   1.00 36.69 ? 72  ARG A CA  1 
ATOM   509  C C   . ARG A 1 72  ? 18.877  -5.618  6.981   1.00 35.01 ? 72  ARG A C   1 
ATOM   510  O O   . ARG A 1 72  ? 18.107  -6.547  6.721   1.00 38.67 ? 72  ARG A O   1 
ATOM   511  C CB  . ARG A 1 72  ? 20.970  -4.188  6.480   1.00 39.96 ? 72  ARG A CB  1 
ATOM   512  C CG  . ARG A 1 72  ? 22.248  -4.032  5.675   1.00 42.99 ? 72  ARG A CG  1 
ATOM   513  C CD  . ARG A 1 72  ? 23.106  -5.288  5.758   1.00 44.08 ? 72  ARG A CD  1 
ATOM   514  N NE  . ARG A 1 72  ? 24.498  -5.053  5.373   1.00 38.95 ? 72  ARG A NE  1 
ATOM   515  C CZ  . ARG A 1 72  ? 25.383  -6.005  5.065   1.00 36.99 ? 72  ARG A CZ  1 
ATOM   516  N NH1 . ARG A 1 72  ? 25.043  -7.292  5.072   1.00 29.52 ? 72  ARG A NH1 1 
ATOM   517  N NH2 . ARG A 1 72  ? 26.628  -5.659  4.728   1.00 36.49 ? 72  ARG A NH2 1 
ATOM   518  N N   . ALA A 1 73  ? 18.702  -4.818  8.042   1.00 32.89 ? 73  ALA A N   1 
ATOM   519  C CA  . ALA A 1 73  ? 17.548  -4.948  8.946   1.00 42.36 ? 73  ALA A CA  1 
ATOM   520  C C   . ALA A 1 73  ? 16.226  -4.502  8.297   1.00 46.88 ? 73  ALA A C   1 
ATOM   521  O O   . ALA A 1 73  ? 15.145  -4.922  8.728   1.00 54.52 ? 73  ALA A O   1 
ATOM   522  C CB  . ALA A 1 73  ? 17.791  -4.167  10.231  1.00 46.33 ? 73  ALA A CB  1 
ATOM   523  N N   . GLY A 1 74  ? 16.321  -3.640  7.282   1.00 45.39 ? 74  GLY A N   1 
ATOM   524  C CA  . GLY A 1 74  ? 15.171  -3.224  6.487   1.00 42.80 ? 74  GLY A CA  1 
ATOM   525  C C   . GLY A 1 74  ? 14.384  -2.101  7.129   1.00 41.73 ? 74  GLY A C   1 
ATOM   526  O O   . GLY A 1 74  ? 14.634  -1.714  8.277   1.00 32.76 ? 74  GLY A O   1 
HETATM 527  N N   . CSO A 1 75  ? 13.431  -1.572  6.371   1.00 30.66 ? 75  CSO A N   1 
HETATM 528  C CA  . CSO A 1 75  ? 12.539  -0.532  6.866   1.00 27.87 ? 75  CSO A CA  1 
HETATM 529  C CB  . CSO A 1 75  ? 13.262  0.822   6.869   1.00 23.88 ? 75  CSO A CB  1 
HETATM 530  S SG  . CSO A 1 75  ? 13.646  1.418   5.243   1.00 31.83 ? 75  CSO A SG  1 
HETATM 531  C C   . CSO A 1 75  ? 11.301  -0.459  6.015   1.00 23.36 ? 75  CSO A C   1 
HETATM 532  O O   . CSO A 1 75  ? 11.212  -1.100  4.958   1.00 20.63 ? 75  CSO A O   1 
HETATM 533  O OD  . CSO A 1 75  ? 15.323  1.003   5.004   1.00 26.93 ? 75  CSO A OD  1 
ATOM   534  N N   . ILE A 1 76  ? 10.330  0.319   6.480   1.00 22.73 ? 76  ILE A N   1 
ATOM   535  C CA  . ILE A 1 76  ? 9.189   0.730   5.653   1.00 19.56 ? 76  ILE A CA  1 
ATOM   536  C C   . ILE A 1 76  ? 9.287   2.242   5.492   1.00 17.14 ? 76  ILE A C   1 
ATOM   537  O O   . ILE A 1 76  ? 9.423   2.971   6.479   1.00 14.44 ? 76  ILE A O   1 
ATOM   538  C CB  . ILE A 1 76  ? 7.830   0.368   6.280   1.00 18.88 ? 76  ILE A CB  1 
ATOM   539  C CG1 . ILE A 1 76  ? 7.771   -1.123  6.664   1.00 18.86 ? 76  ILE A CG1 1 
ATOM   540  C CG2 . ILE A 1 76  ? 6.702   0.691   5.305   1.00 17.57 ? 76  ILE A CG2 1 
ATOM   541  C CD1 . ILE A 1 76  ? 6.783   -1.431  7.771   1.00 21.53 ? 76  ILE A CD1 1 
ATOM   542  N N   . VAL A 1 77  ? 9.248   2.692   4.242   1.00 15.52 ? 77  VAL A N   1 
ATOM   543  C CA  . VAL A 1 77  ? 9.230   4.115   3.906   1.00 16.08 ? 77  VAL A CA  1 
ATOM   544  C C   . VAL A 1 77  ? 7.841   4.470   3.422   1.00 13.89 ? 77  VAL A C   1 
ATOM   545  O O   . VAL A 1 77  ? 7.322   3.799   2.528   1.00 12.16 ? 77  VAL A O   1 
ATOM   546  C CB  . VAL A 1 77  ? 10.235  4.425   2.777   1.00 17.04 ? 77  VAL A CB  1 
ATOM   547  C CG1 . VAL A 1 77  ? 10.133  5.882   2.330   1.00 17.77 ? 77  VAL A CG1 1 
ATOM   548  C CG2 . VAL A 1 77  ? 11.644  4.080   3.232   1.00 18.93 ? 77  VAL A CG2 1 
ATOM   549  N N   . CYS A 1 78  ? 7.258   5.518   4.007   1.00 14.57 ? 78  CYS A N   1 
ATOM   550  C CA  . CYS A 1 78  ? 5.967   6.056   3.583   1.00 16.62 ? 78  CYS A CA  1 
ATOM   551  C C   . CYS A 1 78  ? 6.126   7.492   3.105   1.00 18.00 ? 78  CYS A C   1 
ATOM   552  O O   . CYS A 1 78  ? 6.874   8.269   3.698   1.00 23.54 ? 78  CYS A O   1 
ATOM   553  C CB  . CYS A 1 78  ? 4.954   6.022   4.730   1.00 18.55 ? 78  CYS A CB  1 
ATOM   554  S SG  . CYS A 1 78  ? 4.465   4.365   5.246   1.00 19.33 ? 78  CYS A SG  1 
ATOM   555  N N   . ASN A 1 79  ? 5.428   7.836   2.028   1.00 14.73 ? 79  ASN A N   1 
ATOM   556  C CA  . ASN A 1 79  ? 5.542   9.159   1.426   1.00 16.84 ? 79  ASN A CA  1 
ATOM   557  C C   . ASN A 1 79  ? 4.333   9.433   0.532   1.00 15.53 ? 79  ASN A C   1 
ATOM   558  O O   . ASN A 1 79  ? 3.426   8.611   0.448   1.00 13.06 ? 79  ASN A O   1 
ATOM   559  C CB  . ASN A 1 79  ? 6.866   9.290   0.641   1.00 20.34 ? 79  ASN A CB  1 
ATOM   560  C CG  . ASN A 1 79  ? 7.406   10.726  0.599   1.00 23.87 ? 79  ASN A CG  1 
ATOM   561  O OD1 . ASN A 1 79  ? 6.696   11.688  0.907   1.00 20.38 ? 79  ASN A OD1 1 
ATOM   562  N ND2 . ASN A 1 79  ? 8.662   10.870  0.191   1.00 23.62 ? 79  ASN A ND2 1 
ATOM   563  N N   . THR A 1 80  ? 4.314   10.620  -0.071  1.00 15.60 ? 80  THR A N   1 
ATOM   564  C CA  . THR A 1 80  ? 3.260   11.066  -0.951  1.00 16.91 ? 80  THR A CA  1 
ATOM   565  C C   . THR A 1 80  ? 3.916   11.755  -2.161  1.00 22.20 ? 80  THR A C   1 
ATOM   566  O O   . THR A 1 80  ? 4.895   12.503  -2.018  1.00 18.92 ? 80  THR A O   1 
ATOM   567  C CB  . THR A 1 80  ? 2.316   12.025  -0.181  1.00 17.64 ? 80  THR A CB  1 
ATOM   568  O OG1 . THR A 1 80  ? 1.712   11.317  0.913   1.00 18.20 ? 80  THR A OG1 1 
ATOM   569  C CG2 . THR A 1 80  ? 1.210   12.598  -1.064  1.00 18.82 ? 80  THR A CG2 1 
ATOM   570  N N   . LEU A 1 81  ? 3.381   11.469  -3.344  1.00 23.28 ? 81  LEU A N   1 
ATOM   571  C CA  . LEU A 1 81  ? 3.825   12.071  -4.594  1.00 25.37 ? 81  LEU A CA  1 
ATOM   572  C C   . LEU A 1 81  ? 2.709   12.991  -5.071  1.00 25.19 ? 81  LEU A C   1 
ATOM   573  O O   . LEU A 1 81  ? 1.581   12.529  -5.272  1.00 25.04 ? 81  LEU A O   1 
ATOM   574  C CB  . LEU A 1 81  ? 4.115   10.992  -5.644  1.00 24.64 ? 81  LEU A CB  1 
ATOM   575  C CG  . LEU A 1 81  ? 4.784   11.468  -6.943  1.00 29.82 ? 81  LEU A CG  1 
ATOM   576  C CD1 . LEU A 1 81  ? 6.284   11.588  -6.747  1.00 32.47 ? 81  LEU A CD1 1 
ATOM   577  C CD2 . LEU A 1 81  ? 4.487   10.530  -8.102  1.00 34.22 ? 81  LEU A CD2 1 
ATOM   578  N N   . ILE A 1 82  ? 3.019   14.288  -5.198  1.00 21.82 ? 82  ILE A N   1 
ATOM   579  C CA  . ILE A 1 82  ? 2.099   15.294  -5.758  1.00 25.90 ? 82  ILE A CA  1 
ATOM   580  C C   . ILE A 1 82  ? 2.836   16.050  -6.878  1.00 25.99 ? 82  ILE A C   1 
ATOM   581  O O   . ILE A 1 82  ? 3.980   16.494  -6.694  1.00 23.65 ? 82  ILE A O   1 
ATOM   582  C CB  . ILE A 1 82  ? 1.577   16.293  -4.691  1.00 28.10 ? 82  ILE A CB  1 
ATOM   583  C CG1 . ILE A 1 82  ? 1.063   15.557  -3.446  1.00 29.05 ? 82  ILE A CG1 1 
ATOM   584  C CG2 . ILE A 1 82  ? 0.453   17.161  -5.270  1.00 22.88 ? 82  ILE A CG2 1 
ATOM   585  C CD1 . ILE A 1 82  ? 0.655   16.471  -2.309  1.00 30.12 ? 82  ILE A CD1 1 
ATOM   586  N N   . ASN A 1 83  ? 2.184   16.159  -8.037  1.00 29.07 ? 83  ASN A N   1 
ATOM   587  C CA  . ASN A 1 83  ? 2.769   16.741  -9.259  1.00 31.27 ? 83  ASN A CA  1 
ATOM   588  C C   . ASN A 1 83  ? 4.235   16.324  -9.465  1.00 29.99 ? 83  ASN A C   1 
ATOM   589  O O   . ASN A 1 83  ? 5.124   17.153  -9.665  1.00 31.32 ? 83  ASN A O   1 
ATOM   590  C CB  . ASN A 1 83  ? 2.561   18.266  -9.274  1.00 32.57 ? 83  ASN A CB  1 
ATOM   591  C CG  . ASN A 1 83  ? 1.084   18.651  -9.362  1.00 38.64 ? 83  ASN A CG  1 
ATOM   592  O OD1 . ASN A 1 83  ? 0.338   18.114  -10.183 1.00 51.26 ? 83  ASN A OD1 1 
ATOM   593  N ND2 . ASN A 1 83  ? 0.657   19.586  -8.520  1.00 39.09 ? 83  ASN A ND2 1 
ATOM   594  N N   . GLU A 1 84  ? 4.442   15.008  -9.382  1.00 32.46 ? 84  GLU A N   1 
ATOM   595  C CA  . GLU A 1 84  ? 5.725   14.323  -9.592  1.00 33.07 ? 84  GLU A CA  1 
ATOM   596  C C   . GLU A 1 84  ? 6.869   14.682  -8.640  1.00 32.92 ? 84  GLU A C   1 
ATOM   597  O O   . GLU A 1 84  ? 8.039   14.497  -8.980  1.00 38.42 ? 84  GLU A O   1 
ATOM   598  C CB  . GLU A 1 84  ? 6.166   14.448  -11.060 1.00 35.71 ? 84  GLU A CB  1 
ATOM   599  C CG  . GLU A 1 84  ? 5.144   13.882  -12.039 1.00 42.12 ? 84  GLU A CG  1 
ATOM   600  C CD  . GLU A 1 84  ? 5.646   13.824  -13.475 1.00 53.32 ? 84  GLU A CD  1 
ATOM   601  O OE1 . GLU A 1 84  ? 6.572   14.583  -13.837 1.00 50.73 ? 84  GLU A OE1 1 
ATOM   602  O OE2 . GLU A 1 84  ? 5.099   13.017  -14.251 1.00 39.80 ? 84  GLU A OE2 1 
ATOM   603  N N   . LYS A 1 85  ? 6.530   15.152  -7.439  1.00 36.10 ? 85  LYS A N   1 
ATOM   604  C CA  . LYS A 1 85  ? 7.519   15.479  -6.406  1.00 40.68 ? 85  LYS A CA  1 
ATOM   605  C C   . LYS A 1 85  ? 7.197   14.761  -5.095  1.00 31.47 ? 85  LYS A C   1 
ATOM   606  O O   . LYS A 1 85  ? 6.094   14.886  -4.560  1.00 32.00 ? 85  LYS A O   1 
ATOM   607  C CB  . LYS A 1 85  ? 7.612   16.999  -6.188  1.00 42.83 ? 85  LYS A CB  1 
ATOM   608  C CG  . LYS A 1 85  ? 8.730   17.638  -6.999  1.00 65.26 ? 85  LYS A CG  1 
ATOM   609  C CD  . LYS A 1 85  ? 8.632   19.160  -7.081  1.00 76.22 ? 85  LYS A CD  1 
ATOM   610  C CE  . LYS A 1 85  ? 9.304   19.701  -8.343  1.00 73.81 ? 85  LYS A CE  1 
ATOM   611  N NZ  . LYS A 1 85  ? 10.672  19.152  -8.581  1.00 72.85 ? 85  LYS A NZ  1 
ATOM   612  N N   . TRP A 1 86  ? 8.169   14.000  -4.603  1.00 24.73 ? 86  TRP A N   1 
ATOM   613  C CA  . TRP A 1 86  ? 8.066   13.319  -3.320  1.00 28.40 ? 86  TRP A CA  1 
ATOM   614  C C   . TRP A 1 86  ? 8.134   14.332  -2.176  1.00 25.73 ? 86  TRP A C   1 
ATOM   615  O O   . TRP A 1 86  ? 8.913   15.277  -2.226  1.00 35.39 ? 86  TRP A O   1 
ATOM   616  C CB  . TRP A 1 86  ? 9.183   12.273  -3.168  1.00 27.75 ? 86  TRP A CB  1 
ATOM   617  C CG  . TRP A 1 86  ? 8.989   11.064  -4.031  1.00 34.69 ? 86  TRP A CG  1 
ATOM   618  C CD1 . TRP A 1 86  ? 9.749   10.689  -5.103  1.00 38.33 ? 86  TRP A CD1 1 
ATOM   619  C CD2 . TRP A 1 86  ? 7.961   10.072  -3.901  1.00 28.44 ? 86  TRP A CD2 1 
ATOM   620  N NE1 . TRP A 1 86  ? 9.260   9.523   -5.644  1.00 38.85 ? 86  TRP A NE1 1 
ATOM   621  C CE2 . TRP A 1 86  ? 8.165   9.120   -4.926  1.00 31.13 ? 86  TRP A CE2 1 
ATOM   622  C CE3 . TRP A 1 86  ? 6.889   9.892   -3.017  1.00 22.46 ? 86  TRP A CE3 1 
ATOM   623  C CZ2 . TRP A 1 86  ? 7.327   8.007   -5.098  1.00 30.78 ? 86  TRP A CZ2 1 
ATOM   624  C CZ3 . TRP A 1 86  ? 6.055   8.780   -3.185  1.00 22.30 ? 86  TRP A CZ3 1 
ATOM   625  C CH2 . TRP A 1 86  ? 6.282   7.856   -4.219  1.00 24.80 ? 86  TRP A CH2 1 
ATOM   626  N N   . GLY A 1 87  ? 7.300   14.139  -1.161  1.00 28.75 ? 87  GLY A N   1 
ATOM   627  C CA  . GLY A 1 87  ? 7.343   14.960  0.047   1.00 26.96 ? 87  GLY A CA  1 
ATOM   628  C C   . GLY A 1 87  ? 8.368   14.433  1.032   1.00 24.03 ? 87  GLY A C   1 
ATOM   629  O O   . GLY A 1 87  ? 9.278   13.698  0.664   1.00 21.94 ? 87  GLY A O   1 
ATOM   630  N N   . ARG A 1 88  ? 8.202   14.824  2.287   1.00 31.06 ? 88  ARG A N   1 
ATOM   631  C CA  . ARG A 1 88  ? 9.010   14.327  3.403   1.00 35.55 ? 88  ARG A CA  1 
ATOM   632  C C   . ARG A 1 88  ? 8.686   12.846  3.676   1.00 30.26 ? 88  ARG A C   1 
ATOM   633  O O   . ARG A 1 88  ? 7.520   12.463  3.712   1.00 28.57 ? 88  ARG A O   1 
ATOM   634  C CB  . ARG A 1 88  ? 8.715   15.182  4.647   1.00 46.08 ? 88  ARG A CB  1 
ATOM   635  C CG  . ARG A 1 88  ? 9.346   14.745  5.965   1.00 60.22 ? 88  ARG A CG  1 
ATOM   636  C CD  . ARG A 1 88  ? 8.822   15.568  7.140   1.00 76.91 ? 88  ARG A CD  1 
ATOM   637  N NE  . ARG A 1 88  ? 7.390   15.350  7.412   1.00 84.74 ? 88  ARG A NE  1 
ATOM   638  C CZ  . ARG A 1 88  ? 6.370   16.093  6.958   1.00 85.41 ? 88  ARG A CZ  1 
ATOM   639  N NH1 . ARG A 1 88  ? 6.561   17.153  6.166   1.00 98.75 ? 88  ARG A NH1 1 
ATOM   640  N NH2 . ARG A 1 88  ? 5.123   15.762  7.294   1.00 68.16 ? 88  ARG A NH2 1 
ATOM   641  N N   . GLU A 1 89  ? 9.725   12.039  3.886   1.00 27.09 ? 89  GLU A N   1 
ATOM   642  C CA  . GLU A 1 89  ? 9.579   10.621  4.201   1.00 27.05 ? 89  GLU A CA  1 
ATOM   643  C C   . GLU A 1 89  ? 9.242   10.368  5.673   1.00 32.21 ? 89  GLU A C   1 
ATOM   644  O O   . GLU A 1 89  ? 9.697   11.095  6.553   1.00 36.90 ? 89  GLU A O   1 
ATOM   645  C CB  . GLU A 1 89  ? 10.865  9.870   3.852   1.00 24.70 ? 89  GLU A CB  1 
ATOM   646  C CG  . GLU A 1 89  ? 11.165  9.846   2.363   1.00 26.09 ? 89  GLU A CG  1 
ATOM   647  C CD  . GLU A 1 89  ? 12.303  8.904   2.000   1.00 29.59 ? 89  GLU A CD  1 
ATOM   648  O OE1 . GLU A 1 89  ? 13.190  8.656   2.850   1.00 25.56 ? 89  GLU A OE1 1 
ATOM   649  O OE2 . GLU A 1 89  ? 12.306  8.406   0.855   1.00 28.08 ? 89  GLU A OE2 1 
ATOM   650  N N   . GLU A 1 90  ? 8.438   9.332   5.925   1.00 28.20 ? 90  GLU A N   1 
ATOM   651  C CA  . GLU A 1 90  ? 8.212   8.811   7.274   1.00 23.70 ? 90  GLU A CA  1 
ATOM   652  C C   . GLU A 1 90  ? 8.674   7.355   7.290   1.00 27.81 ? 90  GLU A C   1 
ATOM   653  O O   . GLU A 1 90  ? 8.072   6.498   6.627   1.00 24.81 ? 90  GLU A O   1 
ATOM   654  C CB  . GLU A 1 90  ? 6.742   8.934   7.674   1.00 22.90 ? 90  GLU A CB  1 
ATOM   655  C CG  . GLU A 1 90  ? 6.270   10.376  7.778   1.00 23.81 ? 90  GLU A CG  1 
ATOM   656  C CD  . GLU A 1 90  ? 4.778   10.507  8.029   1.00 23.00 ? 90  GLU A CD  1 
ATOM   657  O OE1 . GLU A 1 90  ? 4.208   9.652   8.729   1.00 25.03 ? 90  GLU A OE1 1 
ATOM   658  O OE2 . GLU A 1 90  ? 4.171   11.477  7.529   1.00 25.02 ? 90  GLU A OE2 1 
ATOM   659  N N   . ILE A 1 91  ? 9.754   7.090   8.029   1.00 22.28 ? 91  ILE A N   1 
ATOM   660  C CA  . ILE A 1 91  ? 10.409  5.786   8.015   1.00 27.46 ? 91  ILE A CA  1 
ATOM   661  C C   . ILE A 1 91  ? 10.079  5.015   9.290   1.00 28.11 ? 91  ILE A C   1 
ATOM   662  O O   . ILE A 1 91  ? 10.191  5.548   10.392  1.00 22.61 ? 91  ILE A O   1 
ATOM   663  C CB  . ILE A 1 91  ? 11.938  5.920   7.819   1.00 30.75 ? 91  ILE A CB  1 
ATOM   664  C CG1 . ILE A 1 91  ? 12.225  6.679   6.514   1.00 33.82 ? 91  ILE A CG1 1 
ATOM   665  C CG2 . ILE A 1 91  ? 12.606  4.543   7.774   1.00 28.88 ? 91  ILE A CG2 1 
ATOM   666  C CD1 . ILE A 1 91  ? 13.689  6.995   6.264   1.00 42.55 ? 91  ILE A CD1 1 
ATOM   667  N N   . THR A 1 92  ? 9.649   3.765   9.118   1.00 33.81 ? 92  THR A N   1 
ATOM   668  C CA  . THR A 1 92  ? 9.430   2.831   10.222  1.00 33.80 ? 92  THR A CA  1 
ATOM   669  C C   . THR A 1 92  ? 10.545  1.780   10.188  1.00 35.11 ? 92  THR A C   1 
ATOM   670  O O   . THR A 1 92  ? 10.683  1.038   9.213   1.00 30.35 ? 92  THR A O   1 
ATOM   671  C CB  . THR A 1 92  ? 8.041   2.165   10.121  1.00 33.05 ? 92  THR A CB  1 
ATOM   672  O OG1 . THR A 1 92  ? 7.020   3.171   10.223  1.00 26.60 ? 92  THR A OG1 1 
ATOM   673  C CG2 . THR A 1 92  ? 7.845   1.130   11.228  1.00 30.26 ? 92  THR A CG2 1 
ATOM   674  N N   . TYR A 1 93  ? 11.341  1.730   11.252  1.00 36.11 ? 93  TYR A N   1 
ATOM   675  C CA  . TYR A 1 93  ? 12.516  0.850   11.311  1.00 36.89 ? 93  TYR A CA  1 
ATOM   676  C C   . TYR A 1 93  ? 12.201  -0.560  11.821  1.00 31.57 ? 93  TYR A C   1 
ATOM   677  O O   . TYR A 1 93  ? 12.879  -1.515  11.436  1.00 31.58 ? 93  TYR A O   1 
ATOM   678  C CB  . TYR A 1 93  ? 13.628  1.501   12.146  1.00 35.00 ? 93  TYR A CB  1 
ATOM   679  C CG  . TYR A 1 93  ? 14.190  2.742   11.491  1.00 27.00 ? 93  TYR A CG  1 
ATOM   680  C CD1 . TYR A 1 93  ? 15.049  2.640   10.400  1.00 26.11 ? 93  TYR A CD1 1 
ATOM   681  C CD2 . TYR A 1 93  ? 13.847  4.015   11.937  1.00 33.26 ? 93  TYR A CD2 1 
ATOM   682  C CE1 . TYR A 1 93  ? 15.566  3.766   9.784   1.00 24.67 ? 93  TYR A CE1 1 
ATOM   683  C CE2 . TYR A 1 93  ? 14.361  5.152   11.323  1.00 29.46 ? 93  TYR A CE2 1 
ATOM   684  C CZ  . TYR A 1 93  ? 15.220  5.014   10.245  1.00 29.65 ? 93  TYR A CZ  1 
ATOM   685  O OH  . TYR A 1 93  ? 15.740  6.126   9.613   1.00 46.61 ? 93  TYR A OH  1 
ATOM   686  N N   . ASP A 1 94  ? 11.190  -0.691  12.681  1.00 33.11 ? 94  ASP A N   1 
ATOM   687  C CA  . ASP A 1 94  ? 10.771  -2.001  13.172  1.00 41.21 ? 94  ASP A CA  1 
ATOM   688  C C   . ASP A 1 94  ? 9.830   -2.635  12.149  1.00 49.02 ? 94  ASP A C   1 
ATOM   689  O O   . ASP A 1 94  ? 8.600   -2.560  12.272  1.00 55.20 ? 94  ASP A O   1 
ATOM   690  C CB  . ASP A 1 94  ? 10.109  -1.883  14.555  1.00 50.92 ? 94  ASP A CB  1 
ATOM   691  C CG  . ASP A 1 94  ? 9.808   -3.242  15.191  1.00 64.18 ? 94  ASP A CG  1 
ATOM   692  O OD1 . ASP A 1 94  ? 10.538  -4.225  14.921  1.00 67.61 ? 94  ASP A OD1 1 
ATOM   693  O OD2 . ASP A 1 94  ? 8.840   -3.325  15.976  1.00 73.08 ? 94  ASP A OD2 1 
ATOM   694  N N   . THR A 1 95  ? 10.425  -3.237  11.121  1.00 43.60 ? 95  THR A N   1 
ATOM   695  C CA  . THR A 1 95  ? 9.654   -3.895  10.063  1.00 36.74 ? 95  THR A CA  1 
ATOM   696  C C   . THR A 1 95  ? 9.319   -5.340  10.449  1.00 40.27 ? 95  THR A C   1 
ATOM   697  O O   . THR A 1 95  ? 10.163  -6.033  11.013  1.00 33.71 ? 95  THR A O   1 
ATOM   698  C CB  . THR A 1 95  ? 10.343  -3.870  8.680   1.00 38.76 ? 95  THR A CB  1 
ATOM   699  O OG1 . THR A 1 95  ? 9.457   -4.458  7.716   1.00 28.25 ? 95  THR A OG1 1 
ATOM   700  C CG2 . THR A 1 95  ? 11.692  -4.637  8.657   1.00 37.06 ? 95  THR A CG2 1 
ATOM   701  N N   . PRO A 1 96  ? 8.084   -5.790  10.147  1.00 36.33 ? 96  PRO A N   1 
ATOM   702  C CA  . PRO A 1 96  ? 7.669   -7.180  10.305  1.00 33.45 ? 96  PRO A CA  1 
ATOM   703  C C   . PRO A 1 96  ? 7.783   -8.038  9.038   1.00 30.51 ? 96  PRO A C   1 
ATOM   704  O O   . PRO A 1 96  ? 7.447   -9.219  9.079   1.00 37.62 ? 96  PRO A O   1 
ATOM   705  C CB  . PRO A 1 96  ? 6.201   -7.029  10.682  1.00 38.04 ? 96  PRO A CB  1 
ATOM   706  C CG  . PRO A 1 96  ? 5.755   -5.873  9.857   1.00 35.08 ? 96  PRO A CG  1 
ATOM   707  C CD  . PRO A 1 96  ? 6.930   -4.938  9.791   1.00 32.20 ? 96  PRO A CD  1 
ATOM   708  N N   . PHE A 1 97  ? 8.220   -7.449  7.928   1.00 29.01 ? 97  PHE A N   1 
ATOM   709  C CA  . PHE A 1 97  ? 8.444   -8.192  6.694   1.00 30.14 ? 97  PHE A CA  1 
ATOM   710  C C   . PHE A 1 97  ? 9.831   -8.843  6.690   1.00 35.56 ? 97  PHE A C   1 
ATOM   711  O O   . PHE A 1 97  ? 10.817  -8.232  7.127   1.00 32.11 ? 97  PHE A O   1 
ATOM   712  C CB  . PHE A 1 97  ? 8.327   -7.271  5.476   1.00 26.98 ? 97  PHE A CB  1 
ATOM   713  C CG  . PHE A 1 97  ? 6.959   -6.685  5.278   1.00 25.90 ? 97  PHE A CG  1 
ATOM   714  C CD1 . PHE A 1 97  ? 5.962   -7.415  4.624   1.00 24.27 ? 97  PHE A CD1 1 
ATOM   715  C CD2 . PHE A 1 97  ? 6.667   -5.390  5.712   1.00 23.82 ? 97  PHE A CD2 1 
ATOM   716  C CE1 . PHE A 1 97  ? 4.694   -6.873  4.426   1.00 20.90 ? 97  PHE A CE1 1 
ATOM   717  C CE2 . PHE A 1 97  ? 5.406   -4.846  5.517   1.00 29.63 ? 97  PHE A CE2 1 
ATOM   718  C CZ  . PHE A 1 97  ? 4.415   -5.590  4.876   1.00 23.50 ? 97  PHE A CZ  1 
ATOM   719  N N   . LYS A 1 98  ? 9.895   -10.080 6.198   1.00 27.32 ? 98  LYS A N   1 
ATOM   720  C CA  . LYS A 1 98  ? 11.161  -10.758 5.925   1.00 33.82 ? 98  LYS A CA  1 
ATOM   721  C C   . LYS A 1 98  ? 11.109  -11.433 4.560   1.00 34.10 ? 98  LYS A C   1 
ATOM   722  O O   . LYS A 1 98  ? 10.047  -11.891 4.120   1.00 26.36 ? 98  LYS A O   1 
ATOM   723  C CB  . LYS A 1 98  ? 11.480  -11.793 7.012   1.00 38.39 ? 98  LYS A CB  1 
ATOM   724  C CG  . LYS A 1 98  ? 12.198  -11.219 8.228   1.00 56.59 ? 98  LYS A CG  1 
ATOM   725  C CD  . LYS A 1 98  ? 12.933  -12.279 9.045   1.00 74.82 ? 98  LYS A CD  1 
ATOM   726  C CE  . LYS A 1 98  ? 12.089  -12.868 10.172  1.00 88.55 ? 98  LYS A CE  1 
ATOM   727  N NZ  . LYS A 1 98  ? 11.010  -13.783 9.704   1.00 91.50 ? 98  LYS A NZ  1 
ATOM   728  N N   . ARG A 1 99  ? 12.262  -11.483 3.892   1.00 37.04 ? 99  ARG A N   1 
ATOM   729  C CA  . ARG A 1 99  ? 12.416  -12.283 2.679   1.00 32.82 ? 99  ARG A CA  1 
ATOM   730  C C   . ARG A 1 99  ? 12.029  -13.726 2.982   1.00 32.51 ? 99  ARG A C   1 
ATOM   731  O O   . ARG A 1 99  ? 12.272  -14.217 4.089   1.00 30.48 ? 99  ARG A O   1 
ATOM   732  C CB  . ARG A 1 99  ? 13.847  -12.224 2.154   1.00 34.40 ? 99  ARG A CB  1 
ATOM   733  C CG  . ARG A 1 99  ? 14.169  -10.980 1.338   1.00 42.04 ? 99  ARG A CG  1 
ATOM   734  C CD  . ARG A 1 99  ? 15.632  -10.576 1.485   1.00 52.94 ? 99  ARG A CD  1 
ATOM   735  N NE  . ARG A 1 99  ? 16.157  -9.903  0.295   1.00 53.19 ? 99  ARG A NE  1 
ATOM   736  C CZ  . ARG A 1 99  ? 17.229  -9.105  0.265   1.00 61.06 ? 99  ARG A CZ  1 
ATOM   737  N NH1 . ARG A 1 99  ? 17.933  -8.832  1.366   1.00 57.56 ? 99  ARG A NH1 1 
ATOM   738  N NH2 . ARG A 1 99  ? 17.596  -8.556  -0.892  1.00 68.43 ? 99  ARG A NH2 1 
ATOM   739  N N   . GLU A 1 100 ? 11.390  -14.374 2.006   1.00 33.00 ? 100 GLU A N   1 
ATOM   740  C CA  . GLU A 1 100 ? 10.952  -15.780 2.092   1.00 38.81 ? 100 GLU A CA  1 
ATOM   741  C C   . GLU A 1 100 ? 9.782   -16.061 3.041   1.00 35.14 ? 100 GLU A C   1 
ATOM   742  O O   . GLU A 1 100 ? 9.474   -17.227 3.291   1.00 44.37 ? 100 GLU A O   1 
ATOM   743  C CB  . GLU A 1 100 ? 12.122  -16.722 2.437   1.00 45.57 ? 100 GLU A CB  1 
ATOM   744  C CG  . GLU A 1 100 ? 13.397  -16.477 1.645   1.00 59.07 ? 100 GLU A CG  1 
ATOM   745  C CD  . GLU A 1 100 ? 14.401  -17.600 1.808   1.00 60.61 ? 100 GLU A CD  1 
ATOM   746  O OE1 . GLU A 1 100 ? 14.896  -17.807 2.940   1.00 57.32 ? 100 GLU A OE1 1 
ATOM   747  O OE2 . GLU A 1 100 ? 14.689  -18.276 0.800   1.00 61.52 ? 100 GLU A OE2 1 
ATOM   748  N N   . LYS A 1 101 ? 9.112   -15.015 3.529   1.00 36.05 ? 101 LYS A N   1 
ATOM   749  C CA  . LYS A 1 101 ? 7.993   -15.158 4.459   1.00 30.54 ? 101 LYS A CA  1 
ATOM   750  C C   . LYS A 1 101 ? 6.712   -14.584 3.858   1.00 30.17 ? 101 LYS A C   1 
ATOM   751  O O   . LYS A 1 101 ? 6.750   -13.596 3.110   1.00 21.86 ? 101 LYS A O   1 
ATOM   752  C CB  . LYS A 1 101 ? 8.310   -14.449 5.780   1.00 41.04 ? 101 LYS A CB  1 
ATOM   753  C CG  . LYS A 1 101 ? 9.374   -15.139 6.626   1.00 55.54 ? 101 LYS A CG  1 
ATOM   754  C CD  . LYS A 1 101 ? 8.889   -16.481 7.157   1.00 64.07 ? 101 LYS A CD  1 
ATOM   755  C CE  . LYS A 1 101 ? 9.744   -17.001 8.300   1.00 67.10 ? 101 LYS A CE  1 
ATOM   756  N NZ  . LYS A 1 101 ? 9.103   -18.177 8.953   1.00 71.94 ? 101 LYS A NZ  1 
ATOM   757  N N   . SER A 1 102 ? 5.585   -15.217 4.189   1.00 27.92 ? 102 SER A N   1 
ATOM   758  C CA  . SER A 1 102 ? 4.268   -14.716 3.806   1.00 29.11 ? 102 SER A CA  1 
ATOM   759  C C   . SER A 1 102 ? 3.855   -13.570 4.711   1.00 25.51 ? 102 SER A C   1 
ATOM   760  O O   . SER A 1 102 ? 4.379   -13.426 5.812   1.00 25.50 ? 102 SER A O   1 
ATOM   761  C CB  . SER A 1 102 ? 3.223   -15.825 3.839   1.00 31.83 ? 102 SER A CB  1 
ATOM   762  O OG  . SER A 1 102 ? 3.334   -16.619 2.678   1.00 39.59 ? 102 SER A OG  1 
ATOM   763  N N   . PHE A 1 103 ? 2.924   -12.747 4.224   1.00 26.39 ? 103 PHE A N   1 
ATOM   764  C CA  . PHE A 1 103 ? 2.450   -11.572 4.965   1.00 21.69 ? 103 PHE A CA  1 
ATOM   765  C C   . PHE A 1 103 ? 0.951   -11.363 4.776   1.00 19.35 ? 103 PHE A C   1 
ATOM   766  O O   . PHE A 1 103 ? 0.349   -11.904 3.850   1.00 15.80 ? 103 PHE A O   1 
ATOM   767  C CB  . PHE A 1 103 ? 3.221   -10.299 4.557   1.00 19.88 ? 103 PHE A CB  1 
ATOM   768  C CG  . PHE A 1 103 ? 3.083   -9.930  3.096   1.00 21.04 ? 103 PHE A CG  1 
ATOM   769  C CD1 . PHE A 1 103 ? 1.933   -9.296  2.615   1.00 25.84 ? 103 PHE A CD1 1 
ATOM   770  C CD2 . PHE A 1 103 ? 4.112   -10.195 2.201   1.00 24.09 ? 103 PHE A CD2 1 
ATOM   771  C CE1 . PHE A 1 103 ? 1.812   -8.957  1.277   1.00 23.14 ? 103 PHE A CE1 1 
ATOM   772  C CE2 . PHE A 1 103 ? 3.998   -9.853  0.865   1.00 24.63 ? 103 PHE A CE2 1 
ATOM   773  C CZ  . PHE A 1 103 ? 2.848   -9.233  0.401   1.00 25.62 ? 103 PHE A CZ  1 
ATOM   774  N N   . GLU A 1 104 ? 0.366   -10.570 5.666   1.00 17.70 ? 104 GLU A N   1 
ATOM   775  C CA  . GLU A 1 104 ? -0.977  -10.041 5.466   1.00 22.30 ? 104 GLU A CA  1 
ATOM   776  C C   . GLU A 1 104 ? -0.964  -8.575  5.884   1.00 20.19 ? 104 GLU A C   1 
ATOM   777  O O   . GLU A 1 104 ? -0.732  -8.274  7.050   1.00 16.06 ? 104 GLU A O   1 
ATOM   778  C CB  . GLU A 1 104 ? -2.010  -10.826 6.284   1.00 26.90 ? 104 GLU A CB  1 
ATOM   779  C CG  . GLU A 1 104 ? -3.450  -10.392 6.020   1.00 29.27 ? 104 GLU A CG  1 
ATOM   780  C CD  . GLU A 1 104 ? -4.416  -10.732 7.141   1.00 26.82 ? 104 GLU A CD  1 
ATOM   781  O OE1 . GLU A 1 104 ? -4.039  -10.626 8.324   1.00 32.40 ? 104 GLU A OE1 1 
ATOM   782  O OE2 . GLU A 1 104 ? -5.574  -11.073 6.829   1.00 34.44 ? 104 GLU A OE2 1 
ATOM   783  N N   . ILE A 1 105 ? -1.210  -7.682  4.923   1.00 20.10 ? 105 ILE A N   1 
ATOM   784  C CA  . ILE A 1 105 ? -1.273  -6.237  5.154   1.00 16.85 ? 105 ILE A CA  1 
ATOM   785  C C   . ILE A 1 105 ? -2.737  -5.868  5.206   1.00 14.98 ? 105 ILE A C   1 
ATOM   786  O O   . ILE A 1 105 ? -3.496  -6.256  4.315   1.00 13.08 ? 105 ILE A O   1 
ATOM   787  C CB  . ILE A 1 105 ? -0.640  -5.440  3.994   1.00 17.98 ? 105 ILE A CB  1 
ATOM   788  C CG1 . ILE A 1 105 ? 0.806   -5.867  3.776   1.00 17.67 ? 105 ILE A CG1 1 
ATOM   789  C CG2 . ILE A 1 105 ? -0.733  -3.933  4.252   1.00 19.95 ? 105 ILE A CG2 1 
ATOM   790  C CD1 . ILE A 1 105 ? 1.403   -5.330  2.481   1.00 18.69 ? 105 ILE A CD1 1 
ATOM   791  N N   . VAL A 1 106 ? -3.139  -5.149  6.248   1.00 13.76 ? 106 VAL A N   1 
ATOM   792  C CA  . VAL A 1 106 ? -4.488  -4.585  6.317   1.00 13.87 ? 106 VAL A CA  1 
ATOM   793  C C   . VAL A 1 106 ? -4.340  -3.080  6.459   1.00 15.55 ? 106 VAL A C   1 
ATOM   794  O O   . VAL A 1 106 ? -3.771  -2.587  7.444   1.00 19.01 ? 106 VAL A O   1 
ATOM   795  C CB  . VAL A 1 106 ? -5.337  -5.139  7.478   1.00 15.83 ? 106 VAL A CB  1 
ATOM   796  C CG1 . VAL A 1 106 ? -6.760  -4.555  7.423   1.00 17.33 ? 106 VAL A CG1 1 
ATOM   797  C CG2 . VAL A 1 106 ? -5.377  -6.665  7.425   1.00 15.33 ? 106 VAL A CG2 1 
ATOM   798  N N   . ILE A 1 107 ? -4.823  -2.360  5.453   1.00 14.44 ? 107 ILE A N   1 
ATOM   799  C CA  . ILE A 1 107 ? -4.837  -0.908  5.475   1.00 13.80 ? 107 ILE A CA  1 
ATOM   800  C C   . ILE A 1 107 ? -6.261  -0.531  5.838   1.00 15.93 ? 107 ILE A C   1 
ATOM   801  O O   . ILE A 1 107 ? -7.191  -0.912  5.119   1.00 11.69 ? 107 ILE A O   1 
ATOM   802  C CB  . ILE A 1 107 ? -4.429  -0.309  4.111   1.00 12.10 ? 107 ILE A CB  1 
ATOM   803  C CG1 . ILE A 1 107 ? -3.046  -0.833  3.695   1.00 12.81 ? 107 ILE A CG1 1 
ATOM   804  C CG2 . ILE A 1 107 ? -4.401  1.207   4.190   1.00 12.33 ? 107 ILE A CG2 1 
ATOM   805  C CD1 . ILE A 1 107 ? -2.618  -0.462  2.296   1.00 12.46 ? 107 ILE A CD1 1 
ATOM   806  N N   . MET A 1 108 ? -6.418  0.156   6.978   1.00 13.54 ? 108 MET A N   1 
ATOM   807  C CA  . MET A 1 108 ? -7.694  0.766   7.376   1.00 15.75 ? 108 MET A CA  1 
ATOM   808  C C   . MET A 1 108 ? -7.628  2.270   7.120   1.00 15.93 ? 108 MET A C   1 
ATOM   809  O O   . MET A 1 108 ? -6.682  2.930   7.541   1.00 14.74 ? 108 MET A O   1 
ATOM   810  C CB  . MET A 1 108 ? -7.997  0.529   8.860   1.00 14.16 ? 108 MET A CB  1 
ATOM   811  C CG  . MET A 1 108 ? -9.320  1.149   9.313   1.00 14.90 ? 108 MET A CG  1 
ATOM   812  S SD  . MET A 1 108 ? -9.961  0.486   10.869  1.00 15.11 ? 108 MET A SD  1 
ATOM   813  C CE  . MET A 1 108 ? -8.562  0.878   11.926  1.00 14.52 ? 108 MET A CE  1 
ATOM   814  N N   . VAL A 1 109 ? -8.634  2.793   6.431   1.00 15.76 ? 109 VAL A N   1 
ATOM   815  C CA  . VAL A 1 109 ? -8.764  4.222   6.200   1.00 19.55 ? 109 VAL A CA  1 
ATOM   816  C C   . VAL A 1 109 ? -9.566  4.797   7.360   1.00 20.39 ? 109 VAL A C   1 
ATOM   817  O O   . VAL A 1 109 ? -10.665 4.329   7.651   1.00 21.51 ? 109 VAL A O   1 
ATOM   818  C CB  . VAL A 1 109 ? -9.476  4.513   4.858   1.00 22.34 ? 109 VAL A CB  1 
ATOM   819  C CG1 . VAL A 1 109 ? -9.632  6.012   4.633   1.00 21.24 ? 109 VAL A CG1 1 
ATOM   820  C CG2 . VAL A 1 109 ? -8.706  3.871   3.705   1.00 20.86 ? 109 VAL A CG2 1 
ATOM   821  N N   . LEU A 1 110 ? -8.996  5.784   8.045   1.00 19.50 ? 110 LEU A N   1 
ATOM   822  C CA  . LEU A 1 110 ? -9.727  6.515   9.077   1.00 21.12 ? 110 LEU A CA  1 
ATOM   823  C C   . LEU A 1 110 ? -9.922  7.943   8.593   1.00 22.02 ? 110 LEU A C   1 
ATOM   824  O O   . LEU A 1 110 ? -9.475  8.302   7.501   1.00 19.18 ? 110 LEU A O   1 
ATOM   825  C CB  . LEU A 1 110 ? -8.983  6.477   10.412  1.00 20.23 ? 110 LEU A CB  1 
ATOM   826  C CG  . LEU A 1 110 ? -8.711  5.101   11.014  1.00 22.41 ? 110 LEU A CG  1 
ATOM   827  C CD1 . LEU A 1 110 ? -7.821  5.252   12.241  1.00 24.40 ? 110 LEU A CD1 1 
ATOM   828  C CD2 . LEU A 1 110 ? -10.006 4.385   11.377  1.00 26.94 ? 110 LEU A CD2 1 
ATOM   829  N N   . LYS A 1 111 ? -10.619 8.733   9.403   1.00 26.49 ? 111 LYS A N   1 
ATOM   830  C CA  . LYS A 1 111 ? -10.941 10.128  9.099   1.00 32.25 ? 111 LYS A CA  1 
ATOM   831  C C   . LYS A 1 111 ? -9.705  10.959  8.790   1.00 25.50 ? 111 LYS A C   1 
ATOM   832  O O   . LYS A 1 111 ? -9.678  11.666  7.783   1.00 24.75 ? 111 LYS A O   1 
ATOM   833  C CB  . LYS A 1 111 ? -11.683 10.738  10.300  1.00 41.45 ? 111 LYS A CB  1 
ATOM   834  C CG  . LYS A 1 111 ? -12.122 12.190  10.154  1.00 63.59 ? 111 LYS A CG  1 
ATOM   835  C CD  . LYS A 1 111 ? -12.664 12.733  11.475  1.00 76.26 ? 111 LYS A CD  1 
ATOM   836  C CE  . LYS A 1 111 ? -12.341 14.210  11.659  1.00 72.45 ? 111 LYS A CE  1 
ATOM   837  N NZ  . LYS A 1 111 ? -12.867 15.050  10.548  1.00 58.47 ? 111 LYS A NZ  1 
ATOM   838  N N   . ASP A 1 112 ? -8.692  10.833  9.656   1.00 20.95 ? 112 ASP A N   1 
ATOM   839  C CA  A ASP A 1 112 ? -7.502  11.695  9.629   0.50 23.02 ? 112 ASP A CA  1 
ATOM   840  C CA  B ASP A 1 112 ? -7.502  11.690  9.638   0.50 21.48 ? 112 ASP A CA  1 
ATOM   841  C C   . ASP A 1 112 ? -6.222  11.000  9.159   1.00 20.77 ? 112 ASP A C   1 
ATOM   842  O O   . ASP A 1 112 ? -5.201  11.658  8.956   1.00 18.53 ? 112 ASP A O   1 
ATOM   843  C CB  A ASP A 1 112 ? -7.270  12.296  11.021  0.50 25.84 ? 112 ASP A CB  1 
ATOM   844  C CB  B ASP A 1 112 ? -7.271  12.295  11.034  0.50 21.84 ? 112 ASP A CB  1 
ATOM   845  C CG  A ASP A 1 112 ? -8.251  13.406  11.348  0.50 30.55 ? 112 ASP A CG  1 
ATOM   846  C CG  B ASP A 1 112 ? -7.060  11.242  12.119  0.50 23.36 ? 112 ASP A CG  1 
ATOM   847  O OD1 A ASP A 1 112 ? -9.036  13.800  10.457  0.50 25.63 ? 112 ASP A OD1 1 
ATOM   848  O OD1 B ASP A 1 112 ? -7.739  10.188  12.091  0.50 21.56 ? 112 ASP A OD1 1 
ATOM   849  O OD2 A ASP A 1 112 ? -8.226  13.890  12.501  0.50 39.39 ? 112 ASP A OD2 1 
ATOM   850  O OD2 B ASP A 1 112 ? -6.217  11.479  13.011  0.50 21.66 ? 112 ASP A OD2 1 
ATOM   851  N N   . LYS A 1 113 ? -6.268  9.682   8.970   1.00 21.81 ? 113 LYS A N   1 
ATOM   852  C CA  . LYS A 1 113 ? -5.065  8.916   8.619   1.00 19.38 ? 113 LYS A CA  1 
ATOM   853  C C   . LYS A 1 113 ? -5.374  7.498   8.139   1.00 15.92 ? 113 LYS A C   1 
ATOM   854  O O   . LYS A 1 113 ? -6.493  7.021   8.278   1.00 13.22 ? 113 LYS A O   1 
ATOM   855  C CB  . LYS A 1 113 ? -4.138  8.821   9.846   1.00 22.60 ? 113 LYS A CB  1 
ATOM   856  C CG  . LYS A 1 113 ? -4.825  8.319   11.102  1.00 26.06 ? 113 LYS A CG  1 
ATOM   857  C CD  . LYS A 1 113 ? -3.889  8.353   12.299  1.00 38.22 ? 113 LYS A CD  1 
ATOM   858  C CE  . LYS A 1 113 ? -4.652  8.340   13.618  1.00 48.50 ? 113 LYS A CE  1 
ATOM   859  N NZ  . LYS A 1 113 ? -4.817  9.696   14.211  1.00 54.03 ? 113 LYS A NZ  1 
ATOM   860  N N   . PHE A 1 114 ? -4.355  6.840   7.587   1.00 12.55 ? 114 PHE A N   1 
ATOM   861  C CA  . PHE A 1 114 ? -4.354  5.394   7.383   1.00 12.15 ? 114 PHE A CA  1 
ATOM   862  C C   . PHE A 1 114 ? -3.710  4.755   8.593   1.00 13.92 ? 114 PHE A C   1 
ATOM   863  O O   . PHE A 1 114 ? -2.749  5.305   9.143   1.00 17.88 ? 114 PHE A O   1 
ATOM   864  C CB  . PHE A 1 114 ? -3.538  4.987   6.160   1.00 11.05 ? 114 PHE A CB  1 
ATOM   865  C CG  . PHE A 1 114 ? -3.996  5.624   4.895   1.00 12.38 ? 114 PHE A CG  1 
ATOM   866  C CD1 . PHE A 1 114 ? -5.025  5.058   4.152   1.00 14.73 ? 114 PHE A CD1 1 
ATOM   867  C CD2 . PHE A 1 114 ? -3.405  6.784   4.436   1.00 11.32 ? 114 PHE A CD2 1 
ATOM   868  C CE1 . PHE A 1 114 ? -5.451  5.643   2.967   1.00 13.89 ? 114 PHE A CE1 1 
ATOM   869  C CE2 . PHE A 1 114 ? -3.836  7.378   3.259   1.00 13.04 ? 114 PHE A CE2 1 
ATOM   870  C CZ  . PHE A 1 114 ? -4.860  6.811   2.527   1.00 11.32 ? 114 PHE A CZ  1 
ATOM   871  N N   . GLN A 1 115 ? -4.247  3.605   8.998   1.00 12.56 ? 115 GLN A N   1 
ATOM   872  C CA  . GLN A 1 115 ? -3.624  2.727   9.971   1.00 12.00 ? 115 GLN A CA  1 
ATOM   873  C C   . GLN A 1 115 ? -3.299  1.438   9.237   1.00 11.29 ? 115 GLN A C   1 
ATOM   874  O O   . GLN A 1 115 ? -4.136  0.929   8.501   1.00 10.72 ? 115 GLN A O   1 
ATOM   875  C CB  . GLN A 1 115 ? -4.561  2.472   11.150  1.00 12.55 ? 115 GLN A CB  1 
ATOM   876  C CG  . GLN A 1 115 ? -3.965  1.558   12.239  1.00 15.82 ? 115 GLN A CG  1 
ATOM   877  C CD  . GLN A 1 115 ? -4.391  0.092   12.128  1.00 15.60 ? 115 GLN A CD  1 
ATOM   878  O OE1 . GLN A 1 115 ? -5.391  -0.251  11.482  1.00 18.10 ? 115 GLN A OE1 1 
ATOM   879  N NE2 . GLN A 1 115 ? -3.638  -0.773  12.764  1.00 15.86 ? 115 GLN A NE2 1 
ATOM   880  N N   . VAL A 1 116 ? -2.074  0.943   9.413   1.00 10.88 ? 116 VAL A N   1 
ATOM   881  C CA  . VAL A 1 116 ? -1.607  -0.263  8.755   1.00 12.84 ? 116 VAL A CA  1 
ATOM   882  C C   . VAL A 1 116 ? -1.193  -1.315  9.787   1.00 12.21 ? 116 VAL A C   1 
ATOM   883  O O   . VAL A 1 116 ? -0.430  -1.032  10.709  1.00 14.03 ? 116 VAL A O   1 
ATOM   884  C CB  . VAL A 1 116 ? -0.426  0.026   7.796   1.00 15.12 ? 116 VAL A CB  1 
ATOM   885  C CG1 . VAL A 1 116 ? -0.054  -1.231  7.020   1.00 19.41 ? 116 VAL A CG1 1 
ATOM   886  C CG2 . VAL A 1 116 ? -0.779  1.146   6.827   1.00 16.68 ? 116 VAL A CG2 1 
ATOM   887  N N   . ALA A 1 117 ? -1.710  -2.526  9.615   1.00 13.94 ? 117 ALA A N   1 
ATOM   888  C CA  . ALA A 1 117 ? -1.356  -3.677  10.445  1.00 15.43 ? 117 ALA A CA  1 
ATOM   889  C C   . ALA A 1 117 ? -0.787  -4.750  9.529   1.00 16.13 ? 117 ALA A C   1 
ATOM   890  O O   . ALA A 1 117 ? -1.290  -4.939  8.422   1.00 16.94 ? 117 ALA A O   1 
ATOM   891  C CB  . ALA A 1 117 ? -2.577  -4.193  11.178  1.00 16.84 ? 117 ALA A CB  1 
ATOM   892  N N   . VAL A 1 118 ? 0.280   -5.413  9.977   1.00 16.34 ? 118 VAL A N   1 
ATOM   893  C CA  . VAL A 1 118 ? 0.897   -6.520  9.234   1.00 18.65 ? 118 VAL A CA  1 
ATOM   894  C C   . VAL A 1 118 ? 0.858   -7.765  10.118  1.00 23.58 ? 118 VAL A C   1 
ATOM   895  O O   . VAL A 1 118 ? 1.288   -7.722  11.275  1.00 26.54 ? 118 VAL A O   1 
ATOM   896  C CB  . VAL A 1 118 ? 2.353   -6.219  8.824   1.00 17.83 ? 118 VAL A CB  1 
ATOM   897  C CG1 . VAL A 1 118 ? 2.902   -7.324  7.929   1.00 17.51 ? 118 VAL A CG1 1 
ATOM   898  C CG2 . VAL A 1 118 ? 2.444   -4.880  8.108   1.00 22.42 ? 118 VAL A CG2 1 
ATOM   899  N N   . ASN A 1 119 ? 0.325   -8.859  9.578   1.00 22.60 ? 119 ASN A N   1 
ATOM   900  C CA  . ASN A 1 119 ? 0.208   -10.133 10.297  1.00 29.45 ? 119 ASN A CA  1 
ATOM   901  C C   . ASN A 1 119 ? -0.476  -9.989  11.663  1.00 29.03 ? 119 ASN A C   1 
ATOM   902  O O   . ASN A 1 119 ? -0.007  -10.525 12.667  1.00 28.70 ? 119 ASN A O   1 
ATOM   903  C CB  . ASN A 1 119 ? 1.587   -10.803 10.431  1.00 28.60 ? 119 ASN A CB  1 
ATOM   904  C CG  . ASN A 1 119 ? 2.211   -11.116 9.086   1.00 31.41 ? 119 ASN A CG  1 
ATOM   905  O OD1 . ASN A 1 119 ? 1.519   -11.486 8.135   1.00 30.09 ? 119 ASN A OD1 1 
ATOM   906  N ND2 . ASN A 1 119 ? 3.525   -10.964 8.997   1.00 26.65 ? 119 ASN A ND2 1 
ATOM   907  N N   . GLY A 1 120 ? -1.582  -9.246  11.674  1.00 27.88 ? 120 GLY A N   1 
ATOM   908  C CA  . GLY A 1 120 ? -2.418  -9.090  12.857  1.00 23.71 ? 120 GLY A CA  1 
ATOM   909  C C   . GLY A 1 120 ? -1.919  -8.113  13.901  1.00 24.26 ? 120 GLY A C   1 
ATOM   910  O O   . GLY A 1 120 ? -2.540  -7.995  14.952  1.00 28.45 ? 120 GLY A O   1 
ATOM   911  N N   . LYS A 1 121 ? -0.832  -7.390  13.611  1.00 23.85 ? 121 LYS A N   1 
ATOM   912  C CA  . LYS A 1 121 ? -0.179  -6.509  14.583  1.00 24.78 ? 121 LYS A CA  1 
ATOM   913  C C   . LYS A 1 121 ? -0.058  -5.094  14.005  1.00 22.01 ? 121 LYS A C   1 
ATOM   914  O O   . LYS A 1 121 ? 0.453   -4.917  12.898  1.00 20.94 ? 121 LYS A O   1 
ATOM   915  C CB  . LYS A 1 121 ? 1.210   -7.055  14.917  1.00 34.92 ? 121 LYS A CB  1 
ATOM   916  C CG  . LYS A 1 121 ? 1.918   -6.366  16.082  1.00 55.98 ? 121 LYS A CG  1 
ATOM   917  C CD  . LYS A 1 121 ? 3.423   -6.226  15.863  1.00 62.45 ? 121 LYS A CD  1 
ATOM   918  C CE  . LYS A 1 121 ? 4.147   -7.569  15.829  1.00 68.29 ? 121 LYS A CE  1 
ATOM   919  N NZ  . LYS A 1 121 ? 4.113   -8.291  17.132  1.00 73.26 ? 121 LYS A NZ  1 
ATOM   920  N N   . HIS A 1 122 ? -0.507  -4.093  14.765  1.00 19.90 ? 122 HIS A N   1 
ATOM   921  C CA  . HIS A 1 122 ? -0.420  -2.680  14.352  1.00 19.87 ? 122 HIS A CA  1 
ATOM   922  C C   . HIS A 1 122 ? 1.021   -2.291  14.058  1.00 18.08 ? 122 HIS A C   1 
ATOM   923  O O   . HIS A 1 122 ? 1.905   -2.562  14.854  1.00 22.38 ? 122 HIS A O   1 
ATOM   924  C CB  . HIS A 1 122 ? -0.997  -1.753  15.432  1.00 19.62 ? 122 HIS A CB  1 
ATOM   925  C CG  . HIS A 1 122 ? -0.596  -0.323  15.281  1.00 19.56 ? 122 HIS A CG  1 
ATOM   926  N ND1 . HIS A 1 122 ? -1.149  0.512   14.333  1.00 19.19 ? 122 HIS A ND1 1 
ATOM   927  C CD2 . HIS A 1 122 ? 0.310   0.424   15.956  1.00 25.22 ? 122 HIS A CD2 1 
ATOM   928  C CE1 . HIS A 1 122 ? -0.597  1.707   14.426  1.00 20.93 ? 122 HIS A CE1 1 
ATOM   929  N NE2 . HIS A 1 122 ? 0.291   1.681   15.404  1.00 25.17 ? 122 HIS A NE2 1 
ATOM   930  N N   . THR A 1 123 ? 1.240   -1.648  12.917  1.00 20.37 ? 123 THR A N   1 
ATOM   931  C CA  . THR A 1 123 ? 2.585   -1.335  12.434  1.00 19.35 ? 123 THR A CA  1 
ATOM   932  C C   . THR A 1 123 ? 2.848   0.162   12.311  1.00 19.56 ? 123 THR A C   1 
ATOM   933  O O   . THR A 1 123 ? 3.908   0.627   12.735  1.00 16.99 ? 123 THR A O   1 
ATOM   934  C CB  . THR A 1 123 ? 2.825   -2.043  11.091  1.00 19.93 ? 123 THR A CB  1 
ATOM   935  O OG1 . THR A 1 123 ? 2.722   -3.459  11.299  1.00 24.03 ? 123 THR A OG1 1 
ATOM   936  C CG2 . THR A 1 123 ? 4.180   -1.709  10.513  1.00 21.79 ? 123 THR A CG2 1 
ATOM   937  N N   . LEU A 1 124 ? 1.914   0.914   11.722  1.00 17.82 ? 124 LEU A N   1 
ATOM   938  C CA  . LEU A 1 124 ? 2.097   2.364   11.569  1.00 16.82 ? 124 LEU A CA  1 
ATOM   939  C C   . LEU A 1 124 ? 0.818   3.136   11.269  1.00 16.04 ? 124 LEU A C   1 
ATOM   940  O O   . LEU A 1 124 ? -0.204  2.564   10.873  1.00 13.73 ? 124 LEU A O   1 
ATOM   941  C CB  . LEU A 1 124 ? 3.149   2.668   10.486  1.00 19.78 ? 124 LEU A CB  1 
ATOM   942  C CG  . LEU A 1 124 ? 2.863   2.254   9.032   1.00 17.86 ? 124 LEU A CG  1 
ATOM   943  C CD1 . LEU A 1 124 ? 2.075   3.321   8.267   1.00 17.43 ? 124 LEU A CD1 1 
ATOM   944  C CD2 . LEU A 1 124 ? 4.173   1.950   8.313   1.00 18.66 ? 124 LEU A CD2 1 
ATOM   945  N N   . LEU A 1 125 ? 0.898   4.446   11.486  1.00 17.76 ? 125 LEU A N   1 
ATOM   946  C CA  . LEU A 1 125 ? -0.138  5.400   11.120  1.00 18.63 ? 125 LEU A CA  1 
ATOM   947  C C   . LEU A 1 125 ? 0.466   6.344   10.097  1.00 19.94 ? 125 LEU A C   1 
ATOM   948  O O   . LEU A 1 125 ? 1.656   6.628   10.158  1.00 17.79 ? 125 LEU A O   1 
ATOM   949  C CB  . LEU A 1 125 ? -0.586  6.198   12.346  1.00 22.60 ? 125 LEU A CB  1 
ATOM   950  C CG  . LEU A 1 125 ? -1.176  5.384   13.502  1.00 27.44 ? 125 LEU A CG  1 
ATOM   951  C CD1 . LEU A 1 125 ? -1.409  6.262   14.725  1.00 32.00 ? 125 LEU A CD1 1 
ATOM   952  C CD2 . LEU A 1 125 ? -2.469  4.696   13.075  1.00 27.76 ? 125 LEU A CD2 1 
ATOM   953  N N   . TYR A 1 126 ? -0.337  6.809   9.141   1.00 18.55 ? 126 TYR A N   1 
ATOM   954  C CA  . TYR A 1 126 ? 0.130   7.781   8.165   1.00 16.06 ? 126 TYR A CA  1 
ATOM   955  C C   . TYR A 1 126 ? -0.966  8.805   7.936   1.00 17.47 ? 126 TYR A C   1 
ATOM   956  O O   . TYR A 1 126 ? -2.065  8.440   7.505   1.00 15.53 ? 126 TYR A O   1 
ATOM   957  C CB  . TYR A 1 126 ? 0.510   7.090   6.854   1.00 16.77 ? 126 TYR A CB  1 
ATOM   958  C CG  . TYR A 1 126 ? 1.158   8.013   5.845   1.00 15.72 ? 126 TYR A CG  1 
ATOM   959  C CD1 . TYR A 1 126 ? 2.507   8.343   5.944   1.00 18.65 ? 126 TYR A CD1 1 
ATOM   960  C CD2 . TYR A 1 126 ? 0.428   8.554   4.791   1.00 18.72 ? 126 TYR A CD2 1 
ATOM   961  C CE1 . TYR A 1 126 ? 3.116   9.185   5.023   1.00 15.86 ? 126 TYR A CE1 1 
ATOM   962  C CE2 . TYR A 1 126 ? 1.029   9.397   3.864   1.00 18.80 ? 126 TYR A CE2 1 
ATOM   963  C CZ  . TYR A 1 126 ? 2.375   9.711   3.994   1.00 16.32 ? 126 TYR A CZ  1 
ATOM   964  O OH  . TYR A 1 126 ? 2.980   10.537  3.087   1.00 17.22 ? 126 TYR A OH  1 
ATOM   965  N N   . GLY A 1 127 ? -0.664  10.078  8.220   1.00 18.61 ? 127 GLY A N   1 
ATOM   966  C CA  . GLY A 1 127 ? -1.655  11.155  8.146   1.00 15.19 ? 127 GLY A CA  1 
ATOM   967  C C   . GLY A 1 127 ? -1.960  11.505  6.707   1.00 17.08 ? 127 GLY A C   1 
ATOM   968  O O   . GLY A 1 127 ? -1.067  11.482  5.853   1.00 17.75 ? 127 GLY A O   1 
ATOM   969  N N   . HIS A 1 128 ? -3.219  11.814  6.423   1.00 17.37 ? 128 HIS A N   1 
ATOM   970  C CA  . HIS A 1 128 ? -3.610  12.183  5.065   1.00 19.84 ? 128 HIS A CA  1 
ATOM   971  C C   . HIS A 1 128 ? -2.916  13.474  4.655   1.00 19.46 ? 128 HIS A C   1 
ATOM   972  O O   . HIS A 1 128 ? -2.913  14.444  5.409   1.00 20.99 ? 128 HIS A O   1 
ATOM   973  C CB  . HIS A 1 128 ? -5.119  12.383  4.948   1.00 18.85 ? 128 HIS A CB  1 
ATOM   974  C CG  . HIS A 1 128 ? -5.917  11.141  5.174   1.00 18.14 ? 128 HIS A CG  1 
ATOM   975  N ND1 . HIS A 1 128 ? -5.654  9.956   4.520   1.00 19.72 ? 128 HIS A ND1 1 
ATOM   976  C CD2 . HIS A 1 128 ? -6.993  10.909  5.962   1.00 16.87 ? 128 HIS A CD2 1 
ATOM   977  C CE1 . HIS A 1 128 ? -6.527  9.042   4.908   1.00 24.56 ? 128 HIS A CE1 1 
ATOM   978  N NE2 . HIS A 1 128 ? -7.354  9.596   5.781   1.00 18.13 ? 128 HIS A NE2 1 
ATOM   979  N N   . ARG A 1 129 ? -2.294  13.450  3.479   1.00 21.05 ? 129 ARG A N   1 
ATOM   980  C CA  . ARG A 1 129 ? -1.753  14.646  2.829   1.00 19.29 ? 129 ARG A CA  1 
ATOM   981  C C   . ARG A 1 129 ? -2.628  15.101  1.653   1.00 22.83 ? 129 ARG A C   1 
ATOM   982  O O   . ARG A 1 129 ? -2.693  16.295  1.356   1.00 26.60 ? 129 ARG A O   1 
ATOM   983  C CB  . ARG A 1 129 ? -0.327  14.388  2.374   1.00 22.20 ? 129 ARG A CB  1 
ATOM   984  C CG  . ARG A 1 129 ? 0.606   14.002  3.516   1.00 22.15 ? 129 ARG A CG  1 
ATOM   985  C CD  . ARG A 1 129 ? 2.068   14.150  3.128   1.00 19.87 ? 129 ARG A CD  1 
ATOM   986  N NE  . ARG A 1 129 ? 2.931   13.530  4.126   1.00 18.89 ? 129 ARG A NE  1 
ATOM   987  C CZ  . ARG A 1 129 ? 4.221   13.220  3.959   1.00 18.22 ? 129 ARG A CZ  1 
ATOM   988  N NH1 . ARG A 1 129 ? 4.850   13.457  2.813   1.00 20.91 ? 129 ARG A NH1 1 
ATOM   989  N NH2 . ARG A 1 129 ? 4.888   12.635  4.954   1.00 22.24 ? 129 ARG A NH2 1 
ATOM   990  N N   . ILE A 1 130 ? -3.276  14.146  0.981   1.00 23.13 ? 130 ILE A N   1 
ATOM   991  C CA  . ILE A 1 130 ? -4.304  14.415  -0.024  1.00 23.61 ? 130 ILE A CA  1 
ATOM   992  C C   . ILE A 1 130 ? -5.587  13.822  0.533   1.00 21.76 ? 130 ILE A C   1 
ATOM   993  O O   . ILE A 1 130 ? -5.540  12.794  1.201   1.00 24.33 ? 130 ILE A O   1 
ATOM   994  C CB  . ILE A 1 130 ? -3.988  13.717  -1.372  1.00 25.78 ? 130 ILE A CB  1 
ATOM   995  C CG1 . ILE A 1 130 ? -2.559  14.023  -1.828  1.00 29.33 ? 130 ILE A CG1 1 
ATOM   996  C CG2 . ILE A 1 130 ? -4.990  14.125  -2.452  1.00 32.34 ? 130 ILE A CG2 1 
ATOM   997  C CD1 . ILE A 1 130 ? -2.127  13.257  -3.069  1.00 34.01 ? 130 ILE A CD1 1 
ATOM   998  N N   . GLY A 1 131 ? -6.725  14.463  0.268   1.00 21.17 ? 131 GLY A N   1 
ATOM   999  C CA  . GLY A 1 131 ? -8.029  13.939  0.688   1.00 24.11 ? 131 GLY A CA  1 
ATOM   1000 C C   . GLY A 1 131 ? -8.265  12.513  0.182   1.00 25.07 ? 131 GLY A C   1 
ATOM   1001 O O   . GLY A 1 131 ? -8.050  12.245  -1.003  1.00 26.92 ? 131 GLY A O   1 
ATOM   1002 N N   . PRO A 1 132 ? -8.687  11.581  1.070   1.00 29.62 ? 132 PRO A N   1 
ATOM   1003 C CA  . PRO A 1 132 ? -8.903  10.183  0.633   1.00 29.40 ? 132 PRO A CA  1 
ATOM   1004 C C   . PRO A 1 132 ? -9.946  9.987   -0.475  1.00 24.60 ? 132 PRO A C   1 
ATOM   1005 O O   . PRO A 1 132 ? -9.901  8.971   -1.165  1.00 33.51 ? 132 PRO A O   1 
ATOM   1006 C CB  . PRO A 1 132 ? -9.350  9.468   1.919   1.00 33.59 ? 132 PRO A CB  1 
ATOM   1007 C CG  . PRO A 1 132 ? -9.789  10.555  2.842   1.00 35.31 ? 132 PRO A CG  1 
ATOM   1008 C CD  . PRO A 1 132 ? -8.911  11.726  2.522   1.00 31.06 ? 132 PRO A CD  1 
ATOM   1009 N N   . GLU A 1 133 ? -10.866 10.938  -0.634  1.00 22.51 ? 133 GLU A N   1 
ATOM   1010 C CA  . GLU A 1 133 ? -11.849 10.924  -1.731  1.00 23.52 ? 133 GLU A CA  1 
ATOM   1011 C C   . GLU A 1 133 ? -11.278 11.010  -3.158  1.00 24.40 ? 133 GLU A C   1 
ATOM   1012 O O   . GLU A 1 133 ? -11.993 10.700  -4.115  1.00 18.09 ? 133 GLU A O   1 
ATOM   1013 C CB  . GLU A 1 133 ? -12.909 12.033  -1.546  1.00 26.95 ? 133 GLU A CB  1 
ATOM   1014 C CG  . GLU A 1 133 ? -12.467 13.476  -1.833  1.00 31.39 ? 133 GLU A CG  1 
ATOM   1015 C CD  . GLU A 1 133 ? -11.694 14.141  -0.700  1.00 39.16 ? 133 GLU A CD  1 
ATOM   1016 O OE1 . GLU A 1 133 ? -11.297 13.450  0.268   1.00 49.01 ? 133 GLU A OE1 1 
ATOM   1017 O OE2 . GLU A 1 133 ? -11.474 15.369  -0.785  1.00 45.08 ? 133 GLU A OE2 1 
ATOM   1018 N N   . LYS A 1 134 ? -10.031 11.475  -3.298  1.00 26.28 ? 134 LYS A N   1 
ATOM   1019 C CA  . LYS A 1 134 ? -9.349  11.554  -4.604  1.00 25.69 ? 134 LYS A CA  1 
ATOM   1020 C C   . LYS A 1 134 ? -8.724  10.221  -5.034  1.00 21.80 ? 134 LYS A C   1 
ATOM   1021 O O   . LYS A 1 134 ? -8.295  10.073  -6.182  1.00 19.37 ? 134 LYS A O   1 
ATOM   1022 C CB  . LYS A 1 134 ? -8.246  12.617  -4.570  1.00 31.09 ? 134 LYS A CB  1 
ATOM   1023 C CG  . LYS A 1 134 ? -8.696  14.025  -4.190  1.00 41.99 ? 134 LYS A CG  1 
ATOM   1024 C CD  . LYS A 1 134 ? -9.374  14.748  -5.344  1.00 61.64 ? 134 LYS A CD  1 
ATOM   1025 C CE  . LYS A 1 134 ? -9.620  16.217  -5.018  1.00 73.73 ? 134 LYS A CE  1 
ATOM   1026 N NZ  . LYS A 1 134 ? -10.630 16.402  -3.937  1.00 69.40 ? 134 LYS A NZ  1 
ATOM   1027 N N   . ILE A 1 135 ? -8.638  9.265   -4.111  1.00 18.96 ? 135 ILE A N   1 
ATOM   1028 C CA  . ILE A 1 135 ? -7.987  7.994   -4.374  1.00 16.81 ? 135 ILE A CA  1 
ATOM   1029 C C   . ILE A 1 135 ? -8.986  7.091   -5.093  1.00 16.19 ? 135 ILE A C   1 
ATOM   1030 O O   . ILE A 1 135 ? -10.097 6.875   -4.609  1.00 23.29 ? 135 ILE A O   1 
ATOM   1031 C CB  . ILE A 1 135 ? -7.487  7.339   -3.064  1.00 20.27 ? 135 ILE A CB  1 
ATOM   1032 C CG1 . ILE A 1 135 ? -6.425  8.233   -2.415  1.00 18.20 ? 135 ILE A CG1 1 
ATOM   1033 C CG2 . ILE A 1 135 ? -6.924  5.941   -3.325  1.00 23.05 ? 135 ILE A CG2 1 
ATOM   1034 C CD1 . ILE A 1 135 ? -6.030  7.831   -1.011  1.00 19.98 ? 135 ILE A CD1 1 
ATOM   1035 N N   . ASP A 1 136 ? -8.588  6.583   -6.255  1.00 16.20 ? 136 ASP A N   1 
ATOM   1036 C CA  . ASP A 1 136 ? -9.410  5.636   -7.014  1.00 15.45 ? 136 ASP A CA  1 
ATOM   1037 C C   . ASP A 1 136 ? -8.637  4.438   -7.594  1.00 15.10 ? 136 ASP A C   1 
ATOM   1038 O O   . ASP A 1 136 ? -9.220  3.629   -8.307  1.00 17.37 ? 136 ASP A O   1 
ATOM   1039 C CB  . ASP A 1 136 ? -10.143 6.382   -8.138  1.00 16.60 ? 136 ASP A CB  1 
ATOM   1040 C CG  . ASP A 1 136 ? -9.193  7.010   -9.163  1.00 19.50 ? 136 ASP A CG  1 
ATOM   1041 O OD1 . ASP A 1 136 ? -7.974  6.703   -9.168  1.00 17.12 ? 136 ASP A OD1 1 
ATOM   1042 O OD2 . ASP A 1 136 ? -9.680  7.821   -9.978  1.00 35.59 ? 136 ASP A OD2 1 
ATOM   1043 N N   . THR A 1 137 ? -7.350  4.306   -7.278  1.00 16.73 ? 137 THR A N   1 
ATOM   1044 C CA  . THR A 1 137 ? -6.482  3.348   -7.969  1.00 18.68 ? 137 THR A CA  1 
ATOM   1045 C C   . THR A 1 137 ? -5.478  2.730   -6.995  1.00 16.01 ? 137 THR A C   1 
ATOM   1046 O O   . THR A 1 137 ? -4.836  3.443   -6.223  1.00 14.68 ? 137 THR A O   1 
ATOM   1047 C CB  . THR A 1 137 ? -5.754  4.009   -9.166  1.00 20.33 ? 137 THR A CB  1 
ATOM   1048 O OG1 . THR A 1 137 ? -6.720  4.492   -10.120 1.00 20.50 ? 137 THR A OG1 1 
ATOM   1049 C CG2 . THR A 1 137 ? -4.806  3.025   -9.860  1.00 20.53 ? 137 THR A CG2 1 
ATOM   1050 N N   . LEU A 1 138 ? -5.387  1.397   -7.032  1.00 13.86 ? 138 LEU A N   1 
ATOM   1051 C CA  . LEU A 1 138 ? -4.437  0.638   -6.240  1.00 14.75 ? 138 LEU A CA  1 
ATOM   1052 C C   . LEU A 1 138 ? -3.375  0.107   -7.187  1.00 14.10 ? 138 LEU A C   1 
ATOM   1053 O O   . LEU A 1 138 ? -3.704  -0.530  -8.193  1.00 16.22 ? 138 LEU A O   1 
ATOM   1054 C CB  . LEU A 1 138 ? -5.133  -0.525  -5.533  1.00 16.03 ? 138 LEU A CB  1 
ATOM   1055 C CG  . LEU A 1 138 ? -4.250  -1.527  -4.796  1.00 17.33 ? 138 LEU A CG  1 
ATOM   1056 C CD1 . LEU A 1 138 ? -3.563  -0.860  -3.624  1.00 21.71 ? 138 LEU A CD1 1 
ATOM   1057 C CD2 . LEU A 1 138 ? -5.102  -2.689  -4.332  1.00 20.57 ? 138 LEU A CD2 1 
ATOM   1058 N N   . GLY A 1 139 ? -2.117  0.379   -6.851  1.00 11.29 ? 139 GLY A N   1 
ATOM   1059 C CA  . GLY A 1 139 ? -0.970  -0.061  -7.623  1.00 11.56 ? 139 GLY A CA  1 
ATOM   1060 C C   . GLY A 1 139 ? -0.001  -0.824  -6.744  1.00 12.83 ? 139 GLY A C   1 
ATOM   1061 O O   . GLY A 1 139 ? 0.339   -0.355  -5.658  1.00 14.42 ? 139 GLY A O   1 
ATOM   1062 N N   . ILE A 1 140 ? 0.427   -2.001  -7.208  1.00 12.16 ? 140 ILE A N   1 
ATOM   1063 C CA  . ILE A 1 140 ? 1.417   -2.826  -6.517  1.00 14.15 ? 140 ILE A CA  1 
ATOM   1064 C C   . ILE A 1 140 ? 2.597   -3.085  -7.472  1.00 15.89 ? 140 ILE A C   1 
ATOM   1065 O O   . ILE A 1 140 ? 2.406   -3.666  -8.534  1.00 16.95 ? 140 ILE A O   1 
ATOM   1066 C CB  . ILE A 1 140 ? 0.797   -4.156  -6.021  1.00 14.25 ? 140 ILE A CB  1 
ATOM   1067 C CG1 . ILE A 1 140 ? -0.356  -3.868  -5.046  1.00 14.49 ? 140 ILE A CG1 1 
ATOM   1068 C CG2 . ILE A 1 140 ? 1.850   -5.030  -5.345  1.00 14.22 ? 140 ILE A CG2 1 
ATOM   1069 C CD1 . ILE A 1 140 ? -1.308  -5.015  -4.841  1.00 17.72 ? 140 ILE A CD1 1 
ATOM   1070 N N   . TYR A 1 141 ? 3.800   -2.646  -7.082  1.00 16.56 ? 141 TYR A N   1 
ATOM   1071 C CA  . TYR A 1 141 ? 4.996   -2.710  -7.929  1.00 16.45 ? 141 TYR A CA  1 
ATOM   1072 C C   . TYR A 1 141 ? 6.167   -3.307  -7.165  1.00 15.17 ? 141 TYR A C   1 
ATOM   1073 O O   . TYR A 1 141 ? 6.221   -3.215  -5.943  1.00 17.90 ? 141 TYR A O   1 
ATOM   1074 C CB  . TYR A 1 141 ? 5.392   -1.304  -8.432  1.00 17.15 ? 141 TYR A CB  1 
ATOM   1075 C CG  . TYR A 1 141 ? 4.247   -0.462  -8.962  1.00 17.84 ? 141 TYR A CG  1 
ATOM   1076 C CD1 . TYR A 1 141 ? 3.517   0.369   -8.106  1.00 17.93 ? 141 TYR A CD1 1 
ATOM   1077 C CD2 . TYR A 1 141 ? 3.898   -0.479  -10.320 1.00 17.59 ? 141 TYR A CD2 1 
ATOM   1078 C CE1 . TYR A 1 141 ? 2.471   1.151   -8.576  1.00 16.44 ? 141 TYR A CE1 1 
ATOM   1079 C CE2 . TYR A 1 141 ? 2.843   0.299   -10.796 1.00 18.55 ? 141 TYR A CE2 1 
ATOM   1080 C CZ  . TYR A 1 141 ? 2.137   1.114   -9.914  1.00 18.00 ? 141 TYR A CZ  1 
ATOM   1081 O OH  . TYR A 1 141 ? 1.096   1.897   -10.357 1.00 18.78 ? 141 TYR A OH  1 
ATOM   1082 N N   . GLY A 1 142 ? 7.108   -3.898  -7.902  1.00 15.30 ? 142 GLY A N   1 
ATOM   1083 C CA  . GLY A 1 142 ? 8.367   -4.398  -7.344  1.00 19.34 ? 142 GLY A CA  1 
ATOM   1084 C C   . GLY A 1 142 ? 8.409   -5.901  -7.157  1.00 20.35 ? 142 GLY A C   1 
ATOM   1085 O O   . GLY A 1 142 ? 7.567   -6.619  -7.695  1.00 23.74 ? 142 GLY A O   1 
ATOM   1086 N N   . LYS A 1 143 ? 9.384   -6.363  -6.373  1.00 23.68 ? 143 LYS A N   1 
ATOM   1087 C CA  . LYS A 1 143 ? 9.604   -7.798  -6.124  1.00 27.61 ? 143 LYS A CA  1 
ATOM   1088 C C   . LYS A 1 143 ? 8.718   -8.348  -5.004  1.00 25.37 ? 143 LYS A C   1 
ATOM   1089 O O   . LYS A 1 143 ? 9.115   -8.411  -3.837  1.00 19.69 ? 143 LYS A O   1 
ATOM   1090 C CB  . LYS A 1 143 ? 11.083  -8.078  -5.826  1.00 33.65 ? 143 LYS A CB  1 
ATOM   1091 C CG  . LYS A 1 143 ? 12.000  -7.611  -6.942  1.00 46.05 ? 143 LYS A CG  1 
ATOM   1092 C CD  . LYS A 1 143 ? 13.340  -8.322  -6.926  1.00 62.42 ? 143 LYS A CD  1 
ATOM   1093 C CE  . LYS A 1 143 ? 14.177  -7.917  -8.130  1.00 71.12 ? 143 LYS A CE  1 
ATOM   1094 N NZ  . LYS A 1 143 ? 15.480  -8.633  -8.157  1.00 81.05 ? 143 LYS A NZ  1 
ATOM   1095 N N   . VAL A 1 144 ? 7.509   -8.754  -5.385  1.00 21.99 ? 144 VAL A N   1 
ATOM   1096 C CA  . VAL A 1 144 ? 6.551   -9.345  -4.459  1.00 19.94 ? 144 VAL A CA  1 
ATOM   1097 C C   . VAL A 1 144 ? 5.605   -10.272 -5.229  1.00 18.67 ? 144 VAL A C   1 
ATOM   1098 O O   . VAL A 1 144 ? 5.400   -10.100 -6.434  1.00 20.12 ? 144 VAL A O   1 
ATOM   1099 C CB  . VAL A 1 144 ? 5.780   -8.247  -3.678  1.00 19.38 ? 144 VAL A CB  1 
ATOM   1100 C CG1 . VAL A 1 144 ? 4.853   -7.460  -4.598  1.00 19.89 ? 144 VAL A CG1 1 
ATOM   1101 C CG2 . VAL A 1 144 ? 5.006   -8.841  -2.508  1.00 20.98 ? 144 VAL A CG2 1 
ATOM   1102 N N   . ASN A 1 145 ? 5.075   -11.271 -4.532  1.00 19.44 ? 145 ASN A N   1 
ATOM   1103 C CA  . ASN A 1 145 ? 4.062   -12.168 -5.070  1.00 23.45 ? 145 ASN A CA  1 
ATOM   1104 C C   . ASN A 1 145 ? 2.788   -11.964 -4.271  1.00 19.99 ? 145 ASN A C   1 
ATOM   1105 O O   . ASN A 1 145 ? 2.787   -12.144 -3.063  1.00 19.45 ? 145 ASN A O   1 
ATOM   1106 C CB  . ASN A 1 145 ? 4.512   -13.629 -4.966  1.00 25.60 ? 145 ASN A CB  1 
ATOM   1107 C CG  . ASN A 1 145 ? 5.640   -13.962 -5.926  1.00 36.24 ? 145 ASN A CG  1 
ATOM   1108 O OD1 . ASN A 1 145 ? 6.744   -14.309 -5.509  1.00 41.69 ? 145 ASN A OD1 1 
ATOM   1109 N ND2 . ASN A 1 145 ? 5.367   -13.845 -7.221  1.00 54.87 ? 145 ASN A ND2 1 
ATOM   1110 N N   . ILE A 1 146 ? 1.709   -11.605 -4.965  1.00 19.53 ? 146 ILE A N   1 
ATOM   1111 C CA  . ILE A 1 146 ? 0.424   -11.303 -4.352  1.00 16.92 ? 146 ILE A CA  1 
ATOM   1112 C C   . ILE A 1 146 ? -0.474  -12.510 -4.582  1.00 16.87 ? 146 ILE A C   1 
ATOM   1113 O O   . ILE A 1 146 ? -0.643  -12.964 -5.719  1.00 15.71 ? 146 ILE A O   1 
ATOM   1114 C CB  . ILE A 1 146 ? -0.181  -10.020 -4.977  1.00 17.56 ? 146 ILE A CB  1 
ATOM   1115 C CG1 . ILE A 1 146 ? 0.725   -8.809  -4.709  1.00 17.13 ? 146 ILE A CG1 1 
ATOM   1116 C CG2 . ILE A 1 146 ? -1.600  -9.767  -4.491  1.00 17.47 ? 146 ILE A CG2 1 
ATOM   1117 C CD1 . ILE A 1 146 ? 0.983   -8.495  -3.254  1.00 23.47 ? 146 ILE A CD1 1 
ATOM   1118 N N   . HIS A 1 147 ? -1.025  -13.042 -3.492  1.00 14.92 ? 147 HIS A N   1 
ATOM   1119 C CA  . HIS A 1 147 ? -1.977  -14.145 -3.558  1.00 15.46 ? 147 HIS A CA  1 
ATOM   1120 C C   . HIS A 1 147 ? -3.357  -13.582 -3.760  1.00 14.65 ? 147 HIS A C   1 
ATOM   1121 O O   . HIS A 1 147 ? -4.104  -14.081 -4.596  1.00 13.00 ? 147 HIS A O   1 
ATOM   1122 C CB  . HIS A 1 147 ? -1.969  -14.988 -2.276  1.00 16.50 ? 147 HIS A CB  1 
ATOM   1123 C CG  . HIS A 1 147 ? -0.608  -15.431 -1.864  1.00 13.28 ? 147 HIS A CG  1 
ATOM   1124 N ND1 . HIS A 1 147 ? -0.289  -15.774 -0.567  1.00 14.76 ? 147 HIS A ND1 1 
ATOM   1125 C CD2 . HIS A 1 147 ? 0.537   -15.532 -2.571  1.00 17.03 ? 147 HIS A CD2 1 
ATOM   1126 C CE1 . HIS A 1 147 ? 0.987   -16.099 -0.501  1.00 11.21 ? 147 HIS A CE1 1 
ATOM   1127 N NE2 . HIS A 1 147 ? 1.511   -15.958 -1.703  1.00 13.98 ? 147 HIS A NE2 1 
ATOM   1128 N N   . SER A 1 148 ? -3.706  -12.558 -2.976  1.00 13.09 ? 148 SER A N   1 
ATOM   1129 C CA  . SER A 1 148 ? -5.025  -11.946 -3.077  1.00 12.97 ? 148 SER A CA  1 
ATOM   1130 C C   . SER A 1 148 ? -5.069  -10.510 -2.589  1.00 14.24 ? 148 SER A C   1 
ATOM   1131 O O   . SER A 1 148 ? -4.284  -10.098 -1.729  1.00 16.55 ? 148 SER A O   1 
ATOM   1132 C CB  . SER A 1 148 ? -6.082  -12.772 -2.328  1.00 14.32 ? 148 SER A CB  1 
ATOM   1133 O OG  . SER A 1 148 ? -5.862  -12.763 -0.932  1.00 14.59 ? 148 SER A OG  1 
ATOM   1134 N N   . ILE A 1 149 ? -6.008  -9.769  -3.161  1.00 14.08 ? 149 ILE A N   1 
ATOM   1135 C CA  . ILE A 1 149 ? -6.331  -8.412  -2.756  1.00 15.70 ? 149 ILE A CA  1 
ATOM   1136 C C   . ILE A 1 149 ? -7.826  -8.390  -2.534  1.00 14.40 ? 149 ILE A C   1 
ATOM   1137 O O   . ILE A 1 149 ? -8.581  -8.840  -3.394  1.00 15.61 ? 149 ILE A O   1 
ATOM   1138 C CB  . ILE A 1 149 ? -5.990  -7.379  -3.852  1.00 17.50 ? 149 ILE A CB  1 
ATOM   1139 C CG1 . ILE A 1 149 ? -4.512  -7.493  -4.279  1.00 18.29 ? 149 ILE A CG1 1 
ATOM   1140 C CG2 . ILE A 1 149 ? -6.331  -5.966  -3.370  1.00 17.84 ? 149 ILE A CG2 1 
ATOM   1141 C CD1 . ILE A 1 149 ? -4.187  -6.797  -5.585  1.00 18.37 ? 149 ILE A CD1 1 
ATOM   1142 N N   . GLY A 1 150 ? -8.257  -7.867  -1.392  1.00 14.74 ? 150 GLY A N   1 
ATOM   1143 C CA  . GLY A 1 150 ? -9.674  -7.755  -1.094  1.00 12.87 ? 150 GLY A CA  1 
ATOM   1144 C C   . GLY A 1 150 ? -10.018 -6.448  -0.421  1.00 12.69 ? 150 GLY A C   1 
ATOM   1145 O O   . GLY A 1 150 ? -9.190  -5.857  0.255   1.00 11.97 ? 150 GLY A O   1 
ATOM   1146 N N   . PHE A 1 151 ? -11.268 -6.036  -0.582  1.00 13.22 ? 151 PHE A N   1 
ATOM   1147 C CA  . PHE A 1 151 ? -11.783 -4.807  -0.014  1.00 17.30 ? 151 PHE A CA  1 
ATOM   1148 C C   . PHE A 1 151 ? -12.952 -5.101  0.918   1.00 21.88 ? 151 PHE A C   1 
ATOM   1149 O O   . PHE A 1 151 ? -13.709 -6.055  0.722   1.00 19.92 ? 151 PHE A O   1 
ATOM   1150 C CB  . PHE A 1 151 ? -12.220 -3.867  -1.139  1.00 17.61 ? 151 PHE A CB  1 
ATOM   1151 C CG  . PHE A 1 151 ? -11.132 -3.583  -2.126  1.00 15.92 ? 151 PHE A CG  1 
ATOM   1152 C CD1 . PHE A 1 151 ? -10.925 -4.423  -3.216  1.00 18.37 ? 151 PHE A CD1 1 
ATOM   1153 C CD2 . PHE A 1 151 ? -10.293 -2.492  -1.955  1.00 15.19 ? 151 PHE A CD2 1 
ATOM   1154 C CE1 . PHE A 1 151 ? -9.902  -4.171  -4.116  1.00 18.56 ? 151 PHE A CE1 1 
ATOM   1155 C CE2 . PHE A 1 151 ? -9.279  -2.232  -2.854  1.00 15.15 ? 151 PHE A CE2 1 
ATOM   1156 C CZ  . PHE A 1 151 ? -9.080  -3.074  -3.932  1.00 16.74 ? 151 PHE A CZ  1 
ATOM   1157 N N   . SER A 1 152 ? -13.077 -4.277  1.944   1.00 21.54 ? 152 SER A N   1 
ATOM   1158 C CA  . SER A 1 152 ? -14.237 -4.284  2.814   1.00 18.59 ? 152 SER A CA  1 
ATOM   1159 C C   . SER A 1 152 ? -14.669 -2.828  2.925   1.00 21.07 ? 152 SER A C   1 
ATOM   1160 O O   . SER A 1 152 ? -13.962 -2.017  3.516   1.00 21.17 ? 152 SER A O   1 
ATOM   1161 C CB  . SER A 1 152 ? -13.856 -4.863  4.169   1.00 21.53 ? 152 SER A CB  1 
ATOM   1162 O OG  . SER A 1 152 ? -14.980 -4.969  5.014   1.00 31.82 ? 152 SER A OG  1 
ATOM   1163 N N   . PHE A 1 153 ? -15.800 -2.487  2.308   1.00 22.77 ? 153 PHE A N   1 
ATOM   1164 C CA  . PHE A 1 153 ? -16.286 -1.105  2.275   1.00 23.23 ? 153 PHE A CA  1 
ATOM   1165 C C   . PHE A 1 153 ? -17.300 -0.850  3.371   1.00 25.88 ? 153 PHE A C   1 
ATOM   1166 O O   . PHE A 1 153 ? -18.182 -1.670  3.601   1.00 31.02 ? 153 PHE A O   1 
ATOM   1167 C CB  . PHE A 1 153 ? -16.870 -0.777  0.911   1.00 27.16 ? 153 PHE A CB  1 
ATOM   1168 C CG  . PHE A 1 153 ? -15.845 -0.765  -0.181  1.00 24.24 ? 153 PHE A CG  1 
ATOM   1169 C CD1 . PHE A 1 153 ? -14.999 0.321   -0.337  1.00 23.91 ? 153 PHE A CD1 1 
ATOM   1170 C CD2 . PHE A 1 153 ? -15.698 -1.856  -1.028  1.00 23.49 ? 153 PHE A CD2 1 
ATOM   1171 C CE1 . PHE A 1 153 ? -14.038 0.336   -1.341  1.00 20.57 ? 153 PHE A CE1 1 
ATOM   1172 C CE2 . PHE A 1 153 ? -14.743 -1.848  -2.027  1.00 23.48 ? 153 PHE A CE2 1 
ATOM   1173 C CZ  . PHE A 1 153 ? -13.907 -0.753  -2.181  1.00 20.48 ? 153 PHE A CZ  1 
ATOM   1174 N N   . SER A 1 154 ? -17.159 0.293   4.039   1.00 36.76 ? 154 SER A N   1 
ATOM   1175 C CA  . SER A 1 154 ? -17.951 0.621   5.226   1.00 47.25 ? 154 SER A CA  1 
ATOM   1176 C C   . SER A 1 154 ? -19.362 1.070   4.840   1.00 50.16 ? 154 SER A C   1 
ATOM   1177 O O   . SER A 1 154 ? -20.229 0.239   4.552   1.00 51.22 ? 154 SER A O   1 
ATOM   1178 C CB  . SER A 1 154 ? -17.227 1.677   6.088   1.00 42.65 ? 154 SER A CB  1 
ATOM   1179 O OG  . SER A 1 154 ? -16.553 2.641   5.298   1.00 40.51 ? 154 SER A OG  1 
HETATM 1180 O O1  . 9QG B 2 .   ? 14.477  7.476   -3.118  1.00 52.02 ? 201 9QG A O1  1 
HETATM 1181 O O5  . 9QG B 2 .   ? 12.280  7.390   -2.343  1.00 33.00 ? 201 9QG A O5  1 
HETATM 1182 C C6  . 9QG B 2 .   ? 10.114  7.433   -1.328  1.00 27.27 ? 201 9QG A C6  1 
HETATM 1183 O O6  . 9QG B 2 .   ? 10.049  8.746   -0.789  1.00 20.56 ? 201 9QG A O6  1 
HETATM 1184 C C1  . 9QG B 2 .   ? 13.101  7.466   -3.515  1.00 46.92 ? 201 9QG A C1  1 
HETATM 1185 C C2  . 9QG B 2 .   ? 12.836  6.262   -4.427  1.00 46.33 ? 201 9QG A C2  1 
HETATM 1186 C C3  . 9QG B 2 .   ? 11.347  6.121   -4.781  1.00 38.12 ? 201 9QG A C3  1 
HETATM 1187 C C4  . 9QG B 2 .   ? 10.464  6.278   -3.528  1.00 38.23 ? 201 9QG A C4  1 
HETATM 1188 C C5  . 9QG B 2 .   ? 10.886  7.453   -2.640  1.00 32.27 ? 201 9QG A C5  1 
HETATM 1189 O O2  . 9QG B 2 .   ? 13.629  6.390   -5.615  1.00 44.77 ? 201 9QG A O2  1 
HETATM 1190 O O3  . 9QG B 2 .   ? 11.089  4.833   -5.367  1.00 47.14 ? 201 9QG A O3  1 
HETATM 1191 O O4  . 9QG B 2 .   ? 10.482  5.090   -2.713  1.00 31.10 ? 201 9QG A O4  1 
HETATM 1192 O OAR . 9QG B 2 .   ? 9.381   6.422   -7.712  1.00 38.79 ? 201 9QG A OAR 1 
HETATM 1193 C CAP . 9QG B 2 .   ? 9.402   5.311   -7.127  1.00 52.00 ? 201 9QG A CAP 1 
HETATM 1194 O OAQ . 9QG B 2 .   ? 8.351   4.679   -6.849  1.00 24.65 ? 201 9QG A OAQ 1 
HETATM 1195 C CAM . 9QG B 2 .   ? 10.731  4.692   -6.761  1.00 56.83 ? 201 9QG A CAM 1 
HETATM 1196 C CAN . 9QG B 2 .   ? 11.834  5.157   -7.715  1.00 55.63 ? 201 9QG A CAN 1 
HETATM 1197 C CAO . 9QG B 2 .   ? 14.989  8.784   -2.844  1.00 58.04 ? 201 9QG A CAO 1 
HETATM 1198 O O   . HOH C 3 .   ? 15.976  3.435   4.415   1.00 34.42 ? 301 HOH A O   1 
HETATM 1199 O O   . HOH C 3 .   ? -16.405 2.582   2.246   1.00 31.12 ? 302 HOH A O   1 
HETATM 1200 O O   . HOH C 3 .   ? -1.903  -16.144 1.472   1.00 37.01 ? 303 HOH A O   1 
HETATM 1201 O O   . HOH C 3 .   ? -0.301  7.757   -19.023 1.00 30.90 ? 304 HOH A O   1 
HETATM 1202 O O   . HOH C 3 .   ? 6.184   5.016   8.493   1.00 26.34 ? 305 HOH A O   1 
HETATM 1203 O O   . HOH C 3 .   ? 2.914   4.513   -8.464  1.00 31.13 ? 306 HOH A O   1 
HETATM 1204 O O   . HOH C 3 .   ? 14.358  7.009   -0.208  1.00 31.19 ? 307 HOH A O   1 
HETATM 1205 O O   . HOH C 3 .   ? -19.618 4.885   4.156   1.00 37.28 ? 308 HOH A O   1 
HETATM 1206 O O   . HOH C 3 .   ? -5.684  -2.301  9.736   1.00 13.26 ? 309 HOH A O   1 
HETATM 1207 O O   . HOH C 3 .   ? 9.460   -1.131  -5.085  1.00 34.13 ? 310 HOH A O   1 
HETATM 1208 O O   . HOH C 3 .   ? -2.131  11.284  1.806   1.00 22.69 ? 311 HOH A O   1 
HETATM 1209 O O   . HOH C 3 .   ? -2.749  -8.049  9.511   1.00 23.56 ? 312 HOH A O   1 
HETATM 1210 O O   . HOH C 3 .   ? 2.482   13.103  -9.225  1.00 32.70 ? 313 HOH A O   1 
HETATM 1211 O O   . HOH C 3 .   ? -4.929  10.085  1.869   1.00 15.92 ? 314 HOH A O   1 
HETATM 1212 O O   . HOH C 3 .   ? 11.360  -16.567 -1.317  1.00 47.70 ? 315 HOH A O   1 
HETATM 1213 O O   . HOH C 3 .   ? 4.214   6.847   9.085   1.00 14.31 ? 316 HOH A O   1 
HETATM 1214 O O   . HOH C 3 .   ? -1.554  -4.767  17.273  1.00 39.61 ? 317 HOH A O   1 
HETATM 1215 O O   . HOH C 3 .   ? -17.453 -1.065  -8.572  1.00 41.94 ? 318 HOH A O   1 
HETATM 1216 O O   . HOH C 3 .   ? -6.870  -10.580 0.509   1.00 20.87 ? 319 HOH A O   1 
HETATM 1217 O O   . HOH C 3 .   ? 1.611   10.616  9.793   1.00 16.42 ? 320 HOH A O   1 
HETATM 1218 O O   . HOH C 3 .   ? 0.380   -15.712 -6.341  1.00 35.43 ? 321 HOH A O   1 
HETATM 1219 O O   . HOH C 3 .   ? -10.026 10.714  -8.320  1.00 37.16 ? 322 HOH A O   1 
HETATM 1220 O O   . HOH C 3 .   ? -9.343  -1.993  -12.739 1.00 25.69 ? 323 HOH A O   1 
HETATM 1221 O O   . HOH C 3 .   ? 1.694   12.296  6.425   1.00 14.21 ? 324 HOH A O   1 
HETATM 1222 O O   . HOH C 3 .   ? -0.405  2.981   -15.186 1.00 26.70 ? 325 HOH A O   1 
HETATM 1223 O O   . HOH C 3 .   ? 2.644   -3.390  17.464  1.00 27.37 ? 326 HOH A O   1 
HETATM 1224 O O   . HOH C 3 .   ? -12.016 7.351   -2.570  1.00 35.69 ? 327 HOH A O   1 
HETATM 1225 O O   . HOH C 3 .   ? -4.482  -17.269 -11.373 1.00 13.47 ? 328 HOH A O   1 
HETATM 1226 O O   . HOH C 3 .   ? 1.351   -12.142 -7.818  1.00 24.19 ? 329 HOH A O   1 
HETATM 1227 O O   . HOH C 3 .   ? -2.868  12.547  -10.159 1.00 20.34 ? 330 HOH A O   1 
HETATM 1228 O O   . HOH C 3 .   ? -21.070 2.006   2.298   1.00 33.35 ? 331 HOH A O   1 
HETATM 1229 O O   . HOH C 3 .   ? 6.061   7.236   -14.859 1.00 41.15 ? 332 HOH A O   1 
HETATM 1230 O O   . HOH C 3 .   ? -13.869 13.056  1.525   1.00 44.47 ? 333 HOH A O   1 
HETATM 1231 O O   . HOH C 3 .   ? 5.987   4.098   12.761  1.00 34.07 ? 334 HOH A O   1 
HETATM 1232 O O   . HOH C 3 .   ? 17.590  -0.780  4.192   1.00 37.49 ? 335 HOH A O   1 
HETATM 1233 O O   . HOH C 3 .   ? 2.067   7.023   -9.820  1.00 19.70 ? 336 HOH A O   1 
HETATM 1234 O O   . HOH C 3 .   ? 10.840  -4.279  5.173   1.00 25.36 ? 337 HOH A O   1 
HETATM 1235 O O   . HOH C 3 .   ? 4.562   15.393  -2.070  1.00 43.47 ? 338 HOH A O   1 
HETATM 1236 O O   . HOH C 3 .   ? 3.869   -7.414  12.596  1.00 44.44 ? 339 HOH A O   1 
HETATM 1237 O O   . HOH C 3 .   ? -0.257  3.475   -12.415 1.00 31.17 ? 340 HOH A O   1 
HETATM 1238 O O   . HOH C 3 .   ? -2.064  10.176  15.111  1.00 37.68 ? 341 HOH A O   1 
HETATM 1239 O O   . HOH C 3 .   ? 12.040  -7.974  9.859   1.00 44.98 ? 342 HOH A O   1 
HETATM 1240 O O   . HOH C 3 .   ? -9.884  -3.810  -9.254  1.00 28.86 ? 343 HOH A O   1 
HETATM 1241 O O   . HOH C 3 .   ? 7.354   -9.161  -9.165  1.00 38.17 ? 344 HOH A O   1 
HETATM 1242 O O   . HOH C 3 .   ? -15.170 -2.353  6.600   1.00 43.14 ? 345 HOH A O   1 
HETATM 1243 O O   . HOH C 3 .   ? -3.730  -13.405 -13.250 1.00 34.75 ? 346 HOH A O   1 
HETATM 1244 O O   . HOH C 3 .   ? 5.479   -11.415 -9.089  1.00 35.75 ? 347 HOH A O   1 
HETATM 1245 O O   . HOH C 3 .   ? 11.233  8.742   -7.764  1.00 41.44 ? 348 HOH A O   1 
HETATM 1246 O O   . HOH C 3 .   ? 5.762   16.477  2.662   1.00 27.80 ? 349 HOH A O   1 
HETATM 1247 O O   . HOH C 3 .   ? -18.999 8.095   0.103   1.00 37.06 ? 350 HOH A O   1 
HETATM 1248 O O   . HOH C 3 .   ? -12.616 7.403   -9.737  1.00 31.45 ? 351 HOH A O   1 
HETATM 1249 O O   . HOH C 3 .   ? -4.590  -3.384  13.830  1.00 27.42 ? 352 HOH A O   1 
HETATM 1250 O O   . HOH C 3 .   ? 1.098   -14.063 -10.808 1.00 33.61 ? 353 HOH A O   1 
HETATM 1251 O O   . HOH C 3 .   ? -17.842 3.758   -0.195  1.00 46.73 ? 354 HOH A O   1 
HETATM 1252 O O   . HOH C 3 .   ? 15.391  -7.238  5.586   1.00 41.54 ? 355 HOH A O   1 
HETATM 1253 O O   . HOH C 3 .   ? -3.342  13.380  10.560  1.00 33.74 ? 356 HOH A O   1 
HETATM 1254 O O   . HOH C 3 .   ? -0.311  -14.799 3.409   1.00 38.01 ? 357 HOH A O   1 
HETATM 1255 O O   . HOH C 3 .   ? -3.282  17.855  -1.144  1.00 33.63 ? 358 HOH A O   1 
HETATM 1256 O O   . HOH C 3 .   ? 3.885   15.374  0.706   1.00 38.44 ? 359 HOH A O   1 
HETATM 1257 O O   . HOH C 3 .   ? -2.611  -4.594  -13.796 1.00 42.21 ? 360 HOH A O   1 
HETATM 1258 O O   . HOH C 3 .   ? 3.335   5.310   13.043  1.00 32.86 ? 361 HOH A O   1 
HETATM 1259 O O   . HOH C 3 .   ? -10.577 -15.703 -0.287  1.00 36.08 ? 362 HOH A O   1 
HETATM 1260 O O   . HOH C 3 .   ? -11.841 7.984   12.081  1.00 27.77 ? 363 HOH A O   1 
HETATM 1261 O O   . HOH C 3 .   ? -5.967  -11.418 -11.381 1.00 30.42 ? 364 HOH A O   1 
HETATM 1262 O O   . HOH C 3 .   ? -22.938 1.417   5.265   1.00 48.38 ? 365 HOH A O   1 
HETATM 1263 O O   . HOH C 3 .   ? -15.830 -8.052  -8.211  1.00 32.47 ? 366 HOH A O   1 
HETATM 1264 O O   . HOH C 3 .   ? 10.798  14.060  -6.147  1.00 22.29 ? 367 HOH A O   1 
HETATM 1265 O O   . HOH C 3 .   ? 1.668   4.406   15.643  1.00 34.70 ? 368 HOH A O   1 
HETATM 1266 O O   . HOH C 3 .   ? -21.368 -2.239  5.980   1.00 39.47 ? 369 HOH A O   1 
HETATM 1267 O O   . HOH C 3 .   ? 8.017   -16.644 0.473   1.00 36.73 ? 370 HOH A O   1 
HETATM 1268 O O   . HOH C 3 .   ? 7.134   -11.155 4.960   1.00 25.92 ? 371 HOH A O   1 
HETATM 1269 O O   . HOH C 3 .   ? -11.727 -5.357  -7.434  1.00 39.97 ? 372 HOH A O   1 
HETATM 1270 O O   . HOH C 3 .   ? 20.693  -7.641  2.937   1.00 37.73 ? 373 HOH A O   1 
HETATM 1271 O O   . HOH C 3 .   ? -4.142  10.357  -13.477 1.00 46.85 ? 374 HOH A O   1 
HETATM 1272 O O   . HOH C 3 .   ? 15.133  2.015   -2.817  1.00 27.29 ? 375 HOH A O   1 
HETATM 1273 O O   . HOH C 3 .   ? -9.317  11.543  14.438  1.00 31.47 ? 376 HOH A O   1 
HETATM 1274 O O   . HOH C 3 .   ? 1.449   5.857   -12.321 1.00 29.34 ? 377 HOH A O   1 
HETATM 1275 O O   . HOH C 3 .   ? 14.765  -10.136 5.261   1.00 31.36 ? 378 HOH A O   1 
HETATM 1276 O O   . HOH C 3 .   ? 19.804  -1.888  8.439   1.00 38.47 ? 379 HOH A O   1 
HETATM 1277 O O   . HOH C 3 .   ? 12.505  13.324  3.075   1.00 35.39 ? 380 HOH A O   1 
HETATM 1278 O O   . HOH C 3 .   ? -19.474 -5.637  -6.275  1.00 34.40 ? 381 HOH A O   1 
HETATM 1279 O O   . HOH C 3 .   ? 3.641   -11.541 -11.426 1.00 36.97 ? 382 HOH A O   1 
HETATM 1280 O O   . HOH C 3 .   ? -9.730  -12.684 -9.554  1.00 21.29 ? 383 HOH A O   1 
HETATM 1281 O O   . HOH C 3 .   ? 10.284  3.885   13.410  1.00 32.00 ? 384 HOH A O   1 
HETATM 1282 O O   . HOH C 3 .   ? 12.028  -4.128  -7.560  1.00 36.67 ? 385 HOH A O   1 
HETATM 1283 O O   . HOH C 3 .   ? 7.255   -5.239  13.659  1.00 32.60 ? 386 HOH A O   1 
HETATM 1284 O O   . HOH C 3 .   ? 7.035   -3.606  -11.205 1.00 22.63 ? 387 HOH A O   1 
HETATM 1285 O O   . HOH C 3 .   ? -3.088  2.733   -17.061 1.00 36.30 ? 388 HOH A O   1 
HETATM 1286 O O   . HOH C 3 .   ? -6.240  17.238  -1.559  1.00 19.71 ? 389 HOH A O   1 
HETATM 1287 O O   . HOH C 3 .   ? -14.002 -7.647  6.801   1.00 29.27 ? 390 HOH A O   1 
HETATM 1288 O O   . HOH C 3 .   ? -6.128  -15.583 0.975   1.00 34.26 ? 391 HOH A O   1 
HETATM 1289 O O   . HOH C 3 .   ? -16.131 -10.281 -6.156  1.00 45.43 ? 392 HOH A O   1 
HETATM 1290 O O   . HOH C 3 .   ? -20.399 -7.810  1.685   1.00 33.09 ? 393 HOH A O   1 
HETATM 1291 O O   . HOH C 3 .   ? 8.468   -0.326  17.750  1.00 38.24 ? 394 HOH A O   1 
HETATM 1292 O O   . HOH C 3 .   ? -13.800 -13.443 -6.265  1.00 33.00 ? 395 HOH A O   1 
HETATM 1293 O O   . HOH C 3 .   ? -4.871  8.370   -17.238 1.00 30.23 ? 396 HOH A O   1 
HETATM 1294 O O   . HOH C 3 .   ? 4.742   3.351   -10.386 1.00 28.68 ? 397 HOH A O   1 
HETATM 1295 O O   . HOH C 3 .   ? 22.411  -5.679  2.285   1.00 30.98 ? 398 HOH A O   1 
HETATM 1296 O O   . HOH C 3 .   ? 12.157  -17.657 10.978  1.00 33.56 ? 399 HOH A O   1 
HETATM 1297 O O   . HOH C 3 .   ? 8.571   10.595  -10.318 1.00 26.76 ? 400 HOH A O   1 
HETATM 1298 O O   . HOH C 3 .   ? 4.215   5.215   -13.009 1.00 33.62 ? 401 HOH A O   1 
HETATM 1299 O O   . HOH C 3 .   ? 10.806  -12.274 -7.943  1.00 30.48 ? 402 HOH A O   1 
HETATM 1300 O O   . HOH C 3 .   ? -2.883  -12.438 14.426  1.00 35.64 ? 403 HOH A O   1 
HETATM 1301 O O   . HOH C 3 .   ? 16.603  8.629   0.351   1.00 41.55 ? 404 HOH A O   1 
HETATM 1302 O O   . HOH C 3 .   ? 10.431  6.490   14.915  1.00 33.87 ? 405 HOH A O   1 
HETATM 1303 O O   . HOH C 3 .   ? 14.653  -6.925  -12.425 1.00 31.84 ? 406 HOH A O   1 
HETATM 1304 O O   . HOH C 3 .   ? 7.518   -11.248 -14.136 1.00 41.61 ? 407 HOH A O   1 
HETATM 1305 O O   . HOH C 3 .   ? 15.021  -11.723 11.607  1.00 34.99 ? 408 HOH A O   1 
HETATM 1306 O O   . HOH C 3 .   ? 2.150   17.707  1.349   1.00 28.00 ? 409 HOH A O   1 
HETATM 1307 O O   . HOH C 3 .   ? 0.336   -1.613  19.792  1.00 36.06 ? 410 HOH A O   1 
HETATM 1308 O O   . HOH C 3 .   ? -2.553  -12.746 -16.477 1.00 38.01 ? 411 HOH A O   1 
HETATM 1309 O O   . HOH C 3 .   ? 3.626   -14.293 -12.616 1.00 36.48 ? 412 HOH A O   1 
# 
